data_5YR0
# 
_entry.id   5YR0 
# 
_audit_conform.dict_name       mmcif_pdbx.dic 
_audit_conform.dict_version    5.387 
_audit_conform.dict_location   http://mmcif.pdb.org/dictionaries/ascii/mmcif_pdbx.dic 
# 
loop_
_database_2.database_id 
_database_2.database_code 
_database_2.pdbx_database_accession 
_database_2.pdbx_DOI 
PDB   5YR0         pdb_00005yr0 10.2210/pdb5yr0/pdb 
WWPDB D_1300005762 ?            ?                   
# 
loop_
_pdbx_audit_revision_history.ordinal 
_pdbx_audit_revision_history.data_content_type 
_pdbx_audit_revision_history.major_revision 
_pdbx_audit_revision_history.minor_revision 
_pdbx_audit_revision_history.revision_date 
1 'Structure model' 1 0 2018-06-13 
2 'Structure model' 1 1 2018-06-20 
3 'Structure model' 1 2 2018-07-04 
4 'Structure model' 1 3 2024-03-27 
# 
_pdbx_audit_revision_details.ordinal             1 
_pdbx_audit_revision_details.revision_ordinal    1 
_pdbx_audit_revision_details.data_content_type   'Structure model' 
_pdbx_audit_revision_details.provider            repository 
_pdbx_audit_revision_details.type                'Initial release' 
_pdbx_audit_revision_details.description         ? 
_pdbx_audit_revision_details.details             ? 
# 
loop_
_pdbx_audit_revision_group.ordinal 
_pdbx_audit_revision_group.revision_ordinal 
_pdbx_audit_revision_group.data_content_type 
_pdbx_audit_revision_group.group 
1 2 'Structure model' 'Data collection'     
2 2 'Structure model' 'Database references' 
3 3 'Structure model' 'Data collection'     
4 3 'Structure model' 'Database references' 
5 4 'Structure model' 'Data collection'     
6 4 'Structure model' 'Database references' 
# 
loop_
_pdbx_audit_revision_category.ordinal 
_pdbx_audit_revision_category.revision_ordinal 
_pdbx_audit_revision_category.data_content_type 
_pdbx_audit_revision_category.category 
1 2 'Structure model' citation        
2 2 'Structure model' citation_author 
3 3 'Structure model' citation        
4 4 'Structure model' chem_comp_atom  
5 4 'Structure model' chem_comp_bond  
6 4 'Structure model' database_2      
# 
loop_
_pdbx_audit_revision_item.ordinal 
_pdbx_audit_revision_item.revision_ordinal 
_pdbx_audit_revision_item.data_content_type 
_pdbx_audit_revision_item.item 
1 2 'Structure model' '_citation.journal_abbrev'            
2 2 'Structure model' '_citation.pdbx_database_id_PubMed'   
3 2 'Structure model' '_citation.title'                     
4 2 'Structure model' '_citation_author.name'               
5 3 'Structure model' '_citation.journal_volume'            
6 3 'Structure model' '_citation.page_first'                
7 3 'Structure model' '_citation.page_last'                 
8 4 'Structure model' '_database_2.pdbx_DOI'                
9 4 'Structure model' '_database_2.pdbx_database_accession' 
# 
_pdbx_database_status.status_code                     REL 
_pdbx_database_status.status_code_sf                  REL 
_pdbx_database_status.status_code_mr                  ? 
_pdbx_database_status.entry_id                        5YR0 
_pdbx_database_status.recvd_initial_deposition_date   2017-11-08 
_pdbx_database_status.SG_entry                        N 
_pdbx_database_status.deposit_site                    PDBJ 
_pdbx_database_status.process_site                    PDBJ 
_pdbx_database_status.status_code_cs                  ? 
_pdbx_database_status.methods_development_category    ? 
_pdbx_database_status.pdb_format_compatible           Y 
_pdbx_database_status.status_code_nmr_data            ? 
# 
loop_
_audit_author.name 
_audit_author.pdbx_ordinal 
_audit_author.identifier_ORCID 
'Pan, X.'  1 ? 
'Zhao, Y.' 2 ? 
'He, Y.'   3 ? 
# 
_citation.abstract                  ? 
_citation.abstract_id_CAS           ? 
_citation.book_id_ISBN              ? 
_citation.book_publisher            ? 
_citation.book_publisher_city       ? 
_citation.book_title                ? 
_citation.coordinate_linkage        ? 
_citation.country                   US 
_citation.database_id_Medline       ? 
_citation.details                   ? 
_citation.id                        primary 
_citation.journal_abbrev            'Proc. Natl. Acad. Sci. U.S.A.' 
_citation.journal_id_ASTM           PNASA6 
_citation.journal_id_CSD            0040 
_citation.journal_id_ISSN           1091-6490 
_citation.journal_full              ? 
_citation.journal_issue             ? 
_citation.journal_volume            115 
_citation.language                  ? 
_citation.page_first                E5669 
_citation.page_last                 E5678 
_citation.title                     
;Targeting the potent Beclin 1-UVRAG coiled-coil interaction with designed peptides enhances autophagy and endolysosomal trafficking.
;
_citation.year                      2018 
_citation.database_id_CSD           ? 
_citation.pdbx_database_id_DOI      10.1073/pnas.1721173115 
_citation.pdbx_database_id_PubMed   29866835 
_citation.unpublished_flag          ? 
# 
loop_
_citation_author.citation_id 
_citation_author.name 
_citation_author.ordinal 
_citation_author.identifier_ORCID 
primary 'Wu, S.'     1  ? 
primary 'He, Y.'     2  ? 
primary 'Qiu, X.'    3  ? 
primary 'Yang, W.'   4  ? 
primary 'Liu, W.'    5  ? 
primary 'Li, X.'     6  ? 
primary 'Li, Y.'     7  ? 
primary 'Shen, H.M.' 8  ? 
primary 'Wang, R.'   9  ? 
primary 'Yue, Z.'    10 ? 
primary 'Zhao, Y.'   11 ? 
# 
loop_
_entity.id 
_entity.type 
_entity.src_method 
_entity.pdbx_description 
_entity.formula_weight 
_entity.pdbx_number_of_molecules 
_entity.pdbx_ec 
_entity.pdbx_mutation 
_entity.pdbx_fragment 
_entity.details 
1 polymer man Beclin-1                                     5971.546 1   ? ?     ? ? 
2 polymer man 'UV radiation resistance associated protein' 5617.569 1   ? C238S ? ? 
3 water   nat water                                        18.015   164 ? ?     ? ? 
# 
_entity_name_com.entity_id   1 
_entity_name_com.name        'Coiled-coil myosin-like BCL2-interacting protein' 
# 
loop_
_entity_poly.entity_id 
_entity_poly.type 
_entity_poly.nstd_linkage 
_entity_poly.nstd_monomer 
_entity_poly.pdbx_seq_one_letter_code 
_entity_poly.pdbx_seq_one_letter_code_can 
_entity_poly.pdbx_strand_id 
_entity_poly.pdbx_target_identifier 
1 'polypeptide(L)' no no DSEQLQRELKELALEEERLIQELEDVEKNRKVVAENLEKVQAEAERLDQE DSEQLQRELKELALEEERLIQELEDVEKNRKVVAENLEKVQAEAERLDQE A ? 
2 'polypeptide(L)' no no TSNELKKESESLRLKILVLRNELERQKKALGREVAFLHKQQMALQDKG   TSNELKKESESLRLKILVLRNELERQKKALGREVAFLHKQQMALQDKG   B ? 
# 
_pdbx_entity_nonpoly.entity_id   3 
_pdbx_entity_nonpoly.name        water 
_pdbx_entity_nonpoly.comp_id     HOH 
# 
loop_
_entity_poly_seq.entity_id 
_entity_poly_seq.num 
_entity_poly_seq.mon_id 
_entity_poly_seq.hetero 
1 1  ASP n 
1 2  SER n 
1 3  GLU n 
1 4  GLN n 
1 5  LEU n 
1 6  GLN n 
1 7  ARG n 
1 8  GLU n 
1 9  LEU n 
1 10 LYS n 
1 11 GLU n 
1 12 LEU n 
1 13 ALA n 
1 14 LEU n 
1 15 GLU n 
1 16 GLU n 
1 17 GLU n 
1 18 ARG n 
1 19 LEU n 
1 20 ILE n 
1 21 GLN n 
1 22 GLU n 
1 23 LEU n 
1 24 GLU n 
1 25 ASP n 
1 26 VAL n 
1 27 GLU n 
1 28 LYS n 
1 29 ASN n 
1 30 ARG n 
1 31 LYS n 
1 32 VAL n 
1 33 VAL n 
1 34 ALA n 
1 35 GLU n 
1 36 ASN n 
1 37 LEU n 
1 38 GLU n 
1 39 LYS n 
1 40 VAL n 
1 41 GLN n 
1 42 ALA n 
1 43 GLU n 
1 44 ALA n 
1 45 GLU n 
1 46 ARG n 
1 47 LEU n 
1 48 ASP n 
1 49 GLN n 
1 50 GLU n 
2 1  THR n 
2 2  SER n 
2 3  ASN n 
2 4  GLU n 
2 5  LEU n 
2 6  LYS n 
2 7  LYS n 
2 8  GLU n 
2 9  SER n 
2 10 GLU n 
2 11 SER n 
2 12 LEU n 
2 13 ARG n 
2 14 LEU n 
2 15 LYS n 
2 16 ILE n 
2 17 LEU n 
2 18 VAL n 
2 19 LEU n 
2 20 ARG n 
2 21 ASN n 
2 22 GLU n 
2 23 LEU n 
2 24 GLU n 
2 25 ARG n 
2 26 GLN n 
2 27 LYS n 
2 28 LYS n 
2 29 ALA n 
2 30 LEU n 
2 31 GLY n 
2 32 ARG n 
2 33 GLU n 
2 34 VAL n 
2 35 ALA n 
2 36 PHE n 
2 37 LEU n 
2 38 HIS n 
2 39 LYS n 
2 40 GLN n 
2 41 GLN n 
2 42 MET n 
2 43 ALA n 
2 44 LEU n 
2 45 GLN n 
2 46 ASP n 
2 47 LYS n 
2 48 GLY n 
# 
loop_
_entity_src_gen.entity_id 
_entity_src_gen.pdbx_src_id 
_entity_src_gen.pdbx_alt_source_flag 
_entity_src_gen.pdbx_seq_type 
_entity_src_gen.pdbx_beg_seq_num 
_entity_src_gen.pdbx_end_seq_num 
_entity_src_gen.gene_src_common_name 
_entity_src_gen.gene_src_genus 
_entity_src_gen.pdbx_gene_src_gene 
_entity_src_gen.gene_src_species 
_entity_src_gen.gene_src_strain 
_entity_src_gen.gene_src_tissue 
_entity_src_gen.gene_src_tissue_fraction 
_entity_src_gen.gene_src_details 
_entity_src_gen.pdbx_gene_src_fragment 
_entity_src_gen.pdbx_gene_src_scientific_name 
_entity_src_gen.pdbx_gene_src_ncbi_taxonomy_id 
_entity_src_gen.pdbx_gene_src_variant 
_entity_src_gen.pdbx_gene_src_cell_line 
_entity_src_gen.pdbx_gene_src_atcc 
_entity_src_gen.pdbx_gene_src_organ 
_entity_src_gen.pdbx_gene_src_organelle 
_entity_src_gen.pdbx_gene_src_cell 
_entity_src_gen.pdbx_gene_src_cellular_location 
_entity_src_gen.host_org_common_name 
_entity_src_gen.pdbx_host_org_scientific_name 
_entity_src_gen.pdbx_host_org_ncbi_taxonomy_id 
_entity_src_gen.host_org_genus 
_entity_src_gen.pdbx_host_org_gene 
_entity_src_gen.pdbx_host_org_organ 
_entity_src_gen.host_org_species 
_entity_src_gen.pdbx_host_org_tissue 
_entity_src_gen.pdbx_host_org_tissue_fraction 
_entity_src_gen.pdbx_host_org_strain 
_entity_src_gen.pdbx_host_org_variant 
_entity_src_gen.pdbx_host_org_cell_line 
_entity_src_gen.pdbx_host_org_atcc 
_entity_src_gen.pdbx_host_org_culture_collection 
_entity_src_gen.pdbx_host_org_cell 
_entity_src_gen.pdbx_host_org_organelle 
_entity_src_gen.pdbx_host_org_cellular_location 
_entity_src_gen.pdbx_host_org_vector_type 
_entity_src_gen.pdbx_host_org_vector 
_entity_src_gen.host_org_details 
_entity_src_gen.expression_system_id 
_entity_src_gen.plasmid_name 
_entity_src_gen.plasmid_details 
_entity_src_gen.pdbx_description 
1 1 sample 'Biological sequence' 1 50 Mouse ? Becn1           ? ? ? ? ? ? 'Mus musculus' 10090 ? ? ? ? ? ? ? ? 
;Escherichia coli 'BL21-Gold(DE3)pLysS AG'
;
866768 ? ? ? ? ? ? 'BL21-Gold(DE3)pLysS AG' ? ? ? ? ? ? ? ? ? ? ? ? ? ? 
2 1 sample 'Biological sequence' 1 48 Mouse ? 'Uvrag, Uvrag1' ? ? ? ? ? ? 'Mus musculus' 10090 ? ? ? ? ? ? ? ? 
;Escherichia coli 'BL21-Gold(DE3)pLysS AG'
;
866768 ? ? ? ? ? ? 'BL21-Gold(DE3)pLysS AG' ? ? ? ? ? ? ? ? ? ? ? ? ? ? 
# 
loop_
_chem_comp.id 
_chem_comp.type 
_chem_comp.mon_nstd_flag 
_chem_comp.name 
_chem_comp.pdbx_synonyms 
_chem_comp.formula 
_chem_comp.formula_weight 
ALA 'L-peptide linking' y ALANINE         ? 'C3 H7 N O2'     89.093  
ARG 'L-peptide linking' y ARGININE        ? 'C6 H15 N4 O2 1' 175.209 
ASN 'L-peptide linking' y ASPARAGINE      ? 'C4 H8 N2 O3'    132.118 
ASP 'L-peptide linking' y 'ASPARTIC ACID' ? 'C4 H7 N O4'     133.103 
CYS 'L-peptide linking' y CYSTEINE        ? 'C3 H7 N O2 S'   121.158 
GLN 'L-peptide linking' y GLUTAMINE       ? 'C5 H10 N2 O3'   146.144 
GLU 'L-peptide linking' y 'GLUTAMIC ACID' ? 'C5 H9 N O4'     147.129 
GLY 'peptide linking'   y GLYCINE         ? 'C2 H5 N O2'     75.067  
HIS 'L-peptide linking' y HISTIDINE       ? 'C6 H10 N3 O2 1' 156.162 
HOH non-polymer         . WATER           ? 'H2 O'           18.015  
ILE 'L-peptide linking' y ISOLEUCINE      ? 'C6 H13 N O2'    131.173 
LEU 'L-peptide linking' y LEUCINE         ? 'C6 H13 N O2'    131.173 
LYS 'L-peptide linking' y LYSINE          ? 'C6 H15 N2 O2 1' 147.195 
MET 'L-peptide linking' y METHIONINE      ? 'C5 H11 N O2 S'  149.211 
PHE 'L-peptide linking' y PHENYLALANINE   ? 'C9 H11 N O2'    165.189 
SER 'L-peptide linking' y SERINE          ? 'C3 H7 N O3'     105.093 
THR 'L-peptide linking' y THREONINE       ? 'C4 H9 N O3'     119.119 
VAL 'L-peptide linking' y VALINE          ? 'C5 H11 N O2'    117.146 
# 
loop_
_pdbx_poly_seq_scheme.asym_id 
_pdbx_poly_seq_scheme.entity_id 
_pdbx_poly_seq_scheme.seq_id 
_pdbx_poly_seq_scheme.mon_id 
_pdbx_poly_seq_scheme.ndb_seq_num 
_pdbx_poly_seq_scheme.pdb_seq_num 
_pdbx_poly_seq_scheme.auth_seq_num 
_pdbx_poly_seq_scheme.pdb_mon_id 
_pdbx_poly_seq_scheme.auth_mon_id 
_pdbx_poly_seq_scheme.pdb_strand_id 
_pdbx_poly_seq_scheme.pdb_ins_code 
_pdbx_poly_seq_scheme.hetero 
A 1 1  ASP 1  174 ?   ?   ?   A . n 
A 1 2  SER 2  175 175 SER SER A . n 
A 1 3  GLU 3  176 176 GLU GLU A . n 
A 1 4  GLN 4  177 177 GLN GLN A . n 
A 1 5  LEU 5  178 178 LEU LEU A . n 
A 1 6  GLN 6  179 179 GLN GLN A . n 
A 1 7  ARG 7  180 180 ARG ARG A . n 
A 1 8  GLU 8  181 181 GLU GLU A . n 
A 1 9  LEU 9  182 182 LEU LEU A . n 
A 1 10 LYS 10 183 183 LYS LYS A . n 
A 1 11 GLU 11 184 184 GLU GLU A . n 
A 1 12 LEU 12 185 185 LEU LEU A . n 
A 1 13 ALA 13 186 186 ALA ALA A . n 
A 1 14 LEU 14 187 187 LEU LEU A . n 
A 1 15 GLU 15 188 188 GLU GLU A . n 
A 1 16 GLU 16 189 189 GLU GLU A . n 
A 1 17 GLU 17 190 190 GLU GLU A . n 
A 1 18 ARG 18 191 191 ARG ARG A . n 
A 1 19 LEU 19 192 192 LEU LEU A . n 
A 1 20 ILE 20 193 193 ILE ILE A . n 
A 1 21 GLN 21 194 194 GLN GLN A . n 
A 1 22 GLU 22 195 195 GLU GLU A . n 
A 1 23 LEU 23 196 196 LEU LEU A . n 
A 1 24 GLU 24 197 197 GLU GLU A . n 
A 1 25 ASP 25 198 198 ASP ASP A . n 
A 1 26 VAL 26 199 199 VAL VAL A . n 
A 1 27 GLU 27 200 200 GLU GLU A . n 
A 1 28 LYS 28 201 201 LYS LYS A . n 
A 1 29 ASN 29 202 202 ASN ASN A . n 
A 1 30 ARG 30 203 203 ARG ARG A . n 
A 1 31 LYS 31 204 204 LYS LYS A . n 
A 1 32 VAL 32 205 205 VAL VAL A . n 
A 1 33 VAL 33 206 206 VAL VAL A . n 
A 1 34 ALA 34 207 207 ALA ALA A . n 
A 1 35 GLU 35 208 208 GLU GLU A . n 
A 1 36 ASN 36 209 209 ASN ASN A . n 
A 1 37 LEU 37 210 210 LEU LEU A . n 
A 1 38 GLU 38 211 211 GLU GLU A . n 
A 1 39 LYS 39 212 212 LYS LYS A . n 
A 1 40 VAL 40 213 213 VAL VAL A . n 
A 1 41 GLN 41 214 214 GLN GLN A . n 
A 1 42 ALA 42 215 215 ALA ALA A . n 
A 1 43 GLU 43 216 216 GLU GLU A . n 
A 1 44 ALA 44 217 217 ALA ALA A . n 
A 1 45 GLU 45 218 218 GLU GLU A . n 
A 1 46 ARG 46 219 219 ARG ARG A . n 
A 1 47 LEU 47 220 220 LEU LEU A . n 
A 1 48 ASP 48 221 221 ASP ASP A . n 
A 1 49 GLN 49 222 222 GLN GLN A . n 
A 1 50 GLU 50 223 ?   ?   ?   A . n 
B 2 1  THR 1  228 ?   ?   ?   B . n 
B 2 2  SER 2  229 ?   ?   ?   B . n 
B 2 3  ASN 3  230 ?   ?   ?   B . n 
B 2 4  GLU 4  231 231 GLU GLU B . n 
B 2 5  LEU 5  232 232 LEU LEU B . n 
B 2 6  LYS 6  233 233 LYS LYS B . n 
B 2 7  LYS 7  234 234 LYS LYS B . n 
B 2 8  GLU 8  235 235 GLU GLU B . n 
B 2 9  SER 9  236 236 SER SER B . n 
B 2 10 GLU 10 237 237 GLU GLU B . n 
B 2 11 SER 11 238 238 SER SER B . n 
B 2 12 LEU 12 239 239 LEU LEU B . n 
B 2 13 ARG 13 240 240 ARG ARG B . n 
B 2 14 LEU 14 241 241 LEU LEU B . n 
B 2 15 LYS 15 242 242 LYS LYS B . n 
B 2 16 ILE 16 243 243 ILE ILE B . n 
B 2 17 LEU 17 244 244 LEU LEU B . n 
B 2 18 VAL 18 245 245 VAL VAL B . n 
B 2 19 LEU 19 246 246 LEU LEU B . n 
B 2 20 ARG 20 247 247 ARG ARG B . n 
B 2 21 ASN 21 248 248 ASN ASN B . n 
B 2 22 GLU 22 249 249 GLU GLU B . n 
B 2 23 LEU 23 250 250 LEU LEU B . n 
B 2 24 GLU 24 251 251 GLU GLU B . n 
B 2 25 ARG 25 252 252 ARG ARG B . n 
B 2 26 GLN 26 253 253 GLN GLN B . n 
B 2 27 LYS 27 254 254 LYS LYS B . n 
B 2 28 LYS 28 255 255 LYS LYS B . n 
B 2 29 ALA 29 256 256 ALA ALA B . n 
B 2 30 LEU 30 257 257 LEU LEU B . n 
B 2 31 GLY 31 258 258 GLY GLY B . n 
B 2 32 ARG 32 259 259 ARG ARG B . n 
B 2 33 GLU 33 260 260 GLU GLU B . n 
B 2 34 VAL 34 261 261 VAL VAL B . n 
B 2 35 ALA 35 262 262 ALA ALA B . n 
B 2 36 PHE 36 263 263 PHE PHE B . n 
B 2 37 LEU 37 264 264 LEU LEU B . n 
B 2 38 HIS 38 265 265 HIS HIS B . n 
B 2 39 LYS 39 266 266 LYS LYS B . n 
B 2 40 GLN 40 267 267 GLN GLN B . n 
B 2 41 GLN 41 268 268 GLN GLN B . n 
B 2 42 MET 42 269 269 MET MET B . n 
B 2 43 ALA 43 270 270 ALA ALA B . n 
B 2 44 LEU 44 271 271 LEU LEU B . n 
B 2 45 GLN 45 272 272 GLN GLN B . n 
B 2 46 ASP 46 273 273 ASP ASP B . n 
B 2 47 LYS 47 274 274 LYS LYS B . n 
B 2 48 GLY 48 275 ?   ?   ?   B . n 
# 
loop_
_pdbx_nonpoly_scheme.asym_id 
_pdbx_nonpoly_scheme.entity_id 
_pdbx_nonpoly_scheme.mon_id 
_pdbx_nonpoly_scheme.ndb_seq_num 
_pdbx_nonpoly_scheme.pdb_seq_num 
_pdbx_nonpoly_scheme.auth_seq_num 
_pdbx_nonpoly_scheme.pdb_mon_id 
_pdbx_nonpoly_scheme.auth_mon_id 
_pdbx_nonpoly_scheme.pdb_strand_id 
_pdbx_nonpoly_scheme.pdb_ins_code 
C 3 HOH 1  301 137 HOH HOH A . 
C 3 HOH 2  302 240 HOH HOH A . 
C 3 HOH 3  303 225 HOH HOH A . 
C 3 HOH 4  304 23  HOH HOH A . 
C 3 HOH 5  305 244 HOH HOH A . 
C 3 HOH 6  306 138 HOH HOH A . 
C 3 HOH 7  307 52  HOH HOH A . 
C 3 HOH 8  308 210 HOH HOH A . 
C 3 HOH 9  309 29  HOH HOH A . 
C 3 HOH 10 310 168 HOH HOH A . 
C 3 HOH 11 311 28  HOH HOH A . 
C 3 HOH 12 312 170 HOH HOH A . 
C 3 HOH 13 313 214 HOH HOH A . 
C 3 HOH 14 314 63  HOH HOH A . 
C 3 HOH 15 315 60  HOH HOH A . 
C 3 HOH 16 316 47  HOH HOH A . 
C 3 HOH 17 317 106 HOH HOH A . 
C 3 HOH 18 318 71  HOH HOH A . 
C 3 HOH 19 319 11  HOH HOH A . 
C 3 HOH 20 320 165 HOH HOH A . 
C 3 HOH 21 321 174 HOH HOH A . 
C 3 HOH 22 322 226 HOH HOH A . 
C 3 HOH 23 323 41  HOH HOH A . 
C 3 HOH 24 324 213 HOH HOH A . 
C 3 HOH 25 325 65  HOH HOH A . 
C 3 HOH 26 326 18  HOH HOH A . 
C 3 HOH 27 327 98  HOH HOH A . 
C 3 HOH 28 328 51  HOH HOH A . 
C 3 HOH 29 329 218 HOH HOH A . 
C 3 HOH 30 330 20  HOH HOH A . 
C 3 HOH 31 331 134 HOH HOH A . 
C 3 HOH 32 332 35  HOH HOH A . 
C 3 HOH 33 333 70  HOH HOH A . 
C 3 HOH 34 334 73  HOH HOH A . 
C 3 HOH 35 335 108 HOH HOH A . 
C 3 HOH 36 336 55  HOH HOH A . 
C 3 HOH 37 337 243 HOH HOH A . 
C 3 HOH 38 338 8   HOH HOH A . 
C 3 HOH 39 339 111 HOH HOH A . 
C 3 HOH 40 340 74  HOH HOH A . 
C 3 HOH 41 341 241 HOH HOH A . 
C 3 HOH 42 342 37  HOH HOH A . 
C 3 HOH 43 343 209 HOH HOH A . 
C 3 HOH 44 344 172 HOH HOH A . 
C 3 HOH 45 345 220 HOH HOH A . 
C 3 HOH 46 346 43  HOH HOH A . 
C 3 HOH 47 347 221 HOH HOH A . 
C 3 HOH 48 348 237 HOH HOH A . 
C 3 HOH 49 349 229 HOH HOH A . 
C 3 HOH 50 350 222 HOH HOH A . 
C 3 HOH 51 351 13  HOH HOH A . 
C 3 HOH 52 352 21  HOH HOH A . 
C 3 HOH 53 353 50  HOH HOH A . 
C 3 HOH 54 354 164 HOH HOH A . 
C 3 HOH 55 355 166 HOH HOH A . 
C 3 HOH 56 356 145 HOH HOH A . 
C 3 HOH 57 357 94  HOH HOH A . 
C 3 HOH 58 358 239 HOH HOH A . 
C 3 HOH 59 359 171 HOH HOH A . 
C 3 HOH 60 360 67  HOH HOH A . 
C 3 HOH 61 361 149 HOH HOH A . 
C 3 HOH 62 362 233 HOH HOH A . 
C 3 HOH 63 363 58  HOH HOH A . 
C 3 HOH 64 364 223 HOH HOH A . 
C 3 HOH 65 365 231 HOH HOH A . 
D 3 HOH 1  301 54  HOH HOH B . 
D 3 HOH 2  302 144 HOH HOH B . 
D 3 HOH 3  303 6   HOH HOH B . 
D 3 HOH 4  304 242 HOH HOH B . 
D 3 HOH 5  305 201 HOH HOH B . 
D 3 HOH 6  306 158 HOH HOH B . 
D 3 HOH 7  307 107 HOH HOH B . 
D 3 HOH 8  308 234 HOH HOH B . 
D 3 HOH 9  309 34  HOH HOH B . 
D 3 HOH 10 310 36  HOH HOH B . 
D 3 HOH 11 311 66  HOH HOH B . 
D 3 HOH 12 312 77  HOH HOH B . 
D 3 HOH 13 313 1   HOH HOH B . 
D 3 HOH 14 314 22  HOH HOH B . 
D 3 HOH 15 315 140 HOH HOH B . 
D 3 HOH 16 316 30  HOH HOH B . 
D 3 HOH 17 317 19  HOH HOH B . 
D 3 HOH 18 318 150 HOH HOH B . 
D 3 HOH 19 319 3   HOH HOH B . 
D 3 HOH 20 320 136 HOH HOH B . 
D 3 HOH 21 321 91  HOH HOH B . 
D 3 HOH 22 322 68  HOH HOH B . 
D 3 HOH 23 323 14  HOH HOH B . 
D 3 HOH 24 324 230 HOH HOH B . 
D 3 HOH 25 325 72  HOH HOH B . 
D 3 HOH 26 326 15  HOH HOH B . 
D 3 HOH 27 327 2   HOH HOH B . 
D 3 HOH 28 328 24  HOH HOH B . 
D 3 HOH 29 329 205 HOH HOH B . 
D 3 HOH 30 330 224 HOH HOH B . 
D 3 HOH 31 331 212 HOH HOH B . 
D 3 HOH 32 332 16  HOH HOH B . 
D 3 HOH 33 333 10  HOH HOH B . 
D 3 HOH 34 334 75  HOH HOH B . 
D 3 HOH 35 335 102 HOH HOH B . 
D 3 HOH 36 336 32  HOH HOH B . 
D 3 HOH 37 337 38  HOH HOH B . 
D 3 HOH 38 338 31  HOH HOH B . 
D 3 HOH 39 339 89  HOH HOH B . 
D 3 HOH 40 340 207 HOH HOH B . 
D 3 HOH 41 341 202 HOH HOH B . 
D 3 HOH 42 342 130 HOH HOH B . 
D 3 HOH 43 343 104 HOH HOH B . 
D 3 HOH 44 344 12  HOH HOH B . 
D 3 HOH 45 345 25  HOH HOH B . 
D 3 HOH 46 346 203 HOH HOH B . 
D 3 HOH 47 347 96  HOH HOH B . 
D 3 HOH 48 348 124 HOH HOH B . 
D 3 HOH 49 349 81  HOH HOH B . 
D 3 HOH 50 350 116 HOH HOH B . 
D 3 HOH 51 351 88  HOH HOH B . 
D 3 HOH 52 352 206 HOH HOH B . 
D 3 HOH 53 353 5   HOH HOH B . 
D 3 HOH 54 354 92  HOH HOH B . 
D 3 HOH 55 355 27  HOH HOH B . 
D 3 HOH 56 356 204 HOH HOH B . 
D 3 HOH 57 357 208 HOH HOH B . 
D 3 HOH 58 358 17  HOH HOH B . 
D 3 HOH 59 359 119 HOH HOH B . 
D 3 HOH 60 360 9   HOH HOH B . 
D 3 HOH 61 361 86  HOH HOH B . 
D 3 HOH 62 362 153 HOH HOH B . 
D 3 HOH 63 363 44  HOH HOH B . 
D 3 HOH 64 364 80  HOH HOH B . 
D 3 HOH 65 365 62  HOH HOH B . 
D 3 HOH 66 366 135 HOH HOH B . 
D 3 HOH 67 367 211 HOH HOH B . 
D 3 HOH 68 368 169 HOH HOH B . 
D 3 HOH 69 369 232 HOH HOH B . 
D 3 HOH 70 370 235 HOH HOH B . 
D 3 HOH 71 371 159 HOH HOH B . 
D 3 HOH 72 372 154 HOH HOH B . 
D 3 HOH 73 373 7   HOH HOH B . 
D 3 HOH 74 374 95  HOH HOH B . 
D 3 HOH 75 375 69  HOH HOH B . 
D 3 HOH 76 376 57  HOH HOH B . 
D 3 HOH 77 377 123 HOH HOH B . 
D 3 HOH 78 378 56  HOH HOH B . 
D 3 HOH 79 379 49  HOH HOH B . 
D 3 HOH 80 380 46  HOH HOH B . 
D 3 HOH 81 381 45  HOH HOH B . 
D 3 HOH 82 382 228 HOH HOH B . 
D 3 HOH 83 383 216 HOH HOH B . 
D 3 HOH 84 384 219 HOH HOH B . 
D 3 HOH 85 385 236 HOH HOH B . 
D 3 HOH 86 386 76  HOH HOH B . 
D 3 HOH 87 387 215 HOH HOH B . 
D 3 HOH 88 388 40  HOH HOH B . 
D 3 HOH 89 389 87  HOH HOH B . 
D 3 HOH 90 390 4   HOH HOH B . 
D 3 HOH 91 391 48  HOH HOH B . 
D 3 HOH 92 392 33  HOH HOH B . 
D 3 HOH 93 393 26  HOH HOH B . 
D 3 HOH 94 394 167 HOH HOH B . 
D 3 HOH 95 395 217 HOH HOH B . 
D 3 HOH 96 396 148 HOH HOH B . 
D 3 HOH 97 397 78  HOH HOH B . 
D 3 HOH 98 398 61  HOH HOH B . 
D 3 HOH 99 399 227 HOH HOH B . 
# 
loop_
_software.citation_id 
_software.classification 
_software.compiler_name 
_software.compiler_version 
_software.contact_author 
_software.contact_author_email 
_software.date 
_software.description 
_software.dependencies 
_software.hardware 
_software.language 
_software.location 
_software.mods 
_software.name 
_software.os 
_software.os_version 
_software.type 
_software.version 
_software.pdbx_ordinal 
? refinement       ? ? ? ? ? ? ? ? ? ? ? REFMAC ? ? ? 5.8.0222 1 
? 'data reduction' ? ? ? ? ? ? ? ? ? ? ? MOSFLM ? ? ? .        2 
? 'data scaling'   ? ? ? ? ? ? ? ? ? ? ? SCALA  ? ? ? .        3 
? phasing          ? ? ? ? ? ? ? ? ? ? ? SHARP  ? ? ? .        4 
# 
_cell.angle_alpha                  90.00 
_cell.angle_alpha_esd              ? 
_cell.angle_beta                   90.00 
_cell.angle_beta_esd               ? 
_cell.angle_gamma                  120.00 
_cell.angle_gamma_esd              ? 
_cell.entry_id                     5YR0 
_cell.details                      ? 
_cell.formula_units_Z              ? 
_cell.length_a                     45.112 
_cell.length_a_esd                 ? 
_cell.length_b                     45.112 
_cell.length_b_esd                 ? 
_cell.length_c                     161.524 
_cell.length_c_esd                 ? 
_cell.volume                       ? 
_cell.volume_esd                   ? 
_cell.Z_PDB                        12 
_cell.reciprocal_angle_alpha       ? 
_cell.reciprocal_angle_beta        ? 
_cell.reciprocal_angle_gamma       ? 
_cell.reciprocal_angle_alpha_esd   ? 
_cell.reciprocal_angle_beta_esd    ? 
_cell.reciprocal_angle_gamma_esd   ? 
_cell.reciprocal_length_a          ? 
_cell.reciprocal_length_b          ? 
_cell.reciprocal_length_c          ? 
_cell.reciprocal_length_a_esd      ? 
_cell.reciprocal_length_b_esd      ? 
_cell.reciprocal_length_c_esd      ? 
_cell.pdbx_unique_axis             ? 
# 
_symmetry.entry_id                         5YR0 
_symmetry.cell_setting                     ? 
_symmetry.Int_Tables_number                178 
_symmetry.space_group_name_Hall            ? 
_symmetry.space_group_name_H-M             'P 61 2 2' 
_symmetry.pdbx_full_space_group_name_H-M   ? 
# 
_exptl.absorpt_coefficient_mu     ? 
_exptl.absorpt_correction_T_max   ? 
_exptl.absorpt_correction_T_min   ? 
_exptl.absorpt_correction_type    ? 
_exptl.absorpt_process_details    ? 
_exptl.entry_id                   5YR0 
_exptl.crystals_number            1 
_exptl.details                    ? 
_exptl.method                     'X-RAY DIFFRACTION' 
_exptl.method_details             ? 
# 
_exptl_crystal.colour                      ? 
_exptl_crystal.density_diffrn              ? 
_exptl_crystal.density_Matthews            2.05 
_exptl_crystal.density_method              ? 
_exptl_crystal.density_percent_sol         39.91 
_exptl_crystal.description                 ? 
_exptl_crystal.F_000                       ? 
_exptl_crystal.id                          1 
_exptl_crystal.preparation                 ? 
_exptl_crystal.size_max                    ? 
_exptl_crystal.size_mid                    ? 
_exptl_crystal.size_min                    ? 
_exptl_crystal.size_rad                    ? 
_exptl_crystal.colour_lustre               ? 
_exptl_crystal.colour_modifier             ? 
_exptl_crystal.colour_primary              ? 
_exptl_crystal.density_meas                ? 
_exptl_crystal.density_meas_esd            ? 
_exptl_crystal.density_meas_gt             ? 
_exptl_crystal.density_meas_lt             ? 
_exptl_crystal.density_meas_temp           ? 
_exptl_crystal.density_meas_temp_esd       ? 
_exptl_crystal.density_meas_temp_gt        ? 
_exptl_crystal.density_meas_temp_lt        ? 
_exptl_crystal.pdbx_crystal_image_url      ? 
_exptl_crystal.pdbx_crystal_image_format   ? 
_exptl_crystal.pdbx_mosaicity              ? 
_exptl_crystal.pdbx_mosaicity_esd          ? 
# 
_exptl_crystal_grow.apparatus       ? 
_exptl_crystal_grow.atmosphere      ? 
_exptl_crystal_grow.crystal_id      1 
_exptl_crystal_grow.details         ? 
_exptl_crystal_grow.method          'VAPOR DIFFUSION, HANGING DROP' 
_exptl_crystal_grow.method_ref      ? 
_exptl_crystal_grow.pH              ? 
_exptl_crystal_grow.pressure        ? 
_exptl_crystal_grow.pressure_esd    ? 
_exptl_crystal_grow.seeding         ? 
_exptl_crystal_grow.seeding_ref     ? 
_exptl_crystal_grow.temp            289 
_exptl_crystal_grow.temp_details    ? 
_exptl_crystal_grow.temp_esd        ? 
_exptl_crystal_grow.time            ? 
_exptl_crystal_grow.pdbx_details    '0.1M citric acid pH 3.5, 3.0M sodium chloride' 
_exptl_crystal_grow.pdbx_pH_range   ? 
# 
_diffrn.ambient_environment    ? 
_diffrn.ambient_temp           100 
_diffrn.ambient_temp_details   ? 
_diffrn.ambient_temp_esd       ? 
_diffrn.crystal_id             1 
_diffrn.crystal_support        ? 
_diffrn.crystal_treatment      ? 
_diffrn.details                ? 
_diffrn.id                     1 
_diffrn.ambient_pressure       ? 
_diffrn.ambient_pressure_esd   ? 
_diffrn.ambient_pressure_gt    ? 
_diffrn.ambient_pressure_lt    ? 
_diffrn.ambient_temp_gt        ? 
_diffrn.ambient_temp_lt        ? 
# 
_diffrn_detector.details                      ? 
_diffrn_detector.detector                     'IMAGE PLATE' 
_diffrn_detector.diffrn_id                    1 
_diffrn_detector.type                         'RIGAKU RAXIS IV++' 
_diffrn_detector.area_resol_mean              ? 
_diffrn_detector.dtime                        ? 
_diffrn_detector.pdbx_frames_total            ? 
_diffrn_detector.pdbx_collection_time_total   ? 
_diffrn_detector.pdbx_collection_date         2012-03-30 
# 
_diffrn_radiation.collimation                      ? 
_diffrn_radiation.diffrn_id                        1 
_diffrn_radiation.filter_edge                      ? 
_diffrn_radiation.inhomogeneity                    ? 
_diffrn_radiation.monochromator                    ? 
_diffrn_radiation.polarisn_norm                    ? 
_diffrn_radiation.polarisn_ratio                   ? 
_diffrn_radiation.probe                            ? 
_diffrn_radiation.type                             ? 
_diffrn_radiation.xray_symbol                      ? 
_diffrn_radiation.wavelength_id                    1 
_diffrn_radiation.pdbx_monochromatic_or_laue_m_l   M 
_diffrn_radiation.pdbx_wavelength_list             ? 
_diffrn_radiation.pdbx_wavelength                  ? 
_diffrn_radiation.pdbx_diffrn_protocol             'SINGLE WAVELENGTH' 
_diffrn_radiation.pdbx_analyzer                    ? 
_diffrn_radiation.pdbx_scattering_type             x-ray 
# 
_diffrn_radiation_wavelength.id           1 
_diffrn_radiation_wavelength.wavelength   1.5418 
_diffrn_radiation_wavelength.wt           1.0 
# 
_diffrn_source.current                     ? 
_diffrn_source.details                     ? 
_diffrn_source.diffrn_id                   1 
_diffrn_source.power                       ? 
_diffrn_source.size                        ? 
_diffrn_source.source                      'ROTATING ANODE' 
_diffrn_source.target                      ? 
_diffrn_source.type                        'RIGAKU MICROMAX-007 HF' 
_diffrn_source.voltage                     ? 
_diffrn_source.take-off_angle              ? 
_diffrn_source.pdbx_wavelength_list        1.5418 
_diffrn_source.pdbx_wavelength             ? 
_diffrn_source.pdbx_synchrotron_beamline   ? 
_diffrn_source.pdbx_synchrotron_site       ? 
# 
_reflns.B_iso_Wilson_estimate            ? 
_reflns.entry_id                         5YR0 
_reflns.data_reduction_details           ? 
_reflns.data_reduction_method            ? 
_reflns.d_resolution_high                1.8 
_reflns.d_resolution_low                 50 
_reflns.details                          ? 
_reflns.limit_h_max                      ? 
_reflns.limit_h_min                      ? 
_reflns.limit_k_max                      ? 
_reflns.limit_k_min                      ? 
_reflns.limit_l_max                      ? 
_reflns.limit_l_min                      ? 
_reflns.number_all                       ? 
_reflns.number_obs                       8323 
_reflns.observed_criterion               ? 
_reflns.observed_criterion_F_max         ? 
_reflns.observed_criterion_F_min         ? 
_reflns.observed_criterion_I_max         ? 
_reflns.observed_criterion_I_min         ? 
_reflns.observed_criterion_sigma_F       ? 
_reflns.observed_criterion_sigma_I       ? 
_reflns.percent_possible_obs             100 
_reflns.R_free_details                   ? 
_reflns.Rmerge_F_all                     ? 
_reflns.Rmerge_F_obs                     ? 
_reflns.Friedel_coverage                 ? 
_reflns.number_gt                        ? 
_reflns.threshold_expression             ? 
_reflns.pdbx_redundancy                  20 
_reflns.pdbx_Rmerge_I_obs                0.07 
_reflns.pdbx_Rmerge_I_all                ? 
_reflns.pdbx_Rsym_value                  ? 
_reflns.pdbx_netI_over_av_sigmaI         ? 
_reflns.pdbx_netI_over_sigmaI            41.7 
_reflns.pdbx_res_netI_over_av_sigmaI_2   ? 
_reflns.pdbx_res_netI_over_sigmaI_2      ? 
_reflns.pdbx_chi_squared                 ? 
_reflns.pdbx_scaling_rejects             ? 
_reflns.pdbx_d_res_high_opt              ? 
_reflns.pdbx_d_res_low_opt               ? 
_reflns.pdbx_d_res_opt_method            ? 
_reflns.phase_calculation_details        ? 
_reflns.pdbx_Rrim_I_all                  ? 
_reflns.pdbx_Rpim_I_all                  ? 
_reflns.pdbx_d_opt                       ? 
_reflns.pdbx_number_measured_all         ? 
_reflns.pdbx_diffrn_id                   1 
_reflns.pdbx_ordinal                     1 
_reflns.pdbx_CC_half                     ? 
_reflns.pdbx_R_split                     ? 
# 
_reflns_shell.d_res_high                  1.80 
_reflns_shell.d_res_low                   1.86 
_reflns_shell.meanI_over_sigI_all         ? 
_reflns_shell.meanI_over_sigI_obs         22.6 
_reflns_shell.number_measured_all         ? 
_reflns_shell.number_measured_obs         ? 
_reflns_shell.number_possible             ? 
_reflns_shell.number_unique_all           ? 
_reflns_shell.number_unique_obs           ? 
_reflns_shell.percent_possible_all        ? 
_reflns_shell.percent_possible_obs        ? 
_reflns_shell.Rmerge_F_all                ? 
_reflns_shell.Rmerge_F_obs                ? 
_reflns_shell.Rmerge_I_all                ? 
_reflns_shell.Rmerge_I_obs                0.165 
_reflns_shell.meanI_over_sigI_gt          ? 
_reflns_shell.meanI_over_uI_all           ? 
_reflns_shell.meanI_over_uI_gt            ? 
_reflns_shell.number_measured_gt          ? 
_reflns_shell.number_unique_gt            ? 
_reflns_shell.percent_possible_gt         ? 
_reflns_shell.Rmerge_F_gt                 ? 
_reflns_shell.Rmerge_I_gt                 ? 
_reflns_shell.pdbx_redundancy             ? 
_reflns_shell.pdbx_Rsym_value             ? 
_reflns_shell.pdbx_chi_squared            ? 
_reflns_shell.pdbx_netI_over_sigmaI_all   ? 
_reflns_shell.pdbx_netI_over_sigmaI_obs   ? 
_reflns_shell.pdbx_Rrim_I_all             ? 
_reflns_shell.pdbx_Rpim_I_all             ? 
_reflns_shell.pdbx_rejects                ? 
_reflns_shell.pdbx_ordinal                1 
_reflns_shell.pdbx_diffrn_id              1 
_reflns_shell.pdbx_CC_half                ? 
_reflns_shell.pdbx_R_split                ? 
# 
_refine.aniso_B[1][1]                            -0.04 
_refine.aniso_B[1][2]                            -0.02 
_refine.aniso_B[1][3]                            0.00 
_refine.aniso_B[2][2]                            -0.04 
_refine.aniso_B[2][3]                            0.00 
_refine.aniso_B[3][3]                            0.14 
_refine.B_iso_max                                ? 
_refine.B_iso_mean                               22.352 
_refine.B_iso_min                                ? 
_refine.correlation_coeff_Fo_to_Fc               0.950 
_refine.correlation_coeff_Fo_to_Fc_free          0.954 
_refine.details                                  'HYDROGENS HAVE BEEN ADDED IN THE RIDING POSITIONS' 
_refine.diff_density_max                         ? 
_refine.diff_density_max_esd                     ? 
_refine.diff_density_min                         ? 
_refine.diff_density_min_esd                     ? 
_refine.diff_density_rms                         ? 
_refine.diff_density_rms_esd                     ? 
_refine.entry_id                                 5YR0 
_refine.pdbx_refine_id                           'X-RAY DIFFRACTION' 
_refine.ls_abs_structure_details                 ? 
_refine.ls_abs_structure_Flack                   ? 
_refine.ls_abs_structure_Flack_esd               ? 
_refine.ls_abs_structure_Rogers                  ? 
_refine.ls_abs_structure_Rogers_esd              ? 
_refine.ls_d_res_high                            1.90 
_refine.ls_d_res_low                             35.18 
_refine.ls_extinction_coef                       ? 
_refine.ls_extinction_coef_esd                   ? 
_refine.ls_extinction_expression                 ? 
_refine.ls_extinction_method                     ? 
_refine.ls_goodness_of_fit_all                   ? 
_refine.ls_goodness_of_fit_all_esd               ? 
_refine.ls_goodness_of_fit_obs                   ? 
_refine.ls_goodness_of_fit_obs_esd               ? 
_refine.ls_hydrogen_treatment                    ? 
_refine.ls_matrix_type                           ? 
_refine.ls_number_constraints                    ? 
_refine.ls_number_parameters                     ? 
_refine.ls_number_reflns_all                     ? 
_refine.ls_number_reflns_obs                     7908 
_refine.ls_number_reflns_R_free                  419 
_refine.ls_number_reflns_R_work                  ? 
_refine.ls_number_restraints                     ? 
_refine.ls_percent_reflns_obs                    99.55 
_refine.ls_percent_reflns_R_free                 5.0 
_refine.ls_R_factor_all                          ? 
_refine.ls_R_factor_obs                          0.17070 
_refine.ls_R_factor_R_free                       0.19455 
_refine.ls_R_factor_R_free_error                 ? 
_refine.ls_R_factor_R_free_error_details         ? 
_refine.ls_R_factor_R_work                       0.16943 
_refine.ls_R_Fsqd_factor_obs                     ? 
_refine.ls_R_I_factor_obs                        ? 
_refine.ls_redundancy_reflns_all                 ? 
_refine.ls_redundancy_reflns_obs                 ? 
_refine.ls_restrained_S_all                      ? 
_refine.ls_restrained_S_obs                      ? 
_refine.ls_shift_over_esd_max                    ? 
_refine.ls_shift_over_esd_mean                   ? 
_refine.ls_structure_factor_coef                 ? 
_refine.ls_weighting_details                     ? 
_refine.ls_weighting_scheme                      ? 
_refine.ls_wR_factor_all                         ? 
_refine.ls_wR_factor_obs                         ? 
_refine.ls_wR_factor_R_free                      ? 
_refine.ls_wR_factor_R_work                      ? 
_refine.occupancy_max                            ? 
_refine.occupancy_min                            ? 
_refine.solvent_model_details                    ? 
_refine.solvent_model_param_bsol                 ? 
_refine.solvent_model_param_ksol                 ? 
_refine.ls_R_factor_gt                           ? 
_refine.ls_goodness_of_fit_gt                    ? 
_refine.ls_goodness_of_fit_ref                   ? 
_refine.ls_shift_over_su_max                     ? 
_refine.ls_shift_over_su_max_lt                  ? 
_refine.ls_shift_over_su_mean                    ? 
_refine.ls_shift_over_su_mean_lt                 ? 
_refine.pdbx_ls_sigma_I                          ? 
_refine.pdbx_ls_sigma_F                          ? 
_refine.pdbx_ls_sigma_Fsqd                       ? 
_refine.pdbx_data_cutoff_high_absF               ? 
_refine.pdbx_data_cutoff_high_rms_absF           ? 
_refine.pdbx_data_cutoff_low_absF                ? 
_refine.pdbx_isotropic_thermal_model             ? 
_refine.pdbx_ls_cross_valid_method               THROUGHOUT 
_refine.pdbx_method_to_determine_struct          SIRAS 
_refine.pdbx_starting_model                      ? 
_refine.pdbx_stereochemistry_target_values       ? 
_refine.pdbx_R_Free_selection_details            RANDOM 
_refine.pdbx_stereochem_target_val_spec_case     ? 
_refine.pdbx_overall_ESU_R                       0.166 
_refine.pdbx_overall_ESU_R_Free                  0.134 
_refine.pdbx_solvent_vdw_probe_radii             1.20 
_refine.pdbx_solvent_ion_probe_radii             0.80 
_refine.pdbx_solvent_shrinkage_radii             0.80 
_refine.pdbx_real_space_R                        ? 
_refine.pdbx_density_correlation                 ? 
_refine.pdbx_pd_number_of_powder_patterns        ? 
_refine.pdbx_pd_number_of_points                 ? 
_refine.pdbx_pd_meas_number_of_points            ? 
_refine.pdbx_pd_proc_ls_prof_R_factor            ? 
_refine.pdbx_pd_proc_ls_prof_wR_factor           ? 
_refine.pdbx_pd_Marquardt_correlation_coeff      ? 
_refine.pdbx_pd_Fsqrd_R_factor                   ? 
_refine.pdbx_pd_ls_matrix_band_width             ? 
_refine.pdbx_overall_phase_error                 ? 
_refine.pdbx_overall_SU_R_free_Cruickshank_DPI   ? 
_refine.pdbx_overall_SU_R_free_Blow_DPI          ? 
_refine.pdbx_overall_SU_R_Blow_DPI               ? 
_refine.pdbx_TLS_residual_ADP_flag               ? 
_refine.pdbx_diffrn_id                           1 
_refine.overall_SU_B                             2.572 
_refine.overall_SU_ML                            0.078 
_refine.overall_SU_R_Cruickshank_DPI             ? 
_refine.overall_SU_R_free                        ? 
_refine.overall_FOM_free_R_set                   ? 
_refine.overall_FOM_work_R_set                   ? 
_refine.pdbx_average_fsc_overall                 ? 
_refine.pdbx_average_fsc_work                    ? 
_refine.pdbx_average_fsc_free                    ? 
# 
_refine_hist.pdbx_refine_id                   'X-RAY DIFFRACTION' 
_refine_hist.cycle_id                         1 
_refine_hist.pdbx_number_atoms_protein        767 
_refine_hist.pdbx_number_atoms_nucleic_acid   0 
_refine_hist.pdbx_number_atoms_ligand         0 
_refine_hist.number_atoms_solvent             164 
_refine_hist.number_atoms_total               931 
_refine_hist.d_res_high                       1.90 
_refine_hist.d_res_low                        35.18 
# 
loop_
_refine_ls_restr.pdbx_refine_id 
_refine_ls_restr.criterion 
_refine_ls_restr.dev_ideal 
_refine_ls_restr.dev_ideal_target 
_refine_ls_restr.number 
_refine_ls_restr.rejects 
_refine_ls_restr.type 
_refine_ls_restr.weight 
_refine_ls_restr.pdbx_restraint_function 
'X-RAY DIFFRACTION' ? 0.013  0.014  844  ? r_bond_refined_d             ? ? 
'X-RAY DIFFRACTION' ? 0.001  0.017  815  ? r_bond_other_d               ? ? 
'X-RAY DIFFRACTION' ? 1.527  1.662  1133 ? r_angle_refined_deg          ? ? 
'X-RAY DIFFRACTION' ? 1.026  1.639  1942 ? r_angle_other_deg            ? ? 
'X-RAY DIFFRACTION' ? 3.848  5.000  107  ? r_dihedral_angle_1_deg       ? ? 
'X-RAY DIFFRACTION' ? 28.278 24.237 59   ? r_dihedral_angle_2_deg       ? ? 
'X-RAY DIFFRACTION' ? 16.269 15.000 202  ? r_dihedral_angle_3_deg       ? ? 
'X-RAY DIFFRACTION' ? 13.138 15.000 8    ? r_dihedral_angle_4_deg       ? ? 
'X-RAY DIFFRACTION' ? 0.075  0.200  103  ? r_chiral_restr               ? ? 
'X-RAY DIFFRACTION' ? 0.008  0.020  946  ? r_gen_planes_refined         ? ? 
'X-RAY DIFFRACTION' ? 0.001  0.020  118  ? r_gen_planes_other           ? ? 
'X-RAY DIFFRACTION' ? ?      ?      ?    ? r_nbd_refined                ? ? 
'X-RAY DIFFRACTION' ? ?      ?      ?    ? r_nbd_other                  ? ? 
'X-RAY DIFFRACTION' ? ?      ?      ?    ? r_nbtor_refined              ? ? 
'X-RAY DIFFRACTION' ? ?      ?      ?    ? r_nbtor_other                ? ? 
'X-RAY DIFFRACTION' ? ?      ?      ?    ? r_xyhbond_nbd_refined        ? ? 
'X-RAY DIFFRACTION' ? ?      ?      ?    ? r_xyhbond_nbd_other          ? ? 
'X-RAY DIFFRACTION' ? ?      ?      ?    ? r_metal_ion_refined          ? ? 
'X-RAY DIFFRACTION' ? ?      ?      ?    ? r_metal_ion_other            ? ? 
'X-RAY DIFFRACTION' ? ?      ?      ?    ? r_symmetry_vdw_refined       ? ? 
'X-RAY DIFFRACTION' ? ?      ?      ?    ? r_symmetry_vdw_other         ? ? 
'X-RAY DIFFRACTION' ? ?      ?      ?    ? r_symmetry_hbond_refined     ? ? 
'X-RAY DIFFRACTION' ? ?      ?      ?    ? r_symmetry_hbond_other       ? ? 
'X-RAY DIFFRACTION' ? ?      ?      ?    ? r_symmetry_metal_ion_refined ? ? 
'X-RAY DIFFRACTION' ? ?      ?      ?    ? r_symmetry_metal_ion_other   ? ? 
'X-RAY DIFFRACTION' ? 2.385  1.850  397  ? r_mcbond_it                  ? ? 
'X-RAY DIFFRACTION' ? 2.360  1.845  396  ? r_mcbond_other               ? ? 
'X-RAY DIFFRACTION' ? 3.457  2.706  499  ? r_mcangle_it                 ? ? 
'X-RAY DIFFRACTION' ? 3.454  2.711  500  ? r_mcangle_other              ? ? 
'X-RAY DIFFRACTION' ? 3.441  2.405  445  ? r_scbond_it                  ? ? 
'X-RAY DIFFRACTION' ? 3.438  2.418  446  ? r_scbond_other               ? ? 
'X-RAY DIFFRACTION' ? ?      ?      ?    ? r_scangle_it                 ? ? 
'X-RAY DIFFRACTION' ? 5.540  3.436  628  ? r_scangle_other              ? ? 
'X-RAY DIFFRACTION' ? 10.322 25.793 1058 ? r_long_range_B_refined       ? ? 
'X-RAY DIFFRACTION' ? 9.889  24.914 1015 ? r_long_range_B_other         ? ? 
'X-RAY DIFFRACTION' ? ?      ?      ?    ? r_rigid_bond_restr           ? ? 
'X-RAY DIFFRACTION' ? ?      ?      ?    ? r_sphericity_free            ? ? 
'X-RAY DIFFRACTION' ? ?      ?      ?    ? r_sphericity_bonded          ? ? 
# 
_refine_ls_shell.pdbx_refine_id                   'X-RAY DIFFRACTION' 
_refine_ls_shell.d_res_high                       1.900 
_refine_ls_shell.d_res_low                        1.949 
_refine_ls_shell.number_reflns_all                ? 
_refine_ls_shell.number_reflns_obs                ? 
_refine_ls_shell.number_reflns_R_free             27 
_refine_ls_shell.number_reflns_R_work             564 
_refine_ls_shell.percent_reflns_obs               98.34 
_refine_ls_shell.percent_reflns_R_free            ? 
_refine_ls_shell.R_factor_all                     ? 
_refine_ls_shell.R_factor_obs                     ? 
_refine_ls_shell.R_factor_R_free                  0.256 
_refine_ls_shell.R_factor_R_free_error            ? 
_refine_ls_shell.R_factor_R_work                  0.168 
_refine_ls_shell.redundancy_reflns_all            ? 
_refine_ls_shell.redundancy_reflns_obs            ? 
_refine_ls_shell.wR_factor_all                    ? 
_refine_ls_shell.wR_factor_obs                    ? 
_refine_ls_shell.wR_factor_R_free                 ? 
_refine_ls_shell.wR_factor_R_work                 ? 
_refine_ls_shell.pdbx_total_number_of_bins_used   20 
_refine_ls_shell.pdbx_phase_error                 ? 
_refine_ls_shell.pdbx_fsc_work                    ? 
_refine_ls_shell.pdbx_fsc_free                    ? 
# 
_struct.entry_id                     5YR0 
_struct.title                        'Structure of Beclin1-UVRAG coiled coil domain complex' 
_struct.pdbx_model_details           ? 
_struct.pdbx_formula_weight          ? 
_struct.pdbx_formula_weight_method   ? 
_struct.pdbx_model_type_details      ? 
_struct.pdbx_CASP_flag               N 
# 
_struct_keywords.entry_id        5YR0 
_struct_keywords.text            'autophagy regulator, ENDOCYTOSIS' 
_struct_keywords.pdbx_keywords   ENDOCYTOSIS 
# 
loop_
_struct_asym.id 
_struct_asym.pdbx_blank_PDB_chainid_flag 
_struct_asym.pdbx_modified 
_struct_asym.entity_id 
_struct_asym.details 
A N N 1 ? 
B N N 2 ? 
C N N 3 ? 
D N N 3 ? 
# 
loop_
_struct_ref.id 
_struct_ref.db_name 
_struct_ref.db_code 
_struct_ref.pdbx_db_accession 
_struct_ref.pdbx_db_isoform 
_struct_ref.entity_id 
_struct_ref.pdbx_seq_one_letter_code 
_struct_ref.pdbx_align_begin 
1 UNP BECN1_MOUSE O88597 ? 1 DSEQLQRELKELALEEERLIQELEDVEKNRKVVAENLEKVQAEAERLDQE 174 
2 UNP UVRAG_MOUSE Q8K245 ? 2 TSNELKKESECLRLKILVLRNELERQKKALGREVAFLHKQQMALQDKG   228 
# 
loop_
_struct_ref_seq.align_id 
_struct_ref_seq.ref_id 
_struct_ref_seq.pdbx_PDB_id_code 
_struct_ref_seq.pdbx_strand_id 
_struct_ref_seq.seq_align_beg 
_struct_ref_seq.pdbx_seq_align_beg_ins_code 
_struct_ref_seq.seq_align_end 
_struct_ref_seq.pdbx_seq_align_end_ins_code 
_struct_ref_seq.pdbx_db_accession 
_struct_ref_seq.db_align_beg 
_struct_ref_seq.pdbx_db_align_beg_ins_code 
_struct_ref_seq.db_align_end 
_struct_ref_seq.pdbx_db_align_end_ins_code 
_struct_ref_seq.pdbx_auth_seq_align_beg 
_struct_ref_seq.pdbx_auth_seq_align_end 
1 1 5YR0 A 1 ? 50 ? O88597 174 ? 223 ? 174 223 
2 2 5YR0 B 1 ? 48 ? Q8K245 228 ? 275 ? 228 275 
# 
_struct_ref_seq_dif.align_id                     2 
_struct_ref_seq_dif.pdbx_pdb_id_code             5YR0 
_struct_ref_seq_dif.mon_id                       SER 
_struct_ref_seq_dif.pdbx_pdb_strand_id           B 
_struct_ref_seq_dif.seq_num                      11 
_struct_ref_seq_dif.pdbx_pdb_ins_code            ? 
_struct_ref_seq_dif.pdbx_seq_db_name             UNP 
_struct_ref_seq_dif.pdbx_seq_db_accession_code   Q8K245 
_struct_ref_seq_dif.db_mon_id                    CYS 
_struct_ref_seq_dif.pdbx_seq_db_seq_num          238 
_struct_ref_seq_dif.details                      'engineered mutation' 
_struct_ref_seq_dif.pdbx_auth_seq_num            238 
_struct_ref_seq_dif.pdbx_ordinal                 1 
# 
_pdbx_struct_assembly.id                   1 
_pdbx_struct_assembly.details              author_and_software_defined_assembly 
_pdbx_struct_assembly.method_details       PISA 
_pdbx_struct_assembly.oligomeric_details   dimeric 
_pdbx_struct_assembly.oligomeric_count     2 
# 
loop_
_pdbx_struct_assembly_prop.biol_id 
_pdbx_struct_assembly_prop.type 
_pdbx_struct_assembly_prop.value 
_pdbx_struct_assembly_prop.details 
1 'ABSA (A^2)' 2190 ? 
1 MORE         -22  ? 
1 'SSA (A^2)'  7270 ? 
# 
_pdbx_struct_assembly_gen.assembly_id       1 
_pdbx_struct_assembly_gen.oper_expression   1 
_pdbx_struct_assembly_gen.asym_id_list      A,B,C,D 
# 
_pdbx_struct_assembly_auth_evidence.id                     1 
_pdbx_struct_assembly_auth_evidence.assembly_id            1 
_pdbx_struct_assembly_auth_evidence.experimental_support   microscopy 
_pdbx_struct_assembly_auth_evidence.details                ? 
# 
_pdbx_struct_oper_list.id                   1 
_pdbx_struct_oper_list.type                 'identity operation' 
_pdbx_struct_oper_list.name                 1_555 
_pdbx_struct_oper_list.symmetry_operation   x,y,z 
_pdbx_struct_oper_list.matrix[1][1]         1.0000000000 
_pdbx_struct_oper_list.matrix[1][2]         0.0000000000 
_pdbx_struct_oper_list.matrix[1][3]         0.0000000000 
_pdbx_struct_oper_list.vector[1]            0.0000000000 
_pdbx_struct_oper_list.matrix[2][1]         0.0000000000 
_pdbx_struct_oper_list.matrix[2][2]         1.0000000000 
_pdbx_struct_oper_list.matrix[2][3]         0.0000000000 
_pdbx_struct_oper_list.vector[2]            0.0000000000 
_pdbx_struct_oper_list.matrix[3][1]         0.0000000000 
_pdbx_struct_oper_list.matrix[3][2]         0.0000000000 
_pdbx_struct_oper_list.matrix[3][3]         1.0000000000 
_pdbx_struct_oper_list.vector[3]            0.0000000000 
# 
loop_
_struct_conf.conf_type_id 
_struct_conf.id 
_struct_conf.pdbx_PDB_helix_id 
_struct_conf.beg_label_comp_id 
_struct_conf.beg_label_asym_id 
_struct_conf.beg_label_seq_id 
_struct_conf.pdbx_beg_PDB_ins_code 
_struct_conf.end_label_comp_id 
_struct_conf.end_label_asym_id 
_struct_conf.end_label_seq_id 
_struct_conf.pdbx_end_PDB_ins_code 
_struct_conf.beg_auth_comp_id 
_struct_conf.beg_auth_asym_id 
_struct_conf.beg_auth_seq_id 
_struct_conf.end_auth_comp_id 
_struct_conf.end_auth_asym_id 
_struct_conf.end_auth_seq_id 
_struct_conf.pdbx_PDB_helix_class 
_struct_conf.details 
_struct_conf.pdbx_PDB_helix_length 
HELX_P HELX_P1 AA1 SER A 2 ? GLN A 49 ? SER A 175 GLN A 222 1 ? 48 
HELX_P HELX_P2 AA2 LEU B 5 ? LYS B 47 ? LEU B 232 LYS B 274 1 ? 43 
# 
_struct_conf_type.id          HELX_P 
_struct_conf_type.criteria    ? 
_struct_conf_type.reference   ? 
# 
loop_
_pdbx_validate_close_contact.id 
_pdbx_validate_close_contact.PDB_model_num 
_pdbx_validate_close_contact.auth_atom_id_1 
_pdbx_validate_close_contact.auth_asym_id_1 
_pdbx_validate_close_contact.auth_comp_id_1 
_pdbx_validate_close_contact.auth_seq_id_1 
_pdbx_validate_close_contact.PDB_ins_code_1 
_pdbx_validate_close_contact.label_alt_id_1 
_pdbx_validate_close_contact.auth_atom_id_2 
_pdbx_validate_close_contact.auth_asym_id_2 
_pdbx_validate_close_contact.auth_comp_id_2 
_pdbx_validate_close_contact.auth_seq_id_2 
_pdbx_validate_close_contact.PDB_ins_code_2 
_pdbx_validate_close_contact.label_alt_id_2 
_pdbx_validate_close_contact.dist 
1 1 OE2 A GLU 188 ? B O A HOH 301 ? ? 1.84 
2 1 OE2 A GLU 211 ? ? O A HOH 302 ? ? 1.87 
3 1 O   B HOH 370 ? ? O B HOH 387 ? ? 1.94 
4 1 OD1 A ASN 202 ? B O A HOH 303 ? ? 1.96 
5 1 O   A HOH 305 ? ? O A HOH 337 ? ? 1.97 
6 1 OE2 B GLU 235 ? ? O B HOH 302 ? ? 2.02 
7 1 O   B HOH 324 ? ? O B HOH 363 ? ? 2.12 
8 1 OE1 B GLU 249 ? A O B HOH 303 ? ? 2.19 
# 
loop_
_pdbx_validate_symm_contact.id 
_pdbx_validate_symm_contact.PDB_model_num 
_pdbx_validate_symm_contact.auth_atom_id_1 
_pdbx_validate_symm_contact.auth_asym_id_1 
_pdbx_validate_symm_contact.auth_comp_id_1 
_pdbx_validate_symm_contact.auth_seq_id_1 
_pdbx_validate_symm_contact.PDB_ins_code_1 
_pdbx_validate_symm_contact.label_alt_id_1 
_pdbx_validate_symm_contact.site_symmetry_1 
_pdbx_validate_symm_contact.auth_atom_id_2 
_pdbx_validate_symm_contact.auth_asym_id_2 
_pdbx_validate_symm_contact.auth_comp_id_2 
_pdbx_validate_symm_contact.auth_seq_id_2 
_pdbx_validate_symm_contact.PDB_ins_code_2 
_pdbx_validate_symm_contact.label_alt_id_2 
_pdbx_validate_symm_contact.site_symmetry_2 
_pdbx_validate_symm_contact.dist 
1 1 O B HOH 369 ? ? 1_555 O B HOH 373 ? ? 12_575 2.05 
2 1 O B HOH 369 ? ? 1_555 O B HOH 387 ? ? 12_575 2.18 
# 
_pdbx_validate_planes.id              1 
_pdbx_validate_planes.PDB_model_num   1 
_pdbx_validate_planes.auth_comp_id    ARG 
_pdbx_validate_planes.auth_asym_id    A 
_pdbx_validate_planes.auth_seq_id     180 
_pdbx_validate_planes.PDB_ins_code    ? 
_pdbx_validate_planes.label_alt_id    ? 
_pdbx_validate_planes.rmsd            0.138 
_pdbx_validate_planes.type            'SIDE CHAIN' 
# 
loop_
_pdbx_struct_special_symmetry.id 
_pdbx_struct_special_symmetry.PDB_model_num 
_pdbx_struct_special_symmetry.auth_asym_id 
_pdbx_struct_special_symmetry.auth_comp_id 
_pdbx_struct_special_symmetry.auth_seq_id 
_pdbx_struct_special_symmetry.PDB_ins_code 
_pdbx_struct_special_symmetry.label_asym_id 
_pdbx_struct_special_symmetry.label_comp_id 
_pdbx_struct_special_symmetry.label_seq_id 
1 1 B HOH 398 ? D HOH . 
2 1 B HOH 399 ? D HOH . 
# 
_pdbx_distant_solvent_atoms.id                                1 
_pdbx_distant_solvent_atoms.PDB_model_num                     1 
_pdbx_distant_solvent_atoms.auth_atom_id                      O 
_pdbx_distant_solvent_atoms.label_alt_id                      ? 
_pdbx_distant_solvent_atoms.auth_asym_id                      B 
_pdbx_distant_solvent_atoms.auth_comp_id                      HOH 
_pdbx_distant_solvent_atoms.auth_seq_id                       399 
_pdbx_distant_solvent_atoms.PDB_ins_code                      ? 
_pdbx_distant_solvent_atoms.neighbor_macromolecule_distance   5.81 
_pdbx_distant_solvent_atoms.neighbor_ligand_distance          . 
# 
loop_
_pdbx_unobs_or_zero_occ_residues.id 
_pdbx_unobs_or_zero_occ_residues.PDB_model_num 
_pdbx_unobs_or_zero_occ_residues.polymer_flag 
_pdbx_unobs_or_zero_occ_residues.occupancy_flag 
_pdbx_unobs_or_zero_occ_residues.auth_asym_id 
_pdbx_unobs_or_zero_occ_residues.auth_comp_id 
_pdbx_unobs_or_zero_occ_residues.auth_seq_id 
_pdbx_unobs_or_zero_occ_residues.PDB_ins_code 
_pdbx_unobs_or_zero_occ_residues.label_asym_id 
_pdbx_unobs_or_zero_occ_residues.label_comp_id 
_pdbx_unobs_or_zero_occ_residues.label_seq_id 
1 1 Y 1 A ASP 174 ? A ASP 1  
2 1 Y 1 A GLU 223 ? A GLU 50 
3 1 Y 1 B THR 228 ? B THR 1  
4 1 Y 1 B SER 229 ? B SER 2  
5 1 Y 1 B ASN 230 ? B ASN 3  
6 1 Y 1 B GLY 275 ? B GLY 48 
# 
loop_
_chem_comp_atom.comp_id 
_chem_comp_atom.atom_id 
_chem_comp_atom.type_symbol 
_chem_comp_atom.pdbx_aromatic_flag 
_chem_comp_atom.pdbx_stereo_config 
_chem_comp_atom.pdbx_ordinal 
ALA N    N N N 1   
ALA CA   C N S 2   
ALA C    C N N 3   
ALA O    O N N 4   
ALA CB   C N N 5   
ALA OXT  O N N 6   
ALA H    H N N 7   
ALA H2   H N N 8   
ALA HA   H N N 9   
ALA HB1  H N N 10  
ALA HB2  H N N 11  
ALA HB3  H N N 12  
ALA HXT  H N N 13  
ARG N    N N N 14  
ARG CA   C N S 15  
ARG C    C N N 16  
ARG O    O N N 17  
ARG CB   C N N 18  
ARG CG   C N N 19  
ARG CD   C N N 20  
ARG NE   N N N 21  
ARG CZ   C N N 22  
ARG NH1  N N N 23  
ARG NH2  N N N 24  
ARG OXT  O N N 25  
ARG H    H N N 26  
ARG H2   H N N 27  
ARG HA   H N N 28  
ARG HB2  H N N 29  
ARG HB3  H N N 30  
ARG HG2  H N N 31  
ARG HG3  H N N 32  
ARG HD2  H N N 33  
ARG HD3  H N N 34  
ARG HE   H N N 35  
ARG HH11 H N N 36  
ARG HH12 H N N 37  
ARG HH21 H N N 38  
ARG HH22 H N N 39  
ARG HXT  H N N 40  
ASN N    N N N 41  
ASN CA   C N S 42  
ASN C    C N N 43  
ASN O    O N N 44  
ASN CB   C N N 45  
ASN CG   C N N 46  
ASN OD1  O N N 47  
ASN ND2  N N N 48  
ASN OXT  O N N 49  
ASN H    H N N 50  
ASN H2   H N N 51  
ASN HA   H N N 52  
ASN HB2  H N N 53  
ASN HB3  H N N 54  
ASN HD21 H N N 55  
ASN HD22 H N N 56  
ASN HXT  H N N 57  
ASP N    N N N 58  
ASP CA   C N S 59  
ASP C    C N N 60  
ASP O    O N N 61  
ASP CB   C N N 62  
ASP CG   C N N 63  
ASP OD1  O N N 64  
ASP OD2  O N N 65  
ASP OXT  O N N 66  
ASP H    H N N 67  
ASP H2   H N N 68  
ASP HA   H N N 69  
ASP HB2  H N N 70  
ASP HB3  H N N 71  
ASP HD2  H N N 72  
ASP HXT  H N N 73  
CYS N    N N N 74  
CYS CA   C N R 75  
CYS C    C N N 76  
CYS O    O N N 77  
CYS CB   C N N 78  
CYS SG   S N N 79  
CYS OXT  O N N 80  
CYS H    H N N 81  
CYS H2   H N N 82  
CYS HA   H N N 83  
CYS HB2  H N N 84  
CYS HB3  H N N 85  
CYS HG   H N N 86  
CYS HXT  H N N 87  
GLN N    N N N 88  
GLN CA   C N S 89  
GLN C    C N N 90  
GLN O    O N N 91  
GLN CB   C N N 92  
GLN CG   C N N 93  
GLN CD   C N N 94  
GLN OE1  O N N 95  
GLN NE2  N N N 96  
GLN OXT  O N N 97  
GLN H    H N N 98  
GLN H2   H N N 99  
GLN HA   H N N 100 
GLN HB2  H N N 101 
GLN HB3  H N N 102 
GLN HG2  H N N 103 
GLN HG3  H N N 104 
GLN HE21 H N N 105 
GLN HE22 H N N 106 
GLN HXT  H N N 107 
GLU N    N N N 108 
GLU CA   C N S 109 
GLU C    C N N 110 
GLU O    O N N 111 
GLU CB   C N N 112 
GLU CG   C N N 113 
GLU CD   C N N 114 
GLU OE1  O N N 115 
GLU OE2  O N N 116 
GLU OXT  O N N 117 
GLU H    H N N 118 
GLU H2   H N N 119 
GLU HA   H N N 120 
GLU HB2  H N N 121 
GLU HB3  H N N 122 
GLU HG2  H N N 123 
GLU HG3  H N N 124 
GLU HE2  H N N 125 
GLU HXT  H N N 126 
GLY N    N N N 127 
GLY CA   C N N 128 
GLY C    C N N 129 
GLY O    O N N 130 
GLY OXT  O N N 131 
GLY H    H N N 132 
GLY H2   H N N 133 
GLY HA2  H N N 134 
GLY HA3  H N N 135 
GLY HXT  H N N 136 
HIS N    N N N 137 
HIS CA   C N S 138 
HIS C    C N N 139 
HIS O    O N N 140 
HIS CB   C N N 141 
HIS CG   C Y N 142 
HIS ND1  N Y N 143 
HIS CD2  C Y N 144 
HIS CE1  C Y N 145 
HIS NE2  N Y N 146 
HIS OXT  O N N 147 
HIS H    H N N 148 
HIS H2   H N N 149 
HIS HA   H N N 150 
HIS HB2  H N N 151 
HIS HB3  H N N 152 
HIS HD1  H N N 153 
HIS HD2  H N N 154 
HIS HE1  H N N 155 
HIS HE2  H N N 156 
HIS HXT  H N N 157 
HOH O    O N N 158 
HOH H1   H N N 159 
HOH H2   H N N 160 
ILE N    N N N 161 
ILE CA   C N S 162 
ILE C    C N N 163 
ILE O    O N N 164 
ILE CB   C N S 165 
ILE CG1  C N N 166 
ILE CG2  C N N 167 
ILE CD1  C N N 168 
ILE OXT  O N N 169 
ILE H    H N N 170 
ILE H2   H N N 171 
ILE HA   H N N 172 
ILE HB   H N N 173 
ILE HG12 H N N 174 
ILE HG13 H N N 175 
ILE HG21 H N N 176 
ILE HG22 H N N 177 
ILE HG23 H N N 178 
ILE HD11 H N N 179 
ILE HD12 H N N 180 
ILE HD13 H N N 181 
ILE HXT  H N N 182 
LEU N    N N N 183 
LEU CA   C N S 184 
LEU C    C N N 185 
LEU O    O N N 186 
LEU CB   C N N 187 
LEU CG   C N N 188 
LEU CD1  C N N 189 
LEU CD2  C N N 190 
LEU OXT  O N N 191 
LEU H    H N N 192 
LEU H2   H N N 193 
LEU HA   H N N 194 
LEU HB2  H N N 195 
LEU HB3  H N N 196 
LEU HG   H N N 197 
LEU HD11 H N N 198 
LEU HD12 H N N 199 
LEU HD13 H N N 200 
LEU HD21 H N N 201 
LEU HD22 H N N 202 
LEU HD23 H N N 203 
LEU HXT  H N N 204 
LYS N    N N N 205 
LYS CA   C N S 206 
LYS C    C N N 207 
LYS O    O N N 208 
LYS CB   C N N 209 
LYS CG   C N N 210 
LYS CD   C N N 211 
LYS CE   C N N 212 
LYS NZ   N N N 213 
LYS OXT  O N N 214 
LYS H    H N N 215 
LYS H2   H N N 216 
LYS HA   H N N 217 
LYS HB2  H N N 218 
LYS HB3  H N N 219 
LYS HG2  H N N 220 
LYS HG3  H N N 221 
LYS HD2  H N N 222 
LYS HD3  H N N 223 
LYS HE2  H N N 224 
LYS HE3  H N N 225 
LYS HZ1  H N N 226 
LYS HZ2  H N N 227 
LYS HZ3  H N N 228 
LYS HXT  H N N 229 
MET N    N N N 230 
MET CA   C N S 231 
MET C    C N N 232 
MET O    O N N 233 
MET CB   C N N 234 
MET CG   C N N 235 
MET SD   S N N 236 
MET CE   C N N 237 
MET OXT  O N N 238 
MET H    H N N 239 
MET H2   H N N 240 
MET HA   H N N 241 
MET HB2  H N N 242 
MET HB3  H N N 243 
MET HG2  H N N 244 
MET HG3  H N N 245 
MET HE1  H N N 246 
MET HE2  H N N 247 
MET HE3  H N N 248 
MET HXT  H N N 249 
PHE N    N N N 250 
PHE CA   C N S 251 
PHE C    C N N 252 
PHE O    O N N 253 
PHE CB   C N N 254 
PHE CG   C Y N 255 
PHE CD1  C Y N 256 
PHE CD2  C Y N 257 
PHE CE1  C Y N 258 
PHE CE2  C Y N 259 
PHE CZ   C Y N 260 
PHE OXT  O N N 261 
PHE H    H N N 262 
PHE H2   H N N 263 
PHE HA   H N N 264 
PHE HB2  H N N 265 
PHE HB3  H N N 266 
PHE HD1  H N N 267 
PHE HD2  H N N 268 
PHE HE1  H N N 269 
PHE HE2  H N N 270 
PHE HZ   H N N 271 
PHE HXT  H N N 272 
SER N    N N N 273 
SER CA   C N S 274 
SER C    C N N 275 
SER O    O N N 276 
SER CB   C N N 277 
SER OG   O N N 278 
SER OXT  O N N 279 
SER H    H N N 280 
SER H2   H N N 281 
SER HA   H N N 282 
SER HB2  H N N 283 
SER HB3  H N N 284 
SER HG   H N N 285 
SER HXT  H N N 286 
THR N    N N N 287 
THR CA   C N S 288 
THR C    C N N 289 
THR O    O N N 290 
THR CB   C N R 291 
THR OG1  O N N 292 
THR CG2  C N N 293 
THR OXT  O N N 294 
THR H    H N N 295 
THR H2   H N N 296 
THR HA   H N N 297 
THR HB   H N N 298 
THR HG1  H N N 299 
THR HG21 H N N 300 
THR HG22 H N N 301 
THR HG23 H N N 302 
THR HXT  H N N 303 
VAL N    N N N 304 
VAL CA   C N S 305 
VAL C    C N N 306 
VAL O    O N N 307 
VAL CB   C N N 308 
VAL CG1  C N N 309 
VAL CG2  C N N 310 
VAL OXT  O N N 311 
VAL H    H N N 312 
VAL H2   H N N 313 
VAL HA   H N N 314 
VAL HB   H N N 315 
VAL HG11 H N N 316 
VAL HG12 H N N 317 
VAL HG13 H N N 318 
VAL HG21 H N N 319 
VAL HG22 H N N 320 
VAL HG23 H N N 321 
VAL HXT  H N N 322 
# 
loop_
_chem_comp_bond.comp_id 
_chem_comp_bond.atom_id_1 
_chem_comp_bond.atom_id_2 
_chem_comp_bond.value_order 
_chem_comp_bond.pdbx_aromatic_flag 
_chem_comp_bond.pdbx_stereo_config 
_chem_comp_bond.pdbx_ordinal 
ALA N   CA   sing N N 1   
ALA N   H    sing N N 2   
ALA N   H2   sing N N 3   
ALA CA  C    sing N N 4   
ALA CA  CB   sing N N 5   
ALA CA  HA   sing N N 6   
ALA C   O    doub N N 7   
ALA C   OXT  sing N N 8   
ALA CB  HB1  sing N N 9   
ALA CB  HB2  sing N N 10  
ALA CB  HB3  sing N N 11  
ALA OXT HXT  sing N N 12  
ARG N   CA   sing N N 13  
ARG N   H    sing N N 14  
ARG N   H2   sing N N 15  
ARG CA  C    sing N N 16  
ARG CA  CB   sing N N 17  
ARG CA  HA   sing N N 18  
ARG C   O    doub N N 19  
ARG C   OXT  sing N N 20  
ARG CB  CG   sing N N 21  
ARG CB  HB2  sing N N 22  
ARG CB  HB3  sing N N 23  
ARG CG  CD   sing N N 24  
ARG CG  HG2  sing N N 25  
ARG CG  HG3  sing N N 26  
ARG CD  NE   sing N N 27  
ARG CD  HD2  sing N N 28  
ARG CD  HD3  sing N N 29  
ARG NE  CZ   sing N N 30  
ARG NE  HE   sing N N 31  
ARG CZ  NH1  sing N N 32  
ARG CZ  NH2  doub N N 33  
ARG NH1 HH11 sing N N 34  
ARG NH1 HH12 sing N N 35  
ARG NH2 HH21 sing N N 36  
ARG NH2 HH22 sing N N 37  
ARG OXT HXT  sing N N 38  
ASN N   CA   sing N N 39  
ASN N   H    sing N N 40  
ASN N   H2   sing N N 41  
ASN CA  C    sing N N 42  
ASN CA  CB   sing N N 43  
ASN CA  HA   sing N N 44  
ASN C   O    doub N N 45  
ASN C   OXT  sing N N 46  
ASN CB  CG   sing N N 47  
ASN CB  HB2  sing N N 48  
ASN CB  HB3  sing N N 49  
ASN CG  OD1  doub N N 50  
ASN CG  ND2  sing N N 51  
ASN ND2 HD21 sing N N 52  
ASN ND2 HD22 sing N N 53  
ASN OXT HXT  sing N N 54  
ASP N   CA   sing N N 55  
ASP N   H    sing N N 56  
ASP N   H2   sing N N 57  
ASP CA  C    sing N N 58  
ASP CA  CB   sing N N 59  
ASP CA  HA   sing N N 60  
ASP C   O    doub N N 61  
ASP C   OXT  sing N N 62  
ASP CB  CG   sing N N 63  
ASP CB  HB2  sing N N 64  
ASP CB  HB3  sing N N 65  
ASP CG  OD1  doub N N 66  
ASP CG  OD2  sing N N 67  
ASP OD2 HD2  sing N N 68  
ASP OXT HXT  sing N N 69  
CYS N   CA   sing N N 70  
CYS N   H    sing N N 71  
CYS N   H2   sing N N 72  
CYS CA  C    sing N N 73  
CYS CA  CB   sing N N 74  
CYS CA  HA   sing N N 75  
CYS C   O    doub N N 76  
CYS C   OXT  sing N N 77  
CYS CB  SG   sing N N 78  
CYS CB  HB2  sing N N 79  
CYS CB  HB3  sing N N 80  
CYS SG  HG   sing N N 81  
CYS OXT HXT  sing N N 82  
GLN N   CA   sing N N 83  
GLN N   H    sing N N 84  
GLN N   H2   sing N N 85  
GLN CA  C    sing N N 86  
GLN CA  CB   sing N N 87  
GLN CA  HA   sing N N 88  
GLN C   O    doub N N 89  
GLN C   OXT  sing N N 90  
GLN CB  CG   sing N N 91  
GLN CB  HB2  sing N N 92  
GLN CB  HB3  sing N N 93  
GLN CG  CD   sing N N 94  
GLN CG  HG2  sing N N 95  
GLN CG  HG3  sing N N 96  
GLN CD  OE1  doub N N 97  
GLN CD  NE2  sing N N 98  
GLN NE2 HE21 sing N N 99  
GLN NE2 HE22 sing N N 100 
GLN OXT HXT  sing N N 101 
GLU N   CA   sing N N 102 
GLU N   H    sing N N 103 
GLU N   H2   sing N N 104 
GLU CA  C    sing N N 105 
GLU CA  CB   sing N N 106 
GLU CA  HA   sing N N 107 
GLU C   O    doub N N 108 
GLU C   OXT  sing N N 109 
GLU CB  CG   sing N N 110 
GLU CB  HB2  sing N N 111 
GLU CB  HB3  sing N N 112 
GLU CG  CD   sing N N 113 
GLU CG  HG2  sing N N 114 
GLU CG  HG3  sing N N 115 
GLU CD  OE1  doub N N 116 
GLU CD  OE2  sing N N 117 
GLU OE2 HE2  sing N N 118 
GLU OXT HXT  sing N N 119 
GLY N   CA   sing N N 120 
GLY N   H    sing N N 121 
GLY N   H2   sing N N 122 
GLY CA  C    sing N N 123 
GLY CA  HA2  sing N N 124 
GLY CA  HA3  sing N N 125 
GLY C   O    doub N N 126 
GLY C   OXT  sing N N 127 
GLY OXT HXT  sing N N 128 
HIS N   CA   sing N N 129 
HIS N   H    sing N N 130 
HIS N   H2   sing N N 131 
HIS CA  C    sing N N 132 
HIS CA  CB   sing N N 133 
HIS CA  HA   sing N N 134 
HIS C   O    doub N N 135 
HIS C   OXT  sing N N 136 
HIS CB  CG   sing N N 137 
HIS CB  HB2  sing N N 138 
HIS CB  HB3  sing N N 139 
HIS CG  ND1  sing Y N 140 
HIS CG  CD2  doub Y N 141 
HIS ND1 CE1  doub Y N 142 
HIS ND1 HD1  sing N N 143 
HIS CD2 NE2  sing Y N 144 
HIS CD2 HD2  sing N N 145 
HIS CE1 NE2  sing Y N 146 
HIS CE1 HE1  sing N N 147 
HIS NE2 HE2  sing N N 148 
HIS OXT HXT  sing N N 149 
HOH O   H1   sing N N 150 
HOH O   H2   sing N N 151 
ILE N   CA   sing N N 152 
ILE N   H    sing N N 153 
ILE N   H2   sing N N 154 
ILE CA  C    sing N N 155 
ILE CA  CB   sing N N 156 
ILE CA  HA   sing N N 157 
ILE C   O    doub N N 158 
ILE C   OXT  sing N N 159 
ILE CB  CG1  sing N N 160 
ILE CB  CG2  sing N N 161 
ILE CB  HB   sing N N 162 
ILE CG1 CD1  sing N N 163 
ILE CG1 HG12 sing N N 164 
ILE CG1 HG13 sing N N 165 
ILE CG2 HG21 sing N N 166 
ILE CG2 HG22 sing N N 167 
ILE CG2 HG23 sing N N 168 
ILE CD1 HD11 sing N N 169 
ILE CD1 HD12 sing N N 170 
ILE CD1 HD13 sing N N 171 
ILE OXT HXT  sing N N 172 
LEU N   CA   sing N N 173 
LEU N   H    sing N N 174 
LEU N   H2   sing N N 175 
LEU CA  C    sing N N 176 
LEU CA  CB   sing N N 177 
LEU CA  HA   sing N N 178 
LEU C   O    doub N N 179 
LEU C   OXT  sing N N 180 
LEU CB  CG   sing N N 181 
LEU CB  HB2  sing N N 182 
LEU CB  HB3  sing N N 183 
LEU CG  CD1  sing N N 184 
LEU CG  CD2  sing N N 185 
LEU CG  HG   sing N N 186 
LEU CD1 HD11 sing N N 187 
LEU CD1 HD12 sing N N 188 
LEU CD1 HD13 sing N N 189 
LEU CD2 HD21 sing N N 190 
LEU CD2 HD22 sing N N 191 
LEU CD2 HD23 sing N N 192 
LEU OXT HXT  sing N N 193 
LYS N   CA   sing N N 194 
LYS N   H    sing N N 195 
LYS N   H2   sing N N 196 
LYS CA  C    sing N N 197 
LYS CA  CB   sing N N 198 
LYS CA  HA   sing N N 199 
LYS C   O    doub N N 200 
LYS C   OXT  sing N N 201 
LYS CB  CG   sing N N 202 
LYS CB  HB2  sing N N 203 
LYS CB  HB3  sing N N 204 
LYS CG  CD   sing N N 205 
LYS CG  HG2  sing N N 206 
LYS CG  HG3  sing N N 207 
LYS CD  CE   sing N N 208 
LYS CD  HD2  sing N N 209 
LYS CD  HD3  sing N N 210 
LYS CE  NZ   sing N N 211 
LYS CE  HE2  sing N N 212 
LYS CE  HE3  sing N N 213 
LYS NZ  HZ1  sing N N 214 
LYS NZ  HZ2  sing N N 215 
LYS NZ  HZ3  sing N N 216 
LYS OXT HXT  sing N N 217 
MET N   CA   sing N N 218 
MET N   H    sing N N 219 
MET N   H2   sing N N 220 
MET CA  C    sing N N 221 
MET CA  CB   sing N N 222 
MET CA  HA   sing N N 223 
MET C   O    doub N N 224 
MET C   OXT  sing N N 225 
MET CB  CG   sing N N 226 
MET CB  HB2  sing N N 227 
MET CB  HB3  sing N N 228 
MET CG  SD   sing N N 229 
MET CG  HG2  sing N N 230 
MET CG  HG3  sing N N 231 
MET SD  CE   sing N N 232 
MET CE  HE1  sing N N 233 
MET CE  HE2  sing N N 234 
MET CE  HE3  sing N N 235 
MET OXT HXT  sing N N 236 
PHE N   CA   sing N N 237 
PHE N   H    sing N N 238 
PHE N   H2   sing N N 239 
PHE CA  C    sing N N 240 
PHE CA  CB   sing N N 241 
PHE CA  HA   sing N N 242 
PHE C   O    doub N N 243 
PHE C   OXT  sing N N 244 
PHE CB  CG   sing N N 245 
PHE CB  HB2  sing N N 246 
PHE CB  HB3  sing N N 247 
PHE CG  CD1  doub Y N 248 
PHE CG  CD2  sing Y N 249 
PHE CD1 CE1  sing Y N 250 
PHE CD1 HD1  sing N N 251 
PHE CD2 CE2  doub Y N 252 
PHE CD2 HD2  sing N N 253 
PHE CE1 CZ   doub Y N 254 
PHE CE1 HE1  sing N N 255 
PHE CE2 CZ   sing Y N 256 
PHE CE2 HE2  sing N N 257 
PHE CZ  HZ   sing N N 258 
PHE OXT HXT  sing N N 259 
SER N   CA   sing N N 260 
SER N   H    sing N N 261 
SER N   H2   sing N N 262 
SER CA  C    sing N N 263 
SER CA  CB   sing N N 264 
SER CA  HA   sing N N 265 
SER C   O    doub N N 266 
SER C   OXT  sing N N 267 
SER CB  OG   sing N N 268 
SER CB  HB2  sing N N 269 
SER CB  HB3  sing N N 270 
SER OG  HG   sing N N 271 
SER OXT HXT  sing N N 272 
THR N   CA   sing N N 273 
THR N   H    sing N N 274 
THR N   H2   sing N N 275 
THR CA  C    sing N N 276 
THR CA  CB   sing N N 277 
THR CA  HA   sing N N 278 
THR C   O    doub N N 279 
THR C   OXT  sing N N 280 
THR CB  OG1  sing N N 281 
THR CB  CG2  sing N N 282 
THR CB  HB   sing N N 283 
THR OG1 HG1  sing N N 284 
THR CG2 HG21 sing N N 285 
THR CG2 HG22 sing N N 286 
THR CG2 HG23 sing N N 287 
THR OXT HXT  sing N N 288 
VAL N   CA   sing N N 289 
VAL N   H    sing N N 290 
VAL N   H2   sing N N 291 
VAL CA  C    sing N N 292 
VAL CA  CB   sing N N 293 
VAL CA  HA   sing N N 294 
VAL C   O    doub N N 295 
VAL C   OXT  sing N N 296 
VAL CB  CG1  sing N N 297 
VAL CB  CG2  sing N N 298 
VAL CB  HB   sing N N 299 
VAL CG1 HG11 sing N N 300 
VAL CG1 HG12 sing N N 301 
VAL CG1 HG13 sing N N 302 
VAL CG2 HG21 sing N N 303 
VAL CG2 HG22 sing N N 304 
VAL CG2 HG23 sing N N 305 
VAL OXT HXT  sing N N 306 
# 
_atom_sites.entry_id                    5YR0 
_atom_sites.fract_transf_matrix[1][1]   0.00932051 
_atom_sites.fract_transf_matrix[1][2]   -0.02381953 
_atom_sites.fract_transf_matrix[1][3]   0.00096052 
_atom_sites.fract_transf_matrix[2][1]   0.02261478 
_atom_sites.fract_transf_matrix[2][2]   -0.00533629 
_atom_sites.fract_transf_matrix[2][3]   -0.01073550 
_atom_sites.fract_transf_matrix[3][1]   0.00284614 
_atom_sites.fract_transf_matrix[3][2]   0.00132882 
_atom_sites.fract_transf_matrix[3][3]   0.00533500 
_atom_sites.fract_transf_vector[1]      0.563181 
_atom_sites.fract_transf_vector[2]      1.073603 
_atom_sites.fract_transf_vector[3]      0.032883 
# 
loop_
_atom_type.symbol 
C 
N 
O 
S 
# 
loop_
_atom_site.group_PDB 
_atom_site.id 
_atom_site.type_symbol 
_atom_site.label_atom_id 
_atom_site.label_alt_id 
_atom_site.label_comp_id 
_atom_site.label_asym_id 
_atom_site.label_entity_id 
_atom_site.label_seq_id 
_atom_site.pdbx_PDB_ins_code 
_atom_site.Cartn_x 
_atom_site.Cartn_y 
_atom_site.Cartn_z 
_atom_site.occupancy 
_atom_site.B_iso_or_equiv 
_atom_site.pdbx_formal_charge 
_atom_site.auth_seq_id 
_atom_site.auth_comp_id 
_atom_site.auth_asym_id 
_atom_site.auth_atom_id 
_atom_site.pdbx_PDB_model_num 
ATOM   1   N N   . SER A 1 2  ? -27.600 4.987   21.261  1.00 85.91  ? 175 SER A N   1 
ATOM   2   C CA  . SER A 1 2  ? -28.229 5.443   19.970  1.00 93.69  ? 175 SER A CA  1 
ATOM   3   C C   . SER A 1 2  ? -27.464 6.652   19.414  1.00 90.45  ? 175 SER A C   1 
ATOM   4   O O   . SER A 1 2  ? -27.123 6.687   18.233  1.00 88.33  ? 175 SER A O   1 
ATOM   5   C CB  . SER A 1 2  ? -29.691 5.766   20.148  1.00 97.66  ? 175 SER A CB  1 
ATOM   6   O OG  . SER A 1 2  ? -29.857 7.081   20.661  1.00 109.51 ? 175 SER A OG  1 
ATOM   7   N N   . GLU A 1 3  ? -27.219 7.641   20.281  1.00 81.37  ? 176 GLU A N   1 
ATOM   8   C CA  . GLU A 1 3  ? -26.335 8.751   19.969  1.00 79.61  ? 176 GLU A CA  1 
ATOM   9   C C   . GLU A 1 3  ? -24.896 8.224   19.861  1.00 74.79  ? 176 GLU A C   1 
ATOM   10  O O   . GLU A 1 3  ? -24.214 8.470   18.867  1.00 70.62  ? 176 GLU A O   1 
ATOM   11  C CB  . GLU A 1 3  ? -26.455 9.852   21.028  1.00 77.81  ? 176 GLU A CB  1 
ATOM   12  C CG  . GLU A 1 3  ? -25.878 11.182  20.582  1.00 79.44  ? 176 GLU A CG  1 
ATOM   13  C CD  . GLU A 1 3  ? -24.358 11.255  20.546  1.00 86.13  ? 176 GLU A CD  1 
ATOM   14  O OE1 . GLU A 1 3  ? -23.705 10.319  21.057  1.00 91.67  ? 176 GLU A OE1 1 
ATOM   15  O OE2 . GLU A 1 3  ? -23.822 12.250  20.006  1.00 82.17  ? 176 GLU A OE2 1 
ATOM   16  N N   . GLN A 1 4  ? -24.440 7.522   20.906  1.00 71.87  ? 177 GLN A N   1 
ATOM   17  C CA  . GLN A 1 4  ? -23.076 6.965   20.963  1.00 70.45  ? 177 GLN A CA  1 
ATOM   18  C C   . GLN A 1 4  ? -22.798 6.166   19.682  1.00 65.95  ? 177 GLN A C   1 
ATOM   19  O O   . GLN A 1 4  ? -21.776 6.362   19.039  1.00 60.47  ? 177 GLN A O   1 
ATOM   20  C CB  . GLN A 1 4  ? -22.884 6.111   22.222  1.00 69.07  ? 177 GLN A CB  1 
ATOM   21  C CG  . GLN A 1 4  ? -22.380 6.912   23.415  1.00 72.34  ? 177 GLN A CG  1 
ATOM   22  C CD  . GLN A 1 4  ? -22.186 6.076   24.659  1.00 73.55  ? 177 GLN A CD  1 
ATOM   23  O OE1 . GLN A 1 4  ? -22.940 5.144   24.938  1.00 65.42  ? 177 GLN A OE1 1 
ATOM   24  N NE2 . GLN A 1 4  ? -21.163 6.412   25.428  1.00 73.96  ? 177 GLN A NE2 1 
ATOM   25  N N   . LEU A 1 5  ? -23.756 5.312   19.302  1.00 60.38  ? 178 LEU A N   1 
ATOM   26  C CA  . LEU A 1 5  ? -23.613 4.373   18.191  1.00 63.41  ? 178 LEU A CA  1 
ATOM   27  C C   . LEU A 1 5  ? -23.562 5.122   16.848  1.00 56.86  ? 178 LEU A C   1 
ATOM   28  O O   . LEU A 1 5  ? -22.982 4.610   15.862  1.00 41.92  ? 178 LEU A O   1 
ATOM   29  C CB  . LEU A 1 5  ? -24.773 3.371   18.247  1.00 67.06  ? 178 LEU A CB  1 
ATOM   30  C CG  . LEU A 1 5  ? -24.776 2.259   17.191  1.00 77.04  ? 178 LEU A CG  1 
ATOM   31  C CD1 . LEU A 1 5  ? -23.480 1.449   17.201  1.00 75.94  ? 178 LEU A CD1 1 
ATOM   32  C CD2 . LEU A 1 5  ? -25.979 1.343   17.386  1.00 81.67  ? 178 LEU A CD2 1 
ATOM   33  N N   . GLN A 1 6  ? -24.162 6.319   16.814  1.00 52.88  ? 179 GLN A N   1 
ATOM   34  C CA  . GLN A 1 6  ? -24.148 7.189   15.634  1.00 52.08  ? 179 GLN A CA  1 
ATOM   35  C C   . GLN A 1 6  ? -22.763 7.840   15.492  1.00 45.45  ? 179 GLN A C   1 
ATOM   36  O O   . GLN A 1 6  ? -22.214 7.905   14.368  1.00 37.32  ? 179 GLN A O   1 
ATOM   37  C CB  . GLN A 1 6  ? -25.283 8.213   15.722  1.00 53.83  ? 179 GLN A CB  1 
ATOM   38  C CG  . GLN A 1 6  ? -26.639 7.613   15.369  1.00 59.12  ? 179 GLN A CG  1 
ATOM   39  C CD  . GLN A 1 6  ? -27.816 8.523   15.632  1.00 58.11  ? 179 GLN A CD  1 
ATOM   40  O OE1 . GLN A 1 6  ? -27.677 9.663   16.075  1.00 61.95  ? 179 GLN A OE1 1 
ATOM   41  N NE2 . GLN A 1 6  ? -28.999 8.013   15.341  1.00 56.93  ? 179 GLN A NE2 1 
ATOM   42  N N   . ARG A 1 7  ? -22.235 8.331   16.621  1.00 38.44  ? 180 ARG A N   1 
ATOM   43  C CA  . ARG A 1 7  ? -20.887 8.869   16.728  1.00 41.94  ? 180 ARG A CA  1 
ATOM   44  C C   . ARG A 1 7  ? -19.873 7.765   16.418  1.00 38.79  ? 180 ARG A C   1 
ATOM   45  O O   . ARG A 1 7  ? -18.846 8.025   15.845  1.00 40.24  ? 180 ARG A O   1 
ATOM   46  C CB  . ARG A 1 7  ? -20.621 9.420   18.132  1.00 48.29  ? 180 ARG A CB  1 
ATOM   47  C CG  . ARG A 1 7  ? -19.152 9.679   18.454  1.00 56.01  ? 180 ARG A CG  1 
ATOM   48  C CD  . ARG A 1 7  ? -18.880 9.668   19.955  1.00 63.22  ? 180 ARG A CD  1 
ATOM   49  N NE  . ARG A 1 7  ? -19.515 10.810  20.610  1.00 74.33  ? 180 ARG A NE  1 
ATOM   50  C CZ  . ARG A 1 7  ? -20.524 10.746  21.483  1.00 73.46  ? 180 ARG A CZ  1 
ATOM   51  N NH1 . ARG A 1 7  ? -20.678 9.687   22.261  1.00 70.38  ? 180 ARG A NH1 1 
ATOM   52  N NH2 . ARG A 1 7  ? -21.379 11.753  21.568  1.00 68.94  ? 180 ARG A NH2 1 
ATOM   53  N N   . GLU A 1 8  ? -20.180 6.539   16.847  1.00 39.77  ? 181 GLU A N   1 
ATOM   54  C CA  . GLU A 1 8  ? -19.334 5.382   16.621  1.00 38.99  ? 181 GLU A CA  1 
ATOM   55  C C   . GLU A 1 8  ? -19.204 5.124   15.114  1.00 30.70  ? 181 GLU A C   1 
ATOM   56  O O   . GLU A 1 8  ? -18.109 4.936   14.595  1.00 28.95  ? 181 GLU A O   1 
ATOM   57  C CB  . GLU A 1 8  ? -19.902 4.169   17.367  1.00 46.85  ? 181 GLU A CB  1 
ATOM   58  C CG  . GLU A 1 8  ? -19.689 2.836   16.666  1.00 54.49  ? 181 GLU A CG  1 
ATOM   59  C CD  . GLU A 1 8  ? -19.880 1.592   17.525  1.00 64.71  ? 181 GLU A CD  1 
ATOM   60  O OE1 . GLU A 1 8  ? -20.380 1.727   18.675  1.00 78.65  ? 181 GLU A OE1 1 
ATOM   61  O OE2 . GLU A 1 8  ? -19.542 0.478   17.040  1.00 67.69  ? 181 GLU A OE2 1 
ATOM   62  N N   . LEU A 1 9  ? -20.344 5.095   14.435  1.00 26.19  ? 182 LEU A N   1 
ATOM   63  C CA  . LEU A 1 9  ? -20.453 4.851   12.997  1.00 26.03  ? 182 LEU A CA  1 
ATOM   64  C C   . LEU A 1 9  ? -19.627 5.890   12.231  1.00 24.33  ? 182 LEU A C   1 
ATOM   65  O O   . LEU A 1 9  ? -18.962 5.534   11.275  1.00 22.29  ? 182 LEU A O   1 
ATOM   66  C CB  . LEU A 1 9  ? -21.937 4.901   12.609  1.00 27.57  ? 182 LEU A CB  1 
ATOM   67  C CG  . LEU A 1 9  ? -22.337 4.271   11.281  1.00 30.93  ? 182 LEU A CG  1 
ATOM   68  C CD1 . LEU A 1 9  ? -22.228 2.762   11.304  1.00 35.12  ? 182 LEU A CD1 1 
ATOM   69  C CD2 . LEU A 1 9  ? -23.766 4.657   10.903  1.00 36.78  ? 182 LEU A CD2 1 
ATOM   70  N N   . LYS A 1 10 ? -19.681 7.170   12.652  1.00 20.41  ? 183 LYS A N   1 
ATOM   71  C CA  . LYS A 1 10 ? -18.964 8.216   11.962  1.00 21.80  ? 183 LYS A CA  1 
ATOM   72  C C   . LYS A 1 10 ? -17.455 7.964   12.106  1.00 19.73  ? 183 LYS A C   1 
ATOM   73  O O   . LYS A 1 10 ? -16.683 8.147   11.146  1.00 17.50  ? 183 LYS A O   1 
ATOM   74  C CB  . LYS A 1 10 ? -19.354 9.585   12.533  1.00 24.05  ? 183 LYS A CB  1 
ATOM   75  C CG  . LYS A 1 10 ? -18.569 10.757  11.968  1.00 30.74  ? 183 LYS A CG  1 
ATOM   76  C CD  . LYS A 1 10 ? -19.069 12.089  12.482  1.00 38.33  ? 183 LYS A CD  1 
ATOM   77  C CE  . LYS A 1 10 ? -18.306 13.257  11.899  1.00 45.37  ? 183 LYS A CE  1 
ATOM   78  N NZ  . LYS A 1 10 ? -19.218 14.383  11.591  1.00 50.39  ? 183 LYS A NZ  1 
ATOM   79  N N   . GLU A 1 11 ? -17.026 7.567   13.317  1.00 17.84  ? 184 GLU A N   1 
ATOM   80  C CA  . GLU A 1 11 ? -15.585 7.360   13.584  1.00 18.83  ? 184 GLU A CA  1 
ATOM   81  C C   . GLU A 1 11 ? -15.082 6.131   12.824  1.00 15.99  ? 184 GLU A C   1 
ATOM   82  O O   . GLU A 1 11 ? -13.947 6.117   12.323  1.00 14.90  ? 184 GLU A O   1 
ATOM   83  C CB  . GLU A 1 11 ? -15.292 7.281   15.097  1.00 22.48  ? 184 GLU A CB  1 
ATOM   84  C CG  . GLU A 1 11 ? -13.813 7.048   15.465  1.00 29.41  ? 184 GLU A CG  1 
ATOM   85  C CD  . GLU A 1 11 ? -12.711 7.842   14.735  1.00 35.29  ? 184 GLU A CD  1 
ATOM   86  O OE1 . GLU A 1 11 ? -11.725 7.189   14.265  1.00 33.39  ? 184 GLU A OE1 1 
ATOM   87  O OE2 . GLU A 1 11 ? -12.796 9.115   14.651  1.00 30.28  ? 184 GLU A OE2 1 
ATOM   88  N N   . LEU A 1 12 ? -15.897 5.079   12.753  1.00 15.75  ? 185 LEU A N   1 
ATOM   89  C CA  . LEU A 1 12 ? -15.524 3.884   11.984  1.00 16.71  ? 185 LEU A CA  1 
ATOM   90  C C   . LEU A 1 12 ? -15.361 4.259   10.507  1.00 15.05  ? 185 LEU A C   1 
ATOM   91  O O   . LEU A 1 12 ? -14.423 3.793   9.853   1.00 13.43  ? 185 LEU A O   1 
ATOM   92  C CB  . LEU A 1 12 ? -16.569 2.789   12.165  1.00 17.81  ? 185 LEU A CB  1 
ATOM   93  C CG  . LEU A 1 12 ? -16.537 2.068   13.503  1.00 21.40  ? 185 LEU A CG  1 
ATOM   94  C CD1 . LEU A 1 12 ? -17.724 1.144   13.593  1.00 24.33  ? 185 LEU A CD1 1 
ATOM   95  C CD2 . LEU A 1 12 ? -15.230 1.301   13.686  1.00 23.01  ? 185 LEU A CD2 1 
ATOM   96  N N   . ALA A 1 13 ? -16.285 5.049   9.941   1.00 13.58  ? 186 ALA A N   1 
ATOM   97  C CA  . ALA A 1 13 ? -16.142 5.439   8.549   1.00 12.87  ? 186 ALA A CA  1 
ATOM   98  C C   . ALA A 1 13 ? -14.807 6.189   8.331   1.00 12.56  ? 186 ALA A C   1 
ATOM   99  O O   . ALA A 1 13 ? -14.173 5.989   7.332   1.00 10.50  ? 186 ALA A O   1 
ATOM   100 C CB  . ALA A 1 13 ? -17.324 6.249   8.050   1.00 13.65  ? 186 ALA A CB  1 
ATOM   101 N N   . LEU A 1 14 ? -14.413 7.119   9.217   1.00 11.49  ? 187 LEU A N   1 
ATOM   102 C CA  . LEU A 1 14 ? -13.175 7.837   9.031   1.00 13.54  ? 187 LEU A CA  1 
ATOM   103 C C   . LEU A 1 14 ? -11.975 6.874   9.062   1.00 13.01  ? 187 LEU A C   1 
ATOM   104 O O   . LEU A 1 14 ? -10.949 7.093   8.380   1.00 13.71  ? 187 LEU A O   1 
ATOM   105 C CB  . LEU A 1 14 ? -13.012 8.857   10.167  1.00 15.54  ? 187 LEU A CB  1 
ATOM   106 C CG  . LEU A 1 14 ? -14.014 9.996   10.170  1.00 17.79  ? 187 LEU A CG  1 
ATOM   107 C CD1 . LEU A 1 14 ? -13.940 10.730  11.490  1.00 22.12  ? 187 LEU A CD1 1 
ATOM   108 C CD2 . LEU A 1 14 ? -13.747 10.974  9.027   1.00 19.92  ? 187 LEU A CD2 1 
ATOM   109 N N   . GLU A 1 15 ? -12.062 5.856   9.914   1.00 12.70  ? 188 GLU A N   1 
ATOM   110 C CA  A GLU A 1 15 ? -10.975 4.856   10.023  0.50 12.80  ? 188 GLU A CA  1 
ATOM   111 C CA  B GLU A 1 15 ? -11.000 4.844   10.034  0.50 12.61  ? 188 GLU A CA  1 
ATOM   112 C C   . GLU A 1 15 ? -10.938 4.015   8.746   1.00 12.60  ? 188 GLU A C   1 
ATOM   113 O O   . GLU A 1 15 ? -9.865  3.786   8.188   1.00 11.41  ? 188 GLU A O   1 
ATOM   114 C CB  A GLU A 1 15 ? -11.134 4.011   11.287  0.50 14.05  ? 188 GLU A CB  1 
ATOM   115 C CB  B GLU A 1 15 ? -11.245 3.946   11.246  0.50 13.58  ? 188 GLU A CB  1 
ATOM   116 C CG  A GLU A 1 15 ? -10.918 4.840   12.533  0.50 14.24  ? 188 GLU A CG  1 
ATOM   117 C CG  B GLU A 1 15 ? -10.314 2.762   11.282  0.50 13.35  ? 188 GLU A CG  1 
ATOM   118 C CD  A GLU A 1 15 ? -10.942 4.099   13.856  0.50 15.46  ? 188 GLU A CD  1 
ATOM   119 C CD  B GLU A 1 15 ? -10.373 1.944   12.551  0.50 14.67  ? 188 GLU A CD  1 
ATOM   120 O OE1 A GLU A 1 15 ? -10.297 3.032   13.965  0.50 16.18  ? 188 GLU A OE1 1 
ATOM   121 O OE1 B GLU A 1 15 ? -11.056 2.386   13.516  0.50 15.71  ? 188 GLU A OE1 1 
ATOM   122 O OE2 A GLU A 1 15 ? -11.562 4.612   14.788  0.50 15.88  ? 188 GLU A OE2 1 
ATOM   123 O OE2 B GLU A 1 15 ? -9.749  0.851   12.557  0.50 14.40  ? 188 GLU A OE2 1 
ATOM   124 N N   . GLU A 1 16 ? -12.116 3.611   8.235   1.00 10.52  ? 189 GLU A N   1 
ATOM   125 C CA  . GLU A 1 16 ? -12.167 2.875   7.019   1.00 11.04  ? 189 GLU A CA  1 
ATOM   126 C C   . GLU A 1 16 ? -11.568 3.713   5.891   1.00 10.12  ? 189 GLU A C   1 
ATOM   127 O O   . GLU A 1 16 ? -10.760 3.211   5.083   1.00 8.99   ? 189 GLU A O   1 
ATOM   128 C CB  . GLU A 1 16 ? -13.586 2.414   6.691   1.00 12.28  ? 189 GLU A CB  1 
ATOM   129 C CG  . GLU A 1 16 ? -13.563 1.543   5.450   1.00 13.20  ? 189 GLU A CG  1 
ATOM   130 C CD  . GLU A 1 16 ? -14.820 1.420   4.637   1.00 15.81  ? 189 GLU A CD  1 
ATOM   131 O OE1 . GLU A 1 16 ? -15.739 2.259   4.836   1.00 13.45  ? 189 GLU A OE1 1 
ATOM   132 O OE2 . GLU A 1 16 ? -14.838 0.494   3.755   1.00 16.71  ? 189 GLU A OE2 1 
ATOM   133 N N   . GLU A 1 17 ? -11.954 4.992   5.813   1.00 9.29   ? 190 GLU A N   1 
ATOM   134 C CA  . GLU A 1 17 ? -11.454 5.866   4.772   1.00 10.57  ? 190 GLU A CA  1 
ATOM   135 C C   . GLU A 1 17 ? -9.928  6.025   4.875   1.00 11.23  ? 190 GLU A C   1 
ATOM   136 O O   . GLU A 1 17 ? -9.273  6.126   3.896   1.00 9.89   ? 190 GLU A O   1 
ATOM   137 C CB  . GLU A 1 17 ? -12.152 7.227   4.880   1.00 10.66  ? 190 GLU A CB  1 
ATOM   138 C CG  . GLU A 1 17 ? -13.642 7.146   4.614   1.00 11.97  ? 190 GLU A CG  1 
ATOM   139 C CD  . GLU A 1 17 ? -14.488 8.278   5.189   1.00 13.26  ? 190 GLU A CD  1 
ATOM   140 O OE1 . GLU A 1 17 ? -13.885 9.282   5.659   1.00 12.90  ? 190 GLU A OE1 1 
ATOM   141 O OE2 . GLU A 1 17 ? -15.725 8.116   5.170   1.00 13.44  ? 190 GLU A OE2 1 
ATOM   142 N N   . ARG A 1 18 ? -9.395  6.134   6.101   1.00 12.69  ? 191 ARG A N   1 
ATOM   143 C CA  . ARG A 1 18 ? -7.942  6.325   6.284   1.00 13.19  ? 191 ARG A CA  1 
ATOM   144 C C   . ARG A 1 18 ? -7.181  5.075   5.789   1.00 12.86  ? 191 ARG A C   1 
ATOM   145 O O   . ARG A 1 18 ? -6.154  5.215   5.094   1.00 10.64  ? 191 ARG A O   1 
ATOM   146 C CB  . ARG A 1 18 ? -7.592  6.661   7.742   1.00 15.30  ? 191 ARG A CB  1 
ATOM   147 C CG  . ARG A 1 18 ? -6.094  6.649   8.032   1.00 18.86  ? 191 ARG A CG  1 
ATOM   148 C CD  . ARG A 1 18 ? -5.741  6.660   9.524   1.00 21.77  ? 191 ARG A CD  1 
ATOM   149 N NE  . ARG A 1 18 ? -6.087  5.456   10.273  1.00 24.36  ? 191 ARG A NE  1 
ATOM   150 C CZ  . ARG A 1 18 ? -5.277  4.396   10.427  1.00 28.94  ? 191 ARG A CZ  1 
ATOM   151 N NH1 . ARG A 1 18 ? -4.105  4.343   9.812   1.00 36.58  ? 191 ARG A NH1 1 
ATOM   152 N NH2 . ARG A 1 18 ? -5.616  3.377   11.193  1.00 31.68  ? 191 ARG A NH2 1 
ATOM   153 N N   . LEU A 1 19 ? -7.714  3.878   6.088   1.00 11.56  ? 192 LEU A N   1 
ATOM   154 C CA  . LEU A 1 19 ? -7.098  2.625   5.628   1.00 11.53  ? 192 LEU A CA  1 
ATOM   155 C C   . LEU A 1 19 ? -7.110  2.561   4.096   1.00 10.22  ? 192 LEU A C   1 
ATOM   156 O O   . LEU A 1 19 ? -6.124  2.122   3.520   1.00 9.25   ? 192 LEU A O   1 
ATOM   157 C CB  . LEU A 1 19 ? -7.790  1.427   6.253   1.00 10.98  ? 192 LEU A CB  1 
ATOM   158 C CG  . LEU A 1 19 ? -7.478  1.238   7.727   1.00 12.03  ? 192 LEU A CG  1 
ATOM   159 C CD1 . LEU A 1 19 ? -8.433  0.257   8.372   1.00 12.63  ? 192 LEU A CD1 1 
ATOM   160 C CD2 . LEU A 1 19 ? -6.017  0.816   7.952   1.00 12.74  ? 192 LEU A CD2 1 
ATOM   161 N N   . ILE A 1 20 ? -8.221  2.960   3.470   1.00 8.83   ? 193 ILE A N   1 
ATOM   162 C CA  . ILE A 1 20 ? -8.318  2.975   2.022   1.00 9.76   ? 193 ILE A CA  1 
ATOM   163 C C   . ILE A 1 20 ? -7.267  3.938   1.452   1.00 9.82   ? 193 ILE A C   1 
ATOM   164 O O   . ILE A 1 20 ? -6.624  3.618   0.512   1.00 9.94   ? 193 ILE A O   1 
ATOM   165 C CB  . ILE A 1 20 ? -9.750  3.316   1.536   1.00 9.61   ? 193 ILE A CB  1 
ATOM   166 C CG1 . ILE A 1 20 ? -10.750 2.256   1.996   1.00 9.75   ? 193 ILE A CG1 1 
ATOM   167 C CG2 . ILE A 1 20 ? -9.755  3.518   0.016   1.00 9.81   ? 193 ILE A CG2 1 
ATOM   168 C CD1 . ILE A 1 20 ? -12.222 2.633   1.802   1.00 9.78   ? 193 ILE A CD1 1 
ATOM   169 N N   . GLN A 1 21 ? -7.083  5.116   2.062   1.00 11.06  ? 194 GLN A N   1 
ATOM   170 C CA  . GLN A 1 21 ? -6.146  6.103   1.591   1.00 10.62  ? 194 GLN A CA  1 
ATOM   171 C C   . GLN A 1 21 ? -4.723  5.552   1.731   1.00 10.53  ? 194 GLN A C   1 
ATOM   172 O O   . GLN A 1 21 ? -3.901  5.720   0.829   1.00 9.54   ? 194 GLN A O   1 
ATOM   173 C CB  . GLN A 1 21 ? -6.233  7.415   2.373   1.00 11.61  ? 194 GLN A CB  1 
ATOM   174 C CG  . GLN A 1 21 ? -5.392  8.551   1.752   1.00 13.59  ? 194 GLN A CG  1 
ATOM   175 C CD  . GLN A 1 21 ? -5.804  8.883   0.340   1.00 15.36  ? 194 GLN A CD  1 
ATOM   176 O OE1 . GLN A 1 21 ? -6.970  9.205   0.083   1.00 15.97  ? 194 GLN A OE1 1 
ATOM   177 N NE2 . GLN A 1 21 ? -4.863  8.779   -0.593  1.00 15.40  ? 194 GLN A NE2 1 
ATOM   178 N N   . GLU A 1 22 ? -4.465  4.882   2.849   1.00 10.86  ? 195 GLU A N   1 
ATOM   179 C CA  . GLU A 1 22 ? -3.174  4.349   3.115   1.00 12.59  ? 195 GLU A CA  1 
ATOM   180 C C   . GLU A 1 22 ? -2.830  3.280   2.069   1.00 10.17  ? 195 GLU A C   1 
ATOM   181 O O   . GLU A 1 22 ? -1.703  3.222   1.630   1.00 8.53   ? 195 GLU A O   1 
ATOM   182 C CB  . GLU A 1 22 ? -3.093  3.763   4.515   1.00 15.64  ? 195 GLU A CB  1 
ATOM   183 C CG  . GLU A 1 22 ? -3.041  4.826   5.564   1.00 19.40  ? 195 GLU A CG  1 
ATOM   184 C CD  . GLU A 1 22 ? -3.081  4.281   6.975   1.00 22.62  ? 195 GLU A CD  1 
ATOM   185 O OE1 . GLU A 1 22 ? -3.371  3.092   7.132   1.00 27.59  ? 195 GLU A OE1 1 
ATOM   186 O OE2 . GLU A 1 22 ? -2.868  5.093   7.911   1.00 27.33  ? 195 GLU A OE2 1 
ATOM   187 N N   . LEU A 1 23 ? -3.785  2.393   1.743   1.00 9.39   ? 196 LEU A N   1 
ATOM   188 C CA  A LEU A 1 23 ? -3.595  1.377   0.691   0.50 9.25   ? 196 LEU A CA  1 
ATOM   189 C CA  B LEU A 1 23 ? -3.593  1.387   0.683   0.50 10.09  ? 196 LEU A CA  1 
ATOM   190 C C   . LEU A 1 23 ? -3.301  2.063   -0.661  1.00 9.90   ? 196 LEU A C   1 
ATOM   191 O O   . LEU A 1 23 ? -2.419  1.674   -1.385  1.00 9.00   ? 196 LEU A O   1 
ATOM   192 C CB  A LEU A 1 23 ? -4.866  0.512   0.646   0.50 8.62   ? 196 LEU A CB  1 
ATOM   193 C CB  B LEU A 1 23 ? -4.858  0.538   0.550   0.50 10.52  ? 196 LEU A CB  1 
ATOM   194 C CG  A LEU A 1 23 ? -4.802  -0.808  -0.117  0.50 8.11   ? 196 LEU A CG  1 
ATOM   195 C CG  B LEU A 1 23 ? -4.931  -0.686  1.444   0.50 11.20  ? 196 LEU A CG  1 
ATOM   196 C CD1 A LEU A 1 23 ? -3.531  -1.601  0.214   0.50 7.81   ? 196 LEU A CD1 1 
ATOM   197 C CD1 B LEU A 1 23 ? -6.378  -1.150  1.507   0.50 11.74  ? 196 LEU A CD1 1 
ATOM   198 C CD2 A LEU A 1 23 ? -6.072  -1.598  0.158   0.50 8.15   ? 196 LEU A CD2 1 
ATOM   199 C CD2 B LEU A 1 23 ? -4.032  -1.793  0.907   0.50 11.50  ? 196 LEU A CD2 1 
ATOM   200 N N   A GLU A 1 24 ? -4.081  3.087   -0.994  0.50 9.50   ? 197 GLU A N   1 
ATOM   201 N N   B GLU A 1 24 ? -4.054  3.101   -0.974  0.50 9.69   ? 197 GLU A N   1 
ATOM   202 C CA  A GLU A 1 24 ? -3.855  3.867   -2.208  0.50 10.58  ? 197 GLU A CA  1 
ATOM   203 C CA  B GLU A 1 24 ? -3.876  3.806   -2.212  0.50 10.82  ? 197 GLU A CA  1 
ATOM   204 C C   A GLU A 1 24 ? -2.411  4.364   -2.257  0.50 10.45  ? 197 GLU A C   1 
ATOM   205 C C   B GLU A 1 24 ? -2.470  4.440   -2.271  0.50 10.56  ? 197 GLU A C   1 
ATOM   206 O O   A GLU A 1 24 ? -1.750  4.282   -3.293  0.50 10.86  ? 197 GLU A O   1 
ATOM   207 O O   B GLU A 1 24 ? -1.867  4.499   -3.343  0.50 10.90  ? 197 GLU A O   1 
ATOM   208 C CB  A GLU A 1 24 ? -4.716  5.123   -2.242  0.50 10.99  ? 197 GLU A CB  1 
ATOM   209 C CB  B GLU A 1 24 ? -4.993  4.834   -2.322  0.50 11.41  ? 197 GLU A CB  1 
ATOM   210 C CG  A GLU A 1 24 ? -6.161  4.840   -2.583  0.50 11.29  ? 197 GLU A CG  1 
ATOM   211 C CG  B GLU A 1 24 ? -5.025  5.559   -3.641  0.50 12.12  ? 197 GLU A CG  1 
ATOM   212 C CD  A GLU A 1 24 ? -7.025  6.071   -2.762  0.50 12.20  ? 197 GLU A CD  1 
ATOM   213 C CD  B GLU A 1 24 ? -5.826  6.841   -3.556  0.50 12.54  ? 197 GLU A CD  1 
ATOM   214 O OE1 A GLU A 1 24 ? -6.829  6.771   -3.744  0.50 13.65  ? 197 GLU A OE1 1 
ATOM   215 O OE1 B GLU A 1 24 ? -6.704  6.916   -2.683  0.50 12.67  ? 197 GLU A OE1 1 
ATOM   216 O OE2 A GLU A 1 24 ? -7.872  6.331   -1.913  0.50 13.30  ? 197 GLU A OE2 1 
ATOM   217 O OE2 B GLU A 1 24 ? -5.591  7.732   -4.388  0.50 14.87  ? 197 GLU A OE2 1 
ATOM   218 N N   . ASP A 1 25 ? -1.944  4.888   -1.129  1.00 10.40  ? 198 ASP A N   1 
ATOM   219 C CA  . ASP A 1 25 ? -0.632  5.507   -1.080  1.00 12.03  ? 198 ASP A CA  1 
ATOM   220 C C   . ASP A 1 25 ? 0.459   4.458   -1.231  1.00 11.01  ? 198 ASP A C   1 
ATOM   221 O O   . ASP A 1 25 ? 1.456   4.703   -1.889  1.00 9.77   ? 198 ASP A O   1 
ATOM   222 C CB  . ASP A 1 25 ? -0.478  6.325   0.197   1.00 14.75  ? 198 ASP A CB  1 
ATOM   223 C CG  . ASP A 1 25 ? -1.344  7.582   0.241   1.00 16.28  ? 198 ASP A CG  1 
ATOM   224 O OD1 . ASP A 1 25 ? -1.839  8.028   -0.815  1.00 20.17  ? 198 ASP A OD1 1 
ATOM   225 O OD2 . ASP A 1 25 ? -1.531  8.052   1.357   1.00 21.20  ? 198 ASP A OD2 1 
ATOM   226 N N   . VAL A 1 26 ? 0.247   3.268   -0.637  1.00 10.38  ? 199 VAL A N   1 
ATOM   227 C CA  . VAL A 1 26 ? 1.182   2.154   -0.805  1.00 11.54  ? 199 VAL A CA  1 
ATOM   228 C C   . VAL A 1 26 ? 1.211   1.738   -2.271  1.00 11.31  ? 199 VAL A C   1 
ATOM   229 O O   . VAL A 1 26 ? 2.339   1.593   -2.789  1.00 10.39  ? 199 VAL A O   1 
ATOM   230 C CB  . VAL A 1 26 ? 0.851   0.959   0.118   1.00 12.06  ? 199 VAL A CB  1 
ATOM   231 C CG1 . VAL A 1 26 ? 1.590   -0.321  -0.295  1.00 12.98  ? 199 VAL A CG1 1 
ATOM   232 C CG2 . VAL A 1 26 ? 1.128   1.342   1.550   1.00 13.20  ? 199 VAL A CG2 1 
ATOM   233 N N   . GLU A 1 27 ? 0.044   1.658   -2.953  1.00 10.59  ? 200 GLU A N   1 
ATOM   234 C CA  A GLU A 1 27 ? 0.025   1.352   -4.382  0.50 11.23  ? 200 GLU A CA  1 
ATOM   235 C CA  B GLU A 1 27 ? -0.053  1.397   -4.410  0.50 11.56  ? 200 GLU A CA  1 
ATOM   236 C C   . GLU A 1 27 ? 0.790   2.408   -5.195  1.00 11.57  ? 200 GLU A C   1 
ATOM   237 O O   . GLU A 1 27 ? 1.569   2.032   -6.059  1.00 12.35  ? 200 GLU A O   1 
ATOM   238 C CB  A GLU A 1 27 ? -1.409  1.147   -4.869  0.50 11.19  ? 200 GLU A CB  1 
ATOM   239 C CB  B GLU A 1 27 ? -1.470  1.517   -4.996  0.50 12.00  ? 200 GLU A CB  1 
ATOM   240 C CG  A GLU A 1 27 ? -1.994  -0.158  -4.348  0.50 11.38  ? 200 GLU A CG  1 
ATOM   241 C CG  B GLU A 1 27 ? -2.572  0.749   -4.279  0.50 12.84  ? 200 GLU A CG  1 
ATOM   242 C CD  A GLU A 1 27 ? -3.472  -0.083  -4.062  0.50 11.13  ? 200 GLU A CD  1 
ATOM   243 C CD  B GLU A 1 27 ? -2.323  -0.710  -3.939  0.50 13.43  ? 200 GLU A CD  1 
ATOM   244 O OE1 A GLU A 1 27 ? -4.079  0.880   -4.556  0.50 10.73  ? 200 GLU A OE1 1 
ATOM   245 O OE1 B GLU A 1 27 ? -1.152  -1.192  -4.081  0.50 13.77  ? 200 GLU A OE1 1 
ATOM   246 O OE2 A GLU A 1 27 ? -3.963  -0.904  -3.244  0.50 11.32  ? 200 GLU A OE2 1 
ATOM   247 O OE2 B GLU A 1 27 ? -3.313  -1.373  -3.547  0.50 14.88  ? 200 GLU A OE2 1 
ATOM   248 N N   A LYS A 1 28 ? 0.597   3.702   -4.903  0.50 11.18  ? 201 LYS A N   1 
ATOM   249 N N   B LYS A 1 28 ? 0.592   3.708   -4.935  0.50 10.94  ? 201 LYS A N   1 
ATOM   250 C CA  A LYS A 1 28 ? 1.342   4.785   -5.565  0.50 12.67  ? 201 LYS A CA  1 
ATOM   251 C CA  B LYS A 1 28 ? 1.321   4.763   -5.648  0.50 12.17  ? 201 LYS A CA  1 
ATOM   252 C C   A LYS A 1 28 ? 2.850   4.500   -5.478  0.50 12.05  ? 201 LYS A C   1 
ATOM   253 C C   B LYS A 1 28 ? 2.828   4.478   -5.560  0.50 11.75  ? 201 LYS A C   1 
ATOM   254 O O   A LYS A 1 28 ? 3.571   4.575   -6.492  0.50 11.49  ? 201 LYS A O   1 
ATOM   255 O O   B LYS A 1 28 ? 3.544   4.523   -6.580  0.50 11.04  ? 201 LYS A O   1 
ATOM   256 C CB  A LYS A 1 28 ? 1.036   6.145   -4.928  0.50 14.38  ? 201 LYS A CB  1 
ATOM   257 C CB  B LYS A 1 28 ? 1.026   6.156   -5.082  0.50 13.49  ? 201 LYS A CB  1 
ATOM   258 C CG  A LYS A 1 28 ? -0.444  6.399   -4.674  0.50 16.65  ? 201 LYS A CG  1 
ATOM   259 C CG  B LYS A 1 28 ? -0.241  6.820   -5.606  0.50 15.42  ? 201 LYS A CG  1 
ATOM   260 C CD  A LYS A 1 28 ? -0.728  7.810   -4.151  0.50 17.98  ? 201 LYS A CD  1 
ATOM   261 C CD  B LYS A 1 28 ? -0.263  8.316   -5.262  0.50 16.20  ? 201 LYS A CD  1 
ATOM   262 C CE  A LYS A 1 28 ? -2.133  8.294   -4.419  0.50 19.90  ? 201 LYS A CE  1 
ATOM   263 C CE  B LYS A 1 28 ? 1.095   8.825   -4.827  0.50 17.24  ? 201 LYS A CE  1 
ATOM   264 N NZ  A LYS A 1 28 ? -2.322  8.655   -5.846  0.50 22.50  ? 201 LYS A NZ  1 
ATOM   265 N NZ  B LYS A 1 28 ? 1.357   10.209  -5.318  0.50 19.73  ? 201 LYS A NZ  1 
ATOM   266 N N   A ASN A 1 29 ? 3.298   4.146   -4.275  0.50 11.59  ? 202 ASN A N   1 
ATOM   267 N N   B ASN A 1 29 ? 3.277   4.147   -4.353  0.50 11.32  ? 202 ASN A N   1 
ATOM   268 C CA  A ASN A 1 29 ? 4.689   3.848   -4.004  0.50 11.23  ? 202 ASN A CA  1 
ATOM   269 C CA  B ASN A 1 29 ? 4.678   3.916   -4.076  0.50 11.10  ? 202 ASN A CA  1 
ATOM   270 C C   A ASN A 1 29 ? 5.152   2.633   -4.799  0.50 10.46  ? 202 ASN A C   1 
ATOM   271 C C   B ASN A 1 29 ? 5.162   2.636   -4.773  0.50 10.35  ? 202 ASN A C   1 
ATOM   272 O O   A ASN A 1 29 ? 6.248   2.632   -5.367  0.50 10.18  ? 202 ASN A O   1 
ATOM   273 O O   B ASN A 1 29 ? 6.284   2.608   -5.299  0.50 10.08  ? 202 ASN A O   1 
ATOM   274 C CB  A ASN A 1 29 ? 4.939   3.575   -2.528  0.50 12.65  ? 202 ASN A CB  1 
ATOM   275 C CB  B ASN A 1 29 ? 4.947   3.935   -2.573  0.50 12.33  ? 202 ASN A CB  1 
ATOM   276 C CG  A ASN A 1 29 ? 6.363   3.871   -2.110  0.50 13.70  ? 202 ASN A CG  1 
ATOM   277 C CG  B ASN A 1 29 ? 4.783   5.295   -1.912  0.50 13.47  ? 202 ASN A CG  1 
ATOM   278 O OD1 A ASN A 1 29 ? 7.298   3.835   -2.924  0.50 15.88  ? 202 ASN A OD1 1 
ATOM   279 O OD1 B ASN A 1 29 ? 5.255   6.333   -2.398  0.50 14.48  ? 202 ASN A OD1 1 
ATOM   280 N ND2 A ASN A 1 29 ? 6.526   4.227   -0.850  0.50 13.94  ? 202 ASN A ND2 1 
ATOM   281 N ND2 B ASN A 1 29 ? 4.140   5.292   -0.757  0.50 13.81  ? 202 ASN A ND2 1 
ATOM   282 N N   . ARG A 1 30 ? 4.359   1.554   -4.781  1.00 9.61   ? 203 ARG A N   1 
ATOM   283 C CA  . ARG A 1 30 ? 4.750   0.354   -5.500  1.00 9.32   ? 203 ARG A CA  1 
ATOM   284 C C   . ARG A 1 30 ? 4.866   0.637   -7.005  1.00 9.98   ? 203 ARG A C   1 
ATOM   285 O O   . ARG A 1 30 ? 5.744   0.063   -7.663  1.00 9.41   ? 203 ARG A O   1 
ATOM   286 C CB  . ARG A 1 30 ? 3.781   -0.815  -5.265  1.00 9.18   ? 203 ARG A CB  1 
ATOM   287 C CG  . ARG A 1 30 ? 3.777   -1.309  -3.822  1.00 8.76   ? 203 ARG A CG  1 
ATOM   288 C CD  . ARG A 1 30 ? 2.841   -2.492  -3.644  1.00 8.29   ? 203 ARG A CD  1 
ATOM   289 N NE  . ARG A 1 30 ? 3.284   -3.640  -4.411  1.00 9.08   ? 203 ARG A NE  1 
ATOM   290 C CZ  . ARG A 1 30 ? 2.524   -4.681  -4.750  1.00 10.27  ? 203 ARG A CZ  1 
ATOM   291 N NH1 . ARG A 1 30 ? 1.210   -4.659  -4.462  1.00 9.29   ? 203 ARG A NH1 1 
ATOM   292 N NH2 . ARG A 1 30 ? 3.090   -5.737  -5.347  1.00 9.41   ? 203 ARG A NH2 1 
ATOM   293 N N   . LYS A 1 31 ? 4.005   1.508   -7.533  1.00 9.83   ? 204 LYS A N   1 
ATOM   294 C CA  . LYS A 1 31 ? 4.028   1.820   -8.956  1.00 10.14  ? 204 LYS A CA  1 
ATOM   295 C C   . LYS A 1 31 ? 5.339   2.534   -9.340  1.00 10.29  ? 204 LYS A C   1 
ATOM   296 O O   . LYS A 1 31 ? 5.985   2.136   -10.313 1.00 9.47   ? 204 LYS A O   1 
ATOM   297 C CB  . LYS A 1 31 ? 2.830   2.658   -9.376  1.00 11.17  ? 204 LYS A CB  1 
ATOM   298 C CG  . LYS A 1 31 ? 2.613   2.694   -10.877 1.00 11.74  ? 204 LYS A CG  1 
ATOM   299 C CD  . LYS A 1 31 ? 1.474   3.570   -11.351 1.00 11.41  ? 204 LYS A CD  1 
ATOM   300 C CE  . LYS A 1 31 ? 1.299   3.580   -12.865 1.00 12.99  ? 204 LYS A CE  1 
ATOM   301 N NZ  . LYS A 1 31 ? 0.478   4.759   -13.256 1.00 13.31  ? 204 LYS A NZ  1 
ATOM   302 N N   A VAL A 1 32 ? 5.695   3.566   -8.568  0.50 10.41  ? 205 VAL A N   1 
ATOM   303 N N   B VAL A 1 32 ? 5.753   3.526   -8.554  0.50 10.49  ? 205 VAL A N   1 
ATOM   304 C CA  A VAL A 1 32 ? 6.950   4.311   -8.738  0.50 9.91   ? 205 VAL A CA  1 
ATOM   305 C CA  B VAL A 1 32 ? 6.957   4.270   -8.891  0.50 10.08  ? 205 VAL A CA  1 
ATOM   306 C C   A VAL A 1 32 ? 8.112   3.320   -8.686  0.50 9.44   ? 205 VAL A C   1 
ATOM   307 C C   B VAL A 1 32 ? 8.183   3.385   -8.636  0.50 9.58   ? 205 VAL A C   1 
ATOM   308 O O   A VAL A 1 32 ? 8.971   3.355   -9.564  0.50 9.68   ? 205 VAL A O   1 
ATOM   309 O O   B VAL A 1 32 ? 9.161   3.538   -9.373  0.50 9.92   ? 205 VAL A O   1 
ATOM   310 C CB  A VAL A 1 32 ? 7.158   5.416   -7.681  0.50 10.07  ? 205 VAL A CB  1 
ATOM   311 C CB  B VAL A 1 32 ? 7.039   5.654   -8.209  0.50 10.27  ? 205 VAL A CB  1 
ATOM   312 C CG1 A VAL A 1 32 ? 8.602   5.894   -7.680  0.50 9.99   ? 205 VAL A CG1 1 
ATOM   313 C CG1 B VAL A 1 32 ? 7.220   5.593   -6.699  0.50 10.40  ? 205 VAL A CG1 1 
ATOM   314 C CG2 A VAL A 1 32 ? 6.218   6.591   -7.828  0.50 10.19  ? 205 VAL A CG2 1 
ATOM   315 C CG2 B VAL A 1 32 ? 8.146   6.500   -8.819  0.50 10.74  ? 205 VAL A CG2 1 
ATOM   316 N N   . VAL A 1 33 ? 8.141   2.464   -7.660  1.00 8.84   ? 206 VAL A N   1 
ATOM   317 C CA  . VAL A 1 33 ? 9.272   1.513   -7.477  1.00 9.21   ? 206 VAL A CA  1 
ATOM   318 C C   . VAL A 1 33 ? 9.380   0.627   -8.721  1.00 8.84   ? 206 VAL A C   1 
ATOM   319 O O   . VAL A 1 33 ? 10.485  0.428   -9.290  1.00 8.85   ? 206 VAL A O   1 
ATOM   320 C CB  . VAL A 1 33 ? 9.172   0.728   -6.155  1.00 9.25   ? 206 VAL A CB  1 
ATOM   321 C CG1 . VAL A 1 33 ? 10.067  -0.489  -6.096  1.00 8.84   ? 206 VAL A CG1 1 
ATOM   322 C CG2 . VAL A 1 33 ? 9.431   1.621   -4.953  1.00 9.96   ? 206 VAL A CG2 1 
ATOM   323 N N   . ALA A 1 34 ? 8.239   0.217   -9.277  1.00 9.30   ? 207 ALA A N   1 
ATOM   324 C CA  . ALA A 1 34 ? 8.267   -0.640  -10.478 1.00 9.55   ? 207 ALA A CA  1 
ATOM   325 C C   . ALA A 1 34 ? 8.820   0.146   -11.677 1.00 9.73   ? 207 ALA A C   1 
ATOM   326 O O   . ALA A 1 34 ? 9.641   -0.383  -12.491 1.00 9.39   ? 207 ALA A O   1 
ATOM   327 C CB  . ALA A 1 34 ? 6.872   -1.211  -10.749 1.00 9.77   ? 207 ALA A CB  1 
ATOM   328 N N   . GLU A 1 35 ? 8.387   1.386   -11.811 1.00 9.91   ? 208 GLU A N   1 
ATOM   329 C CA  . GLU A 1 35 ? 8.835   2.216   -12.923 1.00 11.12  ? 208 GLU A CA  1 
ATOM   330 C C   . GLU A 1 35 ? 10.350  2.426   -12.844 1.00 10.65  ? 208 GLU A C   1 
ATOM   331 O O   . GLU A 1 35 ? 11.036  2.355   -13.843 1.00 9.73   ? 208 GLU A O   1 
ATOM   332 C CB  . GLU A 1 35 ? 8.125   3.550   -12.926 1.00 12.90  ? 208 GLU A CB  1 
ATOM   333 C CG  . GLU A 1 35 ? 6.656   3.345   -13.220 1.00 16.12  ? 208 GLU A CG  1 
ATOM   334 C CD  . GLU A 1 35 ? 5.768   4.559   -13.160 1.00 20.98  ? 208 GLU A CD  1 
ATOM   335 O OE1 . GLU A 1 35 ? 6.039   5.470   -12.347 1.00 25.90  ? 208 GLU A OE1 1 
ATOM   336 O OE2 . GLU A 1 35 ? 4.794   4.556   -13.933 1.00 30.67  ? 208 GLU A OE2 1 
ATOM   337 N N   . ASN A 1 36 ? 10.826  2.706   -11.639 1.00 10.24  ? 209 ASN A N   1 
ATOM   338 C CA  . ASN A 1 36 ? 12.238  3.006   -11.453 1.00 12.06  ? 209 ASN A CA  1 
ATOM   339 C C   . ASN A 1 36 ? 13.038  1.728   -11.651 1.00 11.25  ? 209 ASN A C   1 
ATOM   340 O O   . ASN A 1 36 ? 14.128  1.829   -12.274 1.00 10.92  ? 209 ASN A O   1 
ATOM   341 C CB  . ASN A 1 36 ? 12.521  3.672   -10.113 1.00 13.69  ? 209 ASN A CB  1 
ATOM   342 C CG  . ASN A 1 36 ? 12.129  5.127   -10.133 1.00 14.39  ? 209 ASN A CG  1 
ATOM   343 O OD1 . ASN A 1 36 ? 11.998  5.731   -11.202 1.00 15.75  ? 209 ASN A OD1 1 
ATOM   344 N ND2 . ASN A 1 36 ? 12.006  5.697   -8.950  1.00 16.71  ? 209 ASN A ND2 1 
ATOM   345 N N   . LEU A 1 37 ? 12.528  0.591   -11.163 1.00 10.42  ? 210 LEU A N   1 
ATOM   346 C CA  . LEU A 1 37 ? 13.209  -0.700  -11.366 1.00 11.70  ? 210 LEU A CA  1 
ATOM   347 C C   . LEU A 1 37 ? 13.398  -0.930  -12.869 1.00 12.35  ? 210 LEU A C   1 
ATOM   348 O O   . LEU A 1 37 ? 14.439  -1.434  -13.279 1.00 11.07  ? 210 LEU A O   1 
ATOM   349 C CB  . LEU A 1 37 ? 12.478  -1.866  -10.706 1.00 11.53  ? 210 LEU A CB  1 
ATOM   350 C CG  . LEU A 1 37 ? 13.031  -3.276  -10.906 1.00 12.71  ? 210 LEU A CG  1 
ATOM   351 C CD1 . LEU A 1 37 ? 14.393  -3.387  -10.225 1.00 14.97  ? 210 LEU A CD1 1 
ATOM   352 C CD2 . LEU A 1 37 ? 12.112  -4.326  -10.342 1.00 12.25  ? 210 LEU A CD2 1 
ATOM   353 N N   . GLU A 1 38 ? 12.347  -0.686  -13.664 1.00 12.03  ? 211 GLU A N   1 
ATOM   354 C CA  . GLU A 1 38 ? 12.420  -0.984  -15.087 1.00 13.14  ? 211 GLU A CA  1 
ATOM   355 C C   . GLU A 1 38 ? 13.454  -0.073  -15.746 1.00 12.93  ? 211 GLU A C   1 
ATOM   356 O O   . GLU A 1 38 ? 14.192  -0.512  -16.679 1.00 13.75  ? 211 GLU A O   1 
ATOM   357 C CB  . GLU A 1 38 ? 11.051  -0.842  -15.725 1.00 14.31  ? 211 GLU A CB  1 
ATOM   358 C CG  . GLU A 1 38 ? 11.058  -1.210  -17.176 1.00 17.81  ? 211 GLU A CG  1 
ATOM   359 C CD  . GLU A 1 38 ? 11.657  -0.238  -18.168 1.00 21.50  ? 211 GLU A CD  1 
ATOM   360 O OE1 . GLU A 1 38 ? 12.073  -0.737  -19.258 1.00 27.80  ? 211 GLU A OE1 1 
ATOM   361 O OE2 . GLU A 1 38 ? 11.709  0.998   -17.907 1.00 27.73  ? 211 GLU A OE2 1 
ATOM   362 N N   . LYS A 1 39 ? 13.579  1.157   -15.270 1.00 13.00  ? 212 LYS A N   1 
ATOM   363 C CA  . LYS A 1 39 ? 14.593  2.073   -15.867 1.00 13.57  ? 212 LYS A CA  1 
ATOM   364 C C   . LYS A 1 39 ? 16.029  1.585   -15.550 1.00 13.61  ? 212 LYS A C   1 
ATOM   365 O O   . LYS A 1 39 ? 16.941  1.684   -16.384 1.00 10.28  ? 212 LYS A O   1 
ATOM   366 C CB  . LYS A 1 39 ? 14.370  3.479   -15.346 1.00 16.80  ? 212 LYS A CB  1 
ATOM   367 C CG  . LYS A 1 39 ? 13.102  4.144   -15.852 1.00 22.14  ? 212 LYS A CG  1 
ATOM   368 C CD  . LYS A 1 39 ? 12.986  5.566   -15.411 1.00 28.31  ? 212 LYS A CD  1 
ATOM   369 C CE  . LYS A 1 39 ? 11.771  6.265   -15.993 1.00 32.48  ? 212 LYS A CE  1 
ATOM   370 N NZ  . LYS A 1 39 ? 11.630  7.622   -15.420 1.00 34.91  ? 212 LYS A NZ  1 
ATOM   371 N N   . VAL A 1 40 ? 16.232  1.101   -14.317 1.00 12.26  ? 213 VAL A N   1 
ATOM   372 C CA  . VAL A 1 40 ? 17.527  0.588   -13.898 1.00 11.24  ? 213 VAL A CA  1 
ATOM   373 C C   . VAL A 1 40 ? 17.851  -0.674  -14.689 1.00 12.42  ? 213 VAL A C   1 
ATOM   374 O O   . VAL A 1 40 ? 18.984  -0.842  -15.152 1.00 12.06  ? 213 VAL A O   1 
ATOM   375 C CB  . VAL A 1 40 ? 17.510  0.277   -12.387 1.00 12.27  ? 213 VAL A CB  1 
ATOM   376 C CG1 . VAL A 1 40 ? 18.744  -0.536  -11.988 1.00 12.42  ? 213 VAL A CG1 1 
ATOM   377 C CG2 . VAL A 1 40 ? 17.357  1.520   -11.527 1.00 11.42  ? 213 VAL A CG2 1 
ATOM   378 N N   . GLN A 1 41 ? 16.871  -1.586  -14.813 1.00 13.01  ? 214 GLN A N   1 
ATOM   379 C CA  . GLN A 1 41 ? 17.055  -2.809  -15.611 1.00 16.93  ? 214 GLN A CA  1 
ATOM   380 C C   . GLN A 1 41 ? 17.322  -2.501  -17.091 1.00 16.45  ? 214 GLN A C   1 
ATOM   381 O O   . GLN A 1 41 ? 18.199  -3.197  -17.705 1.00 19.08  ? 214 GLN A O   1 
ATOM   382 C CB  . GLN A 1 41 ? 15.879  -3.780  -15.407 1.00 18.51  ? 214 GLN A CB  1 
ATOM   383 C CG  . GLN A 1 41 ? 15.909  -4.339  -14.003 1.00 21.74  ? 214 GLN A CG  1 
ATOM   384 C CD  . GLN A 1 41 ? 14.765  -5.254  -13.629 1.00 26.97  ? 214 GLN A CD  1 
ATOM   385 O OE1 . GLN A 1 41 ? 13.739  -5.336  -14.307 1.00 34.21  ? 214 GLN A OE1 1 
ATOM   386 N NE2 . GLN A 1 41 ? 14.936  -5.964  -12.523 1.00 32.13  ? 214 GLN A NE2 1 
ATOM   387 N N   . ALA A 1 42 ? 16.667  -1.477  -17.656 1.00 14.68  ? 215 ALA A N   1 
ATOM   388 C CA  . ALA A 1 42 ? 16.821  -1.151  -19.041 1.00 15.35  ? 215 ALA A CA  1 
ATOM   389 C C   . ALA A 1 42 ? 18.268  -0.658  -19.248 1.00 16.55  ? 215 ALA A C   1 
ATOM   390 O O   . ALA A 1 42 ? 18.994  -1.120  -20.173 1.00 16.69  ? 215 ALA A O   1 
ATOM   391 C CB  . ALA A 1 42 ? 15.767  -0.176  -19.488 1.00 15.04  ? 215 ALA A CB  1 
ATOM   392 N N   . GLU A 1 43 ? 18.779  0.134   -18.295 1.00 16.52  ? 216 GLU A N   1 
ATOM   393 C CA  . GLU A 1 43 ? 20.158  0.632   -18.395 1.00 19.01  ? 216 GLU A CA  1 
ATOM   394 C C   . GLU A 1 43 ? 21.179  -0.501  -18.193 1.00 19.88  ? 216 GLU A C   1 
ATOM   395 O O   . GLU A 1 43 ? 22.157  -0.585  -18.959 1.00 23.20  ? 216 GLU A O   1 
ATOM   396 C CB  . GLU A 1 43 ? 20.428  1.776   -17.408 1.00 20.21  ? 216 GLU A CB  1 
ATOM   397 C CG  . GLU A 1 43 ? 21.829  2.310   -17.510 1.00 25.43  ? 216 GLU A CG  1 
ATOM   398 C CD  . GLU A 1 43 ? 22.284  2.740   -18.912 1.00 26.34  ? 216 GLU A CD  1 
ATOM   399 O OE1 . GLU A 1 43 ? 21.499  3.367   -19.652 1.00 29.13  ? 216 GLU A OE1 1 
ATOM   400 O OE2 . GLU A 1 43 ? 23.475  2.504   -19.222 1.00 29.05  ? 216 GLU A OE2 1 
ATOM   401 N N   . ALA A 1 44 ? 21.001  -1.364  -17.184 1.00 18.96  ? 217 ALA A N   1 
ATOM   402 C CA  . ALA A 1 44 ? 21.850  -2.541  -16.964 1.00 21.80  ? 217 ALA A CA  1 
ATOM   403 C C   . ALA A 1 44 ? 21.984  -3.374  -18.250 1.00 23.21  ? 217 ALA A C   1 
ATOM   404 O O   . ALA A 1 44 ? 23.081  -3.855  -18.618 1.00 22.09  ? 217 ALA A O   1 
ATOM   405 C CB  . ALA A 1 44 ? 21.262  -3.410  -15.868 1.00 23.20  ? 217 ALA A CB  1 
ATOM   406 N N   . GLU A 1 45 ? 20.862  -3.608  -18.917 1.00 23.89  ? 218 GLU A N   1 
ATOM   407 C CA  . GLU A 1 45 ? 20.838  -4.414  -20.141 1.00 28.20  ? 218 GLU A CA  1 
ATOM   408 C C   . GLU A 1 45 ? 21.676  -3.737  -21.227 1.00 28.48  ? 218 GLU A C   1 
ATOM   409 O O   . GLU A 1 45 ? 22.463  -4.402  -21.911 1.00 29.41  ? 218 GLU A O   1 
ATOM   410 C CB  . GLU A 1 45 ? 19.405  -4.630  -20.633 1.00 32.41  ? 218 GLU A CB  1 
ATOM   411 C CG  . GLU A 1 45 ? 18.579  -5.520  -19.717 1.00 35.91  ? 218 GLU A CG  1 
ATOM   412 C CD  . GLU A 1 45 ? 17.056  -5.411  -19.830 1.00 42.11  ? 218 GLU A CD  1 
ATOM   413 O OE1 . GLU A 1 45 ? 16.558  -4.575  -20.620 1.00 44.82  ? 218 GLU A OE1 1 
ATOM   414 O OE2 . GLU A 1 45 ? 16.364  -6.192  -19.148 1.00 46.65  ? 218 GLU A OE2 1 
ATOM   415 N N   . ARG A 1 46 ? 21.540  -2.418  -21.365 1.00 27.70  ? 219 ARG A N   1 
ATOM   416 C CA  . ARG A 1 46 ? 22.390  -1.624  -22.277 1.00 31.96  ? 219 ARG A CA  1 
ATOM   417 C C   . ARG A 1 46 ? 23.885  -1.832  -21.983 1.00 34.65  ? 219 ARG A C   1 
ATOM   418 O O   . ARG A 1 46 ? 24.677  -2.167  -22.900 1.00 36.77  ? 219 ARG A O   1 
ATOM   419 C CB  . ARG A 1 46 ? 22.090  -0.136  -22.164 1.00 25.76  ? 219 ARG A CB  1 
ATOM   420 C CG  . ARG A 1 46 ? 20.780  0.261   -22.808 1.00 26.47  ? 219 ARG A CG  1 
ATOM   421 C CD  . ARG A 1 46 ? 20.665  1.771   -22.771 1.00 25.63  ? 219 ARG A CD  1 
ATOM   422 N NE  . ARG A 1 46 ? 19.275  2.065   -22.984 1.00 24.72  ? 219 ARG A NE  1 
ATOM   423 C CZ  . ARG A 1 46 ? 18.429  2.434   -22.023 1.00 22.71  ? 219 ARG A CZ  1 
ATOM   424 N NH1 . ARG A 1 46 ? 18.865  2.825   -20.833 1.00 24.58  ? 219 ARG A NH1 1 
ATOM   425 N NH2 . ARG A 1 46 ? 17.154  2.510   -22.302 1.00 22.05  ? 219 ARG A NH2 1 
ATOM   426 N N   . LEU A 1 47 ? 24.276  -1.673  -20.717 1.00 32.49  ? 220 LEU A N   1 
ATOM   427 C CA  . LEU A 1 47 ? 25.681  -1.829  -20.321 1.00 38.70  ? 220 LEU A CA  1 
ATOM   428 C C   . LEU A 1 47 ? 26.188  -3.261  -20.586 1.00 40.25  ? 220 LEU A C   1 
ATOM   429 O O   . LEU A 1 47 ? 27.336  -3.426  -21.001 1.00 49.41  ? 220 LEU A O   1 
ATOM   430 C CB  . LEU A 1 47 ? 25.836  -1.434  -18.843 1.00 41.10  ? 220 LEU A CB  1 
ATOM   431 C CG  . LEU A 1 47 ? 25.610  0.048   -18.543 1.00 42.51  ? 220 LEU A CG  1 
ATOM   432 C CD1 . LEU A 1 47 ? 26.032  0.405   -17.117 1.00 42.20  ? 220 LEU A CD1 1 
ATOM   433 C CD2 . LEU A 1 47 ? 26.337  0.922   -19.558 1.00 45.56  ? 220 LEU A CD2 1 
ATOM   434 N N   . ASP A 1 48 ? 25.360  -4.286  -20.362 1.00 42.04  ? 221 ASP A N   1 
ATOM   435 C CA  . ASP A 1 48 ? 25.799  -5.694  -20.446 1.00 49.71  ? 221 ASP A CA  1 
ATOM   436 C C   . ASP A 1 48 ? 26.065  -6.115  -21.902 1.00 55.73  ? 221 ASP A C   1 
ATOM   437 O O   . ASP A 1 48 ? 26.696  -7.145  -22.153 1.00 60.60  ? 221 ASP A O   1 
ATOM   438 C CB  . ASP A 1 48 ? 24.793  -6.639  -19.790 1.00 50.50  ? 221 ASP A CB  1 
ATOM   439 C CG  . ASP A 1 48 ? 24.801  -6.577  -18.271 1.00 56.44  ? 221 ASP A CG  1 
ATOM   440 O OD1 . ASP A 1 48 ? 25.536  -5.728  -17.712 1.00 55.96  ? 221 ASP A OD1 1 
ATOM   441 O OD2 . ASP A 1 48 ? 24.060  -7.375  -17.653 1.00 62.03  ? 221 ASP A OD2 1 
ATOM   442 N N   . GLN A 1 49 ? 25.561  -5.317  -22.842 1.00 59.24  ? 222 GLN A N   1 
ATOM   443 C CA  . GLN A 1 49 ? 25.870  -5.396  -24.247 1.00 62.70  ? 222 GLN A CA  1 
ATOM   444 C C   . GLN A 1 49 ? 26.983  -4.394  -24.597 1.00 64.40  ? 222 GLN A C   1 
ATOM   445 O O   . GLN A 1 49 ? 28.186  -4.713  -24.573 1.00 65.31  ? 222 GLN A O   1 
ATOM   446 C CB  . GLN A 1 49 ? 24.579  -5.096  -25.001 1.00 67.61  ? 222 GLN A CB  1 
ATOM   447 C CG  . GLN A 1 49 ? 23.441  -6.031  -24.609 1.00 70.73  ? 222 GLN A CG  1 
ATOM   448 C CD  . GLN A 1 49 ? 22.097  -5.454  -24.980 1.00 76.75  ? 222 GLN A CD  1 
ATOM   449 O OE1 . GLN A 1 49 ? 22.009  -4.415  -25.648 1.00 71.57  ? 222 GLN A OE1 1 
ATOM   450 N NE2 . GLN A 1 49 ? 21.039  -6.121  -24.531 1.00 69.06  ? 222 GLN A NE2 1 
ATOM   451 N N   . GLU B 2 4  ? -30.278 0.341   9.938   1.00 54.37  ? 231 GLU B N   1 
ATOM   452 C CA  . GLU B 2 4  ? -29.983 -0.567  11.094  1.00 55.61  ? 231 GLU B CA  1 
ATOM   453 C C   . GLU B 2 4  ? -28.495 -0.444  11.484  1.00 50.80  ? 231 GLU B C   1 
ATOM   454 O O   . GLU B 2 4  ? -27.630 -1.025  10.819  1.00 47.88  ? 231 GLU B O   1 
ATOM   455 C CB  . GLU B 2 4  ? -30.370 -2.003  10.730  1.00 60.24  ? 231 GLU B CB  1 
ATOM   456 C CG  . GLU B 2 4  ? -31.221 -2.693  11.790  1.00 61.16  ? 231 GLU B CG  1 
ATOM   457 C CD  . GLU B 2 4  ? -30.468 -3.098  13.041  1.00 60.90  ? 231 GLU B CD  1 
ATOM   458 O OE1 . GLU B 2 4  ? -29.248 -3.353  12.924  1.00 53.98  ? 231 GLU B OE1 1 
ATOM   459 O OE2 . GLU B 2 4  ? -31.109 -3.168  14.123  1.00 56.00  ? 231 GLU B OE2 1 
ATOM   460 N N   . LEU B 2 5  ? -28.220 0.309   12.560  1.00 47.31  ? 232 LEU B N   1 
ATOM   461 C CA  . LEU B 2 5  ? -26.872 0.647   12.997  1.00 49.33  ? 232 LEU B CA  1 
ATOM   462 C C   . LEU B 2 5  ? -26.064 -0.634  13.225  1.00 46.66  ? 232 LEU B C   1 
ATOM   463 O O   . LEU B 2 5  ? -24.994 -0.798  12.652  1.00 44.94  ? 232 LEU B O   1 
ATOM   464 C CB  . LEU B 2 5  ? -26.917 1.460   14.296  1.00 51.84  ? 232 LEU B CB  1 
ATOM   465 C CG  . LEU B 2 5  ? -27.387 2.906   14.175  1.00 59.39  ? 232 LEU B CG  1 
ATOM   466 C CD1 . LEU B 2 5  ? -28.332 3.278   15.314  1.00 65.84  ? 232 LEU B CD1 1 
ATOM   467 C CD2 . LEU B 2 5  ? -26.207 3.868   14.132  1.00 60.31  ? 232 LEU B CD2 1 
ATOM   468 N N   . LYS B 2 6  ? -26.569 -1.522  14.083  1.00 38.49  ? 233 LYS B N   1 
ATOM   469 C CA  . LYS B 2 6  ? -25.797 -2.709  14.512  1.00 38.17  ? 233 LYS B CA  1 
ATOM   470 C C   . LYS B 2 6  ? -25.228 -3.445  13.295  1.00 36.96  ? 233 LYS B C   1 
ATOM   471 O O   . LYS B 2 6  ? -24.096 -3.983  13.342  1.00 37.15  ? 233 LYS B O   1 
ATOM   472 C CB  . LYS B 2 6  ? -26.677 -3.654  15.331  1.00 40.37  ? 233 LYS B CB  1 
ATOM   473 C CG  . LYS B 2 6  ? -27.071 -3.158  16.717  1.00 43.71  ? 233 LYS B CG  1 
ATOM   474 C CD  . LYS B 2 6  ? -28.113 -4.060  17.353  1.00 46.13  ? 233 LYS B CD  1 
ATOM   475 C CE  . LYS B 2 6  ? -28.210 -4.018  18.870  1.00 49.40  ? 233 LYS B CE  1 
ATOM   476 N NZ  . LYS B 2 6  ? -28.974 -5.190  19.388  1.00 50.34  ? 233 LYS B NZ  1 
ATOM   477 N N   . LYS B 2 7  ? -26.013 -3.475  12.215  1.00 33.74  ? 234 LYS B N   1 
ATOM   478 C CA  . LYS B 2 7  ? -25.592 -4.050  10.937  1.00 37.58  ? 234 LYS B CA  1 
ATOM   479 C C   . LYS B 2 7  ? -24.553 -3.148  10.234  1.00 36.35  ? 234 LYS B C   1 
ATOM   480 O O   . LYS B 2 7  ? -23.573 -3.612  9.667   1.00 34.46  ? 234 LYS B O   1 
ATOM   481 C CB  . LYS B 2 7  ? -26.831 -4.255  10.064  1.00 38.25  ? 234 LYS B CB  1 
ATOM   482 C CG  . LYS B 2 7  ? -27.752 -5.403  10.477  1.00 41.29  ? 234 LYS B CG  1 
ATOM   483 C CD  . LYS B 2 7  ? -28.696 -5.845  9.360   1.00 39.33  ? 234 LYS B CD  1 
ATOM   484 C CE  . LYS B 2 7  ? -29.954 -5.000  9.230   1.00 40.29  ? 234 LYS B CE  1 
ATOM   485 N NZ  . LYS B 2 7  ? -30.838 -5.479  8.136   1.00 41.55  ? 234 LYS B NZ  1 
ATOM   486 N N   . GLU B 2 8  ? -24.778 -1.838  10.269  1.00 38.51  ? 235 GLU B N   1 
ATOM   487 C CA  . GLU B 2 8  ? -23.888 -0.847  9.631   1.00 39.31  ? 235 GLU B CA  1 
ATOM   488 C C   . GLU B 2 8  ? -22.533 -0.833  10.349  1.00 33.22  ? 235 GLU B C   1 
ATOM   489 O O   . GLU B 2 8  ? -21.480 -0.761  9.687   1.00 28.08  ? 235 GLU B O   1 
ATOM   490 C CB  . GLU B 2 8  ? -24.531 0.544   9.624   1.00 43.00  ? 235 GLU B CB  1 
ATOM   491 C CG  . GLU B 2 8  ? -25.784 0.607   8.758   1.00 46.35  ? 235 GLU B CG  1 
ATOM   492 C CD  . GLU B 2 8  ? -26.447 1.970   8.641   1.00 53.12  ? 235 GLU B CD  1 
ATOM   493 O OE1 . GLU B 2 8  ? -26.727 2.600   9.709   1.00 44.69  ? 235 GLU B OE1 1 
ATOM   494 O OE2 . GLU B 2 8  ? -26.689 2.399   7.467   1.00 55.51  ? 235 GLU B OE2 1 
ATOM   495 N N   . SER B 2 9  ? -22.569 -0.895  11.682  1.00 27.77  ? 236 SER B N   1 
ATOM   496 C CA  . SER B 2 9  ? -21.372 -1.047  12.487  1.00 26.19  ? 236 SER B CA  1 
ATOM   497 C C   . SER B 2 9  ? -20.628 -2.328  12.105  1.00 23.18  ? 236 SER B C   1 
ATOM   498 O O   . SER B 2 9  ? -19.405 -2.262  11.897  1.00 17.79  ? 236 SER B O   1 
ATOM   499 C CB  . SER B 2 9  ? -21.666 -1.027  13.952  1.00 32.27  ? 236 SER B CB  1 
ATOM   500 O OG  . SER B 2 9  ? -21.396 0.262   14.464  1.00 41.04  ? 236 SER B OG  1 
ATOM   501 N N   . GLU B 2 10 ? -21.334 -3.477  12.067  1.00 19.62  ? 237 GLU B N   1 
ATOM   502 C CA  A GLU B 2 10 ? -20.665 -4.743  11.778  0.50 19.50  ? 237 GLU B CA  1 
ATOM   503 C CA  B GLU B 2 10 ? -20.736 -4.765  11.746  0.50 20.82  ? 237 GLU B CA  1 
ATOM   504 C C   . GLU B 2 10 ? -20.108 -4.679  10.357  1.00 20.28  ? 237 GLU B C   1 
ATOM   505 O O   . GLU B 2 10 ? -19.020 -5.184  10.130  1.00 17.53  ? 237 GLU B O   1 
ATOM   506 C CB  A GLU B 2 10 ? -21.575 -5.964  11.960  0.50 19.48  ? 237 GLU B CB  1 
ATOM   507 C CB  B GLU B 2 10 ? -21.788 -5.880  11.766  0.50 22.77  ? 237 GLU B CB  1 
ATOM   508 C CG  A GLU B 2 10 ? -20.928 -7.294  11.562  0.50 19.50  ? 237 GLU B CG  1 
ATOM   509 C CG  B GLU B 2 10 ? -21.233 -7.269  11.482  0.50 24.44  ? 237 GLU B CG  1 
ATOM   510 C CD  A GLU B 2 10 ? -19.637 -7.632  12.313  0.50 18.43  ? 237 GLU B CD  1 
ATOM   511 C CD  B GLU B 2 10 ? -20.487 -7.881  12.663  0.50 25.61  ? 237 GLU B CD  1 
ATOM   512 O OE1 A GLU B 2 10 ? -19.341 -6.960  13.325  0.50 21.00  ? 237 GLU B OE1 1 
ATOM   513 O OE1 B GLU B 2 10 ? -20.187 -7.154  13.611  0.50 31.30  ? 237 GLU B OE1 1 
ATOM   514 O OE2 A GLU B 2 10 ? -18.899 -8.496  11.849  0.50 14.74  ? 237 GLU B OE2 1 
ATOM   515 O OE2 B GLU B 2 10 ? -20.223 -9.068  12.629  0.50 27.90  ? 237 GLU B OE2 1 
ATOM   516 N N   . SER B 2 11 ? -20.866 -4.095  9.414   1.00 18.27  ? 238 SER B N   1 
ATOM   517 C CA  . SER B 2 11 ? -20.370 -4.018  8.045   1.00 20.53  ? 238 SER B CA  1 
ATOM   518 C C   . SER B 2 11 ? -19.032 -3.290  8.025   1.00 15.39  ? 238 SER B C   1 
ATOM   519 O O   . SER B 2 11 ? -18.096 -3.783  7.375   1.00 18.18  ? 238 SER B O   1 
ATOM   520 C CB  . SER B 2 11 ? -21.353 -3.349  7.085   1.00 22.71  ? 238 SER B CB  1 
ATOM   521 O OG  . SER B 2 11 ? -22.360 -4.288  6.750   1.00 32.76  ? 238 SER B OG  1 
ATOM   522 N N   . LEU B 2 12 ? -18.955 -2.137  8.679   1.00 14.25  ? 239 LEU B N   1 
ATOM   523 C CA  . LEU B 2 12 ? -17.709 -1.350  8.670   1.00 15.88  ? 239 LEU B CA  1 
ATOM   524 C C   . LEU B 2 12 ? -16.567 -2.086  9.384   1.00 14.62  ? 239 LEU B C   1 
ATOM   525 O O   . LEU B 2 12 ? -15.429 -2.018  8.954   1.00 13.98  ? 239 LEU B O   1 
ATOM   526 C CB  . LEU B 2 12 ? -17.918 0.004   9.324   1.00 17.81  ? 239 LEU B CB  1 
ATOM   527 C CG  . LEU B 2 12 ? -18.327 1.102   8.363   1.00 20.92  ? 239 LEU B CG  1 
ATOM   528 C CD1 . LEU B 2 12 ? -18.907 2.251   9.122   1.00 21.93  ? 239 LEU B CD1 1 
ATOM   529 C CD2 . LEU B 2 12 ? -17.145 1.526   7.513   1.00 24.99  ? 239 LEU B CD2 1 
ATOM   530 N N   . ARG B 2 13 ? -16.859 -2.728  10.519  1.00 13.14  ? 240 ARG B N   1 
ATOM   531 C CA  . ARG B 2 13 ? -15.848 -3.507  11.242  1.00 14.54  ? 240 ARG B CA  1 
ATOM   532 C C   . ARG B 2 13 ? -15.253 -4.597  10.370  1.00 13.21  ? 240 ARG B C   1 
ATOM   533 O O   . ARG B 2 13 ? -14.043 -4.831  10.368  1.00 12.71  ? 240 ARG B O   1 
ATOM   534 C CB  . ARG B 2 13 ? -16.455 -4.044  12.540  1.00 17.19  ? 240 ARG B CB  1 
ATOM   535 C CG  . ARG B 2 13 ? -16.649 -2.935  13.559  1.00 20.32  ? 240 ARG B CG  1 
ATOM   536 C CD  . ARG B 2 13 ? -16.890 -3.461  14.964  1.00 25.81  ? 240 ARG B CD  1 
ATOM   537 N NE  . ARG B 2 13 ? -17.989 -4.392  14.941  1.00 30.30  ? 240 ARG B NE  1 
ATOM   538 C CZ  . ARG B 2 13 ? -19.238 -4.105  15.312  1.00 31.55  ? 240 ARG B CZ  1 
ATOM   539 N NH1 . ARG B 2 13 ? -19.507 -2.887  15.757  1.00 35.22  ? 240 ARG B NH1 1 
ATOM   540 N NH2 . ARG B 2 13 ? -20.179 -5.042  15.212  1.00 28.56  ? 240 ARG B NH2 1 
ATOM   541 N N   . LEU B 2 14 ? -16.077 -5.309  9.611   1.00 13.44  ? 241 LEU B N   1 
ATOM   542 C CA  . LEU B 2 14 ? -15.537 -6.330  8.721   1.00 14.31  ? 241 LEU B CA  1 
ATOM   543 C C   . LEU B 2 14 ? -14.754 -5.698  7.576   1.00 13.27  ? 241 LEU B C   1 
ATOM   544 O O   . LEU B 2 14 ? -13.741 -6.302  7.095   1.00 13.93  ? 241 LEU B O   1 
ATOM   545 C CB  . LEU B 2 14 ? -16.684 -7.140  8.104   1.00 16.54  ? 241 LEU B CB  1 
ATOM   546 C CG  . LEU B 2 14 ? -17.416 -8.066  9.052   1.00 17.20  ? 241 LEU B CG  1 
ATOM   547 C CD1 . LEU B 2 14 ? -18.608 -8.667  8.314   1.00 17.25  ? 241 LEU B CD1 1 
ATOM   548 C CD2 . LEU B 2 14 ? -16.500 -9.196  9.540   1.00 17.08  ? 241 LEU B CD2 1 
ATOM   549 N N   . LYS B 2 15 ? -15.222 -4.554  7.061   1.00 13.18  ? 242 LYS B N   1 
ATOM   550 C CA  . LYS B 2 15 ? -14.480 -3.922  5.965   1.00 12.94  ? 242 LYS B CA  1 
ATOM   551 C C   . LYS B 2 15 ? -13.091 -3.510  6.475   1.00 11.48  ? 242 LYS B C   1 
ATOM   552 O O   . LYS B 2 15 ? -12.098 -3.658  5.764   1.00 9.58   ? 242 LYS B O   1 
ATOM   553 C CB  . LYS B 2 15 ? -15.240 -2.732  5.398   1.00 14.87  ? 242 LYS B CB  1 
ATOM   554 C CG  . LYS B 2 15 ? -16.489 -3.206  4.662   1.00 17.59  ? 242 LYS B CG  1 
ATOM   555 C CD  . LYS B 2 15 ? -17.249 -2.240  3.847   1.00 21.65  ? 242 LYS B CD  1 
ATOM   556 C CE  . LYS B 2 15 ? -18.442 -2.920  3.179   1.00 20.94  ? 242 LYS B CE  1 
ATOM   557 N NZ  . LYS B 2 15 ? -18.078 -3.722  1.969   1.00 21.81  ? 242 LYS B NZ  1 
ATOM   558 N N   . ILE B 2 16 ? -13.066 -2.949  7.674   1.00 10.07  ? 243 ILE B N   1 
ATOM   559 C CA  . ILE B 2 16 ? -11.807 -2.484  8.325   1.00 11.49  ? 243 ILE B CA  1 
ATOM   560 C C   . ILE B 2 16 ? -10.829 -3.654  8.508   1.00 10.29  ? 243 ILE B C   1 
ATOM   561 O O   . ILE B 2 16 ? -9.615  -3.552  8.258   1.00 9.40   ? 243 ILE B O   1 
ATOM   562 C CB  . ILE B 2 16 ? -12.146 -1.726  9.626   1.00 11.62  ? 243 ILE B CB  1 
ATOM   563 C CG1 . ILE B 2 16 ? -12.792 -0.383  9.276   1.00 13.52  ? 243 ILE B CG1 1 
ATOM   564 C CG2 . ILE B 2 16 ? -10.912 -1.611  10.532  1.00 12.28  ? 243 ILE B CG2 1 
ATOM   565 C CD1 . ILE B 2 16 ? -13.316 0.417   10.428  1.00 16.79  ? 243 ILE B CD1 1 
ATOM   566 N N   . LEU B 2 17 ? -11.315 -4.810  8.940   1.00 10.06  ? 244 LEU B N   1 
ATOM   567 C CA  . LEU B 2 17 ? -10.468 -5.964  9.245   1.00 12.10  ? 244 LEU B CA  1 
ATOM   568 C C   . LEU B 2 17 ? -9.759  -6.402  7.952   1.00 11.05  ? 244 LEU B C   1 
ATOM   569 O O   . LEU B 2 17 ? -8.521  -6.678  7.897   1.00 9.50   ? 244 LEU B O   1 
ATOM   570 C CB  . LEU B 2 17 ? -11.383 -7.079  9.787   1.00 13.58  ? 244 LEU B CB  1 
ATOM   571 C CG  . LEU B 2 17 ? -10.802 -8.465  10.067  1.00 15.36  ? 244 LEU B CG  1 
ATOM   572 C CD1 . LEU B 2 17 ? -11.731 -9.219  10.996  1.00 18.33  ? 244 LEU B CD1 1 
ATOM   573 C CD2 . LEU B 2 17 ? -10.601 -9.271  8.821   1.00 17.78  ? 244 LEU B CD2 1 
ATOM   574 N N   . VAL B 2 18 ? -10.540 -6.467  6.886   1.00 11.47  ? 245 VAL B N   1 
ATOM   575 C CA  . VAL B 2 18 ? -10.025 -6.858  5.579   1.00 12.91  ? 245 VAL B CA  1 
ATOM   576 C C   . VAL B 2 18 ? -9.021  -5.836  5.043   1.00 11.54  ? 245 VAL B C   1 
ATOM   577 O O   . VAL B 2 18 ? -7.974  -6.241  4.498   1.00 10.63  ? 245 VAL B O   1 
ATOM   578 C CB  . VAL B 2 18 ? -11.151 -7.150  4.568   1.00 14.28  ? 245 VAL B CB  1 
ATOM   579 C CG1 . VAL B 2 18 ? -10.614 -7.310  3.168   1.00 14.58  ? 245 VAL B CG1 1 
ATOM   580 C CG2 . VAL B 2 18 ? -11.902 -8.413  4.990   1.00 15.36  ? 245 VAL B CG2 1 
ATOM   581 N N   . LEU B 2 19 ? -9.325  -4.545  5.177   1.00 11.04  ? 246 LEU B N   1 
ATOM   582 C CA  . LEU B 2 19 ? -8.400  -3.534  4.739   1.00 9.98   ? 246 LEU B CA  1 
ATOM   583 C C   . LEU B 2 19 ? -7.087  -3.615  5.523   1.00 10.41  ? 246 LEU B C   1 
ATOM   584 O O   . LEU B 2 19 ? -6.008  -3.468  4.946   1.00 8.43   ? 246 LEU B O   1 
ATOM   585 C CB  . LEU B 2 19 ? -9.021  -2.150  4.841   1.00 9.75   ? 246 LEU B CB  1 
ATOM   586 C CG  . LEU B 2 19 ? -10.079 -1.873  3.788   1.00 10.53  ? 246 LEU B CG  1 
ATOM   587 C CD1 . LEU B 2 19 ? -11.030 -0.795  4.244   1.00 10.65  ? 246 LEU B CD1 1 
ATOM   588 C CD2 . LEU B 2 19 ? -9.426  -1.450  2.510   1.00 10.93  ? 246 LEU B CD2 1 
ATOM   589 N N   . ARG B 2 20 ? -7.160  -3.845  6.823   1.00 10.54  ? 247 ARG B N   1 
ATOM   590 C CA  . ARG B 2 20 ? -5.920  -3.912  7.578   1.00 12.79  ? 247 ARG B CA  1 
ATOM   591 C C   . ARG B 2 20 ? -5.027  -5.035  7.073   1.00 11.57  ? 247 ARG B C   1 
ATOM   592 O O   . ARG B 2 20 ? -3.806  -4.843  6.971   1.00 11.18  ? 247 ARG B O   1 
ATOM   593 C CB  . ARG B 2 20 ? -6.190  -4.151  9.061   1.00 15.58  ? 247 ARG B CB  1 
ATOM   594 C CG  . ARG B 2 20 ? -6.630  -2.920  9.799   1.00 22.38  ? 247 ARG B CG  1 
ATOM   595 C CD  . ARG B 2 20 ? -6.206  -3.197  11.259  1.00 28.36  ? 247 ARG B CD  1 
ATOM   596 N NE  . ARG B 2 20 ? -7.388  -3.001  12.026  1.00 37.62  ? 247 ARG B NE  1 
ATOM   597 C CZ  . ARG B 2 20 ? -7.866  -1.806  12.335  1.00 38.77  ? 247 ARG B CZ  1 
ATOM   598 N NH1 . ARG B 2 20 ? -7.194  -0.721  11.975  1.00 59.02  ? 247 ARG B NH1 1 
ATOM   599 N NH2 . ARG B 2 20 ? -9.000  -1.709  13.017  1.00 66.12  ? 247 ARG B NH2 1 
ATOM   600 N N   . ASN B 2 21 ? -5.606  -6.188  6.796   1.00 11.12  ? 248 ASN B N   1 
ATOM   601 C CA  . ASN B 2 21 ? -4.853  -7.348  6.389   1.00 12.37  ? 248 ASN B CA  1 
ATOM   602 C C   . ASN B 2 21 ? -4.225  -7.079  5.002   1.00 10.86  ? 248 ASN B C   1 
ATOM   603 O O   . ASN B 2 21 ? -3.087  -7.442  4.760   1.00 10.02  ? 248 ASN B O   1 
ATOM   604 C CB  . ASN B 2 21 ? -5.689  -8.619  6.361   1.00 14.37  ? 248 ASN B CB  1 
ATOM   605 C CG  . ASN B 2 21 ? -6.038  -9.137  7.740   1.00 16.95  ? 248 ASN B CG  1 
ATOM   606 O OD1 . ASN B 2 21 ? -5.458  -8.749  8.741   1.00 22.60  ? 248 ASN B OD1 1 
ATOM   607 N ND2 . ASN B 2 21 ? -7.050  -9.971  7.799   1.00 19.67  ? 248 ASN B ND2 1 
ATOM   608 N N   . GLU B 2 22 ? -5.021  -6.485  4.118   1.00 10.18  ? 249 GLU B N   1 
ATOM   609 C CA  A GLU B 2 22 ? -4.623  -6.111  2.763   0.50 10.25  ? 249 GLU B CA  1 
ATOM   610 C CA  B GLU B 2 22 ? -4.593  -6.143  2.767   0.50 10.89  ? 249 GLU B CA  1 
ATOM   611 C C   . GLU B 2 22 ? -3.488  -5.100  2.825   1.00 9.72   ? 249 GLU B C   1 
ATOM   612 O O   . GLU B 2 22 ? -2.518  -5.201  2.035   1.00 9.54   ? 249 GLU B O   1 
ATOM   613 C CB  A GLU B 2 22 ? -5.813  -5.550  1.973   0.50 10.51  ? 249 GLU B CB  1 
ATOM   614 C CB  B GLU B 2 22 ? -5.743  -5.627  1.894   0.50 12.12  ? 249 GLU B CB  1 
ATOM   615 C CG  A GLU B 2 22 ? -6.761  -6.630  1.483   0.50 11.05  ? 249 GLU B CG  1 
ATOM   616 C CG  B GLU B 2 22 ? -5.370  -5.546  0.421   0.50 13.70  ? 249 GLU B CG  1 
ATOM   617 C CD  A GLU B 2 22 ? -8.071  -6.132  0.871   0.50 11.63  ? 249 GLU B CD  1 
ATOM   618 C CD  B GLU B 2 22 ? -4.667  -6.778  -0.164  0.50 15.50  ? 249 GLU B CD  1 
ATOM   619 O OE1 A GLU B 2 22 ? -8.405  -4.932  1.066   0.50 12.87  ? 249 GLU B OE1 1 
ATOM   620 O OE1 B GLU B 2 22 ? -5.171  -7.926  -0.015  0.50 19.47  ? 249 GLU B OE1 1 
ATOM   621 O OE2 A GLU B 2 22 ? -8.745  -6.936  0.161   0.50 10.51  ? 249 GLU B OE2 1 
ATOM   622 O OE2 B GLU B 2 22 ? -3.626  -6.604  -0.788  0.50 17.07  ? 249 GLU B OE2 1 
ATOM   623 N N   . LEU B 2 23 ? -3.608  -4.130  3.744   1.00 9.14   ? 250 LEU B N   1 
ATOM   624 C CA  . LEU B 2 23 ? -2.587  -3.064  3.849   1.00 10.11  ? 250 LEU B CA  1 
ATOM   625 C C   . LEU B 2 23 ? -1.265  -3.687  4.312   1.00 9.57   ? 250 LEU B C   1 
ATOM   626 O O   . LEU B 2 23 ? -0.159  -3.343  3.754   1.00 7.61   ? 250 LEU B O   1 
ATOM   627 C CB  . LEU B 2 23 ? -3.056  -1.941  4.782   1.00 10.90  ? 250 LEU B CB  1 
ATOM   628 C CG  . LEU B 2 23 ? -2.028  -0.860  5.075   1.00 11.50  ? 250 LEU B CG  1 
ATOM   629 C CD1 . LEU B 2 23 ? -1.694  -0.084  3.791   1.00 11.18  ? 250 LEU B CD1 1 
ATOM   630 C CD2 . LEU B 2 23 ? -2.552  0.079   6.136   1.00 12.34  ? 250 LEU B CD2 1 
ATOM   631 N N   . GLU B 2 24 ? -1.350  -4.598  5.301   1.00 8.67   ? 251 GLU B N   1 
ATOM   632 C CA  . GLU B 2 24 ? -0.150  -5.301  5.761   1.00 9.49   ? 251 GLU B CA  1 
ATOM   633 C C   . GLU B 2 24 ? 0.500   -6.069  4.602   1.00 10.07  ? 251 GLU B C   1 
ATOM   634 O O   . GLU B 2 24 ? 1.716   -6.005  4.451   1.00 8.86   ? 251 GLU B O   1 
ATOM   635 C CB  . GLU B 2 24 ? -0.474  -6.275  6.894   1.00 9.85   ? 251 GLU B CB  1 
ATOM   636 C CG  . GLU B 2 24 ? 0.753   -7.049  7.388   1.00 10.86  ? 251 GLU B CG  1 
ATOM   637 C CD  . GLU B 2 24 ? 0.540   -7.895  8.643   1.00 12.74  ? 251 GLU B CD  1 
ATOM   638 O OE1 . GLU B 2 24 ? -0.478  -7.683  9.320   1.00 13.99  ? 251 GLU B OE1 1 
ATOM   639 O OE2 . GLU B 2 24 ? 1.408   -8.709  8.995   1.00 13.61  ? 251 GLU B OE2 1 
ATOM   640 N N   . ARG B 2 25 ? -0.268  -6.897  3.867   1.00 9.58   ? 252 ARG B N   1 
ATOM   641 C CA  . ARG B 2 25 ? 0.310   -7.638  2.732   1.00 12.43  ? 252 ARG B CA  1 
ATOM   642 C C   . ARG B 2 25 ? 0.973   -6.705  1.707   1.00 11.39  ? 252 ARG B C   1 
ATOM   643 O O   . ARG B 2 25 ? 2.077   -7.017  1.224   1.00 11.32  ? 252 ARG B O   1 
ATOM   644 C CB  . ARG B 2 25 ? -0.732  -8.482  1.977   1.00 16.13  ? 252 ARG B CB  1 
ATOM   645 C CG  . ARG B 2 25 ? -1.189  -9.676  2.801   1.00 21.90  ? 252 ARG B CG  1 
ATOM   646 C CD  . ARG B 2 25 ? -2.086  -10.698 2.084   1.00 26.08  ? 252 ARG B CD  1 
ATOM   647 N NE  . ARG B 2 25 ? -3.395  -10.167 1.715   1.00 33.42  ? 252 ARG B NE  1 
ATOM   648 C CZ  . ARG B 2 25 ? -4.506  -10.183 2.480   1.00 30.32  ? 252 ARG B CZ  1 
ATOM   649 N NH1 . ARG B 2 25 ? -4.525  -10.778 3.657   1.00 35.27  ? 252 ARG B NH1 1 
ATOM   650 N NH2 . ARG B 2 25 ? -5.596  -9.588  2.051   1.00 32.36  ? 252 ARG B NH2 1 
ATOM   651 N N   . GLN B 2 26 ? 0.346   -5.585  1.380   1.00 10.68  ? 253 GLN B N   1 
ATOM   652 C CA  . GLN B 2 26 ? 0.905   -4.688  0.369   1.00 11.66  ? 253 GLN B CA  1 
ATOM   653 C C   . GLN B 2 26 ? 2.146   -3.965  0.909   1.00 10.43  ? 253 GLN B C   1 
ATOM   654 O O   . GLN B 2 26 ? 3.108   -3.732  0.170   1.00 8.07   ? 253 GLN B O   1 
ATOM   655 C CB  . GLN B 2 26 ? -0.128  -3.681  -0.085  1.00 14.59  ? 253 GLN B CB  1 
ATOM   656 C CG  . GLN B 2 26 ? -1.168  -4.419  -0.900  1.00 15.09  ? 253 GLN B CG  1 
ATOM   657 C CD  . GLN B 2 26 ? -1.373  -3.900  -2.286  1.00 16.71  ? 253 GLN B CD  1 
ATOM   658 O OE1 . GLN B 2 26 ? -0.562  -3.117  -2.794  1.00 14.41  ? 253 GLN B OE1 1 
ATOM   659 N NE2 . GLN B 2 26 ? -2.597  -4.128  -2.766  1.00 19.00  ? 253 GLN B NE2 1 
ATOM   660 N N   . LYS B 2 27 ? 2.085   -3.571  2.176   1.00 9.97   ? 254 LYS B N   1 
ATOM   661 C CA  . LYS B 2 27 ? 3.323   -2.988  2.821   1.00 11.29  ? 254 LYS B CA  1 
ATOM   662 C C   . LYS B 2 27 ? 4.501   -3.982  2.752   1.00 10.14  ? 254 LYS B C   1 
ATOM   663 O O   . LYS B 2 27 ? 5.709   -3.581  2.495   1.00 10.20  ? 254 LYS B O   1 
ATOM   664 C CB  . LYS B 2 27 ? 2.960   -2.536  4.234   1.00 12.51  ? 254 LYS B CB  1 
ATOM   665 C CG  . LYS B 2 27 ? 2.256   -1.199  4.277   1.00 15.24  ? 254 LYS B CG  1 
ATOM   666 C CD  . LYS B 2 27 ? 1.667   -0.859  5.623   1.00 17.40  ? 254 LYS B CD  1 
ATOM   667 C CE  . LYS B 2 27 ? 2.679   -0.633  6.708   1.00 23.77  ? 254 LYS B CE  1 
ATOM   668 N NZ  . LYS B 2 27 ? 2.017   -0.412  8.033   1.00 31.94  ? 254 LYS B NZ  1 
ATOM   669 N N   . LYS B 2 28 ? 4.253   -5.259  3.062   1.00 8.50   ? 255 LYS B N   1 
ATOM   670 C CA  . LYS B 2 28 ? 5.292   -6.256  3.000   1.00 8.68   ? 255 LYS B CA  1 
ATOM   671 C C   . LYS B 2 28 ? 5.825   -6.412  1.569   1.00 8.52   ? 255 LYS B C   1 
ATOM   672 O O   . LYS B 2 28 ? 7.004   -6.544  1.409   1.00 8.51   ? 255 LYS B O   1 
ATOM   673 C CB  . LYS B 2 28 ? 4.810   -7.604  3.536   1.00 9.02   ? 255 LYS B CB  1 
ATOM   674 C CG  . LYS B 2 28 ? 4.658   -7.605  5.055   1.00 9.05   ? 255 LYS B CG  1 
ATOM   675 C CD  . LYS B 2 28 ? 4.044   -8.878  5.536   1.00 10.16  ? 255 LYS B CD  1 
ATOM   676 C CE  . LYS B 2 28 ? 4.081   -9.021  7.047   1.00 10.77  ? 255 LYS B CE  1 
ATOM   677 N NZ  . LYS B 2 28 ? 3.412   -10.270 7.495   1.00 9.42   ? 255 LYS B NZ  1 
ATOM   678 N N   . ALA B 2 29 ? 4.938   -6.408  0.564   1.00 7.81   ? 256 ALA B N   1 
ATOM   679 C CA  . ALA B 2 29 ? 5.325   -6.426  -0.860  1.00 8.44   ? 256 ALA B CA  1 
ATOM   680 C C   . ALA B 2 29 ? 6.194   -5.218  -1.186  1.00 8.65   ? 256 ALA B C   1 
ATOM   681 O O   . ALA B 2 29 ? 7.287   -5.362  -1.784  1.00 10.00  ? 256 ALA B O   1 
ATOM   682 C CB  . ALA B 2 29 ? 4.058   -6.404  -1.698  1.00 8.37   ? 256 ALA B CB  1 
ATOM   683 N N   . LEU B 2 30 ? 5.734   -4.015  -0.845  1.00 9.65   ? 257 LEU B N   1 
ATOM   684 C CA  . LEU B 2 30 ? 6.498   -2.791  -1.088  1.00 9.91   ? 257 LEU B CA  1 
ATOM   685 C C   . LEU B 2 30 ? 7.891   -2.884  -0.464  1.00 10.33  ? 257 LEU B C   1 
ATOM   686 O O   . LEU B 2 30 ? 8.875   -2.468  -1.079  1.00 8.87   ? 257 LEU B O   1 
ATOM   687 C CB  . LEU B 2 30 ? 5.737   -1.591  -0.546  1.00 10.86  ? 257 LEU B CB  1 
ATOM   688 C CG  . LEU B 2 30 ? 6.432   -0.236  -0.660  1.00 11.63  ? 257 LEU B CG  1 
ATOM   689 C CD1 . LEU B 2 30 ? 6.732   0.145   -2.089  1.00 11.56  ? 257 LEU B CD1 1 
ATOM   690 C CD2 . LEU B 2 30 ? 5.611   0.846   -0.003  1.00 13.41  ? 257 LEU B CD2 1 
ATOM   691 N N   . GLY B 2 31 ? 7.941   -3.395  0.770   1.00 8.40   ? 258 GLY B N   1 
ATOM   692 C CA  . GLY B 2 31 ? 9.209   -3.515  1.463   1.00 9.09   ? 258 GLY B CA  1 
ATOM   693 C C   . GLY B 2 31 ? 10.182  -4.364  0.671   1.00 8.36   ? 258 GLY B C   1 
ATOM   694 O O   . GLY B 2 31 ? 11.407  -3.982  0.509   1.00 8.45   ? 258 GLY B O   1 
ATOM   695 N N   . ARG B 2 32 ? 9.719   -5.523  0.180   1.00 8.67   ? 259 ARG B N   1 
ATOM   696 C CA  . ARG B 2 32 ? 10.546  -6.405  -0.623  1.00 9.21   ? 259 ARG B CA  1 
ATOM   697 C C   . ARG B 2 32 ? 10.977  -5.694  -1.921  1.00 9.80   ? 259 ARG B C   1 
ATOM   698 O O   . ARG B 2 32 ? 12.131  -5.825  -2.392  1.00 8.81   ? 259 ARG B O   1 
ATOM   699 C CB  . ARG B 2 32 ? 9.858   -7.757  -0.951  1.00 10.32  ? 259 ARG B CB  1 
ATOM   700 C CG  . ARG B 2 32 ? 9.615   -8.637  0.280   1.00 12.31  ? 259 ARG B CG  1 
ATOM   701 C CD  . ARG B 2 32 ? 9.087   -10.025 -0.036  1.00 14.36  ? 259 ARG B CD  1 
ATOM   702 N NE  . ARG B 2 32 ? 7.879   -9.975  -0.870  1.00 14.29  ? 259 ARG B NE  1 
ATOM   703 C CZ  . ARG B 2 32 ? 6.610   -9.966  -0.421  1.00 18.86  ? 259 ARG B CZ  1 
ATOM   704 N NH1 . ARG B 2 32 ? 6.343   -9.905  0.876   1.00 17.05  ? 259 ARG B NH1 1 
ATOM   705 N NH2 . ARG B 2 32 ? 5.614   -9.990  -1.301  1.00 18.95  ? 259 ARG B NH2 1 
ATOM   706 N N   . GLU B 2 33 ? 10.041  -5.016  -2.565  1.00 8.60   ? 260 GLU B N   1 
ATOM   707 C CA  . GLU B 2 33 ? 10.283  -4.367  -3.887  1.00 8.89   ? 260 GLU B CA  1 
ATOM   708 C C   . GLU B 2 33 ? 11.306  -3.219  -3.742  1.00 8.96   ? 260 GLU B C   1 
ATOM   709 O O   . GLU B 2 33 ? 12.141  -3.000  -4.667  1.00 8.18   ? 260 GLU B O   1 
ATOM   710 C CB  . GLU B 2 33 ? 8.927   -3.910  -4.424  1.00 8.95   ? 260 GLU B CB  1 
ATOM   711 C CG  . GLU B 2 33 ? 8.095   -5.096  -4.876  1.00 9.90   ? 260 GLU B CG  1 
ATOM   712 C CD  . GLU B 2 33 ? 6.596   -4.874  -4.890  1.00 9.28   ? 260 GLU B CD  1 
ATOM   713 O OE1 . GLU B 2 33 ? 6.155   -3.684  -4.835  1.00 10.00  ? 260 GLU B OE1 1 
ATOM   714 O OE2 . GLU B 2 33 ? 5.889   -5.863  -5.096  1.00 9.83   ? 260 GLU B OE2 1 
ATOM   715 N N   . VAL B 2 34 ? 11.202  -2.447  -2.657  1.00 8.64   ? 261 VAL B N   1 
ATOM   716 C CA  . VAL B 2 34 ? 12.160  -1.354  -2.399  1.00 9.83   ? 261 VAL B CA  1 
ATOM   717 C C   . VAL B 2 34 ? 13.565  -1.956  -2.234  1.00 9.39   ? 261 VAL B C   1 
ATOM   718 O O   . VAL B 2 34 ? 14.547  -1.390  -2.730  1.00 9.28   ? 261 VAL B O   1 
ATOM   719 C CB  . VAL B 2 34 ? 11.745  -0.531  -1.162  1.00 9.69   ? 261 VAL B CB  1 
ATOM   720 C CG1 . VAL B 2 34 ? 12.845  0.390   -0.665  1.00 11.09  ? 261 VAL B CG1 1 
ATOM   721 C CG2 . VAL B 2 34 ? 10.488  0.294   -1.453  1.00 10.62  ? 261 VAL B CG2 1 
ATOM   722 N N   . ALA B 2 35 ? 13.689  -3.035  -1.447  1.00 8.93   ? 262 ALA B N   1 
ATOM   723 C CA  . ALA B 2 35 ? 14.973  -3.638  -1.189  1.00 9.60   ? 262 ALA B CA  1 
ATOM   724 C C   . ALA B 2 35 ? 15.584  -4.192  -2.491  1.00 9.08   ? 262 ALA B C   1 
ATOM   725 O O   . ALA B 2 35 ? 16.792  -4.053  -2.739  1.00 8.29   ? 262 ALA B O   1 
ATOM   726 C CB  . ALA B 2 35 ? 14.820  -4.696  -0.104  1.00 10.24  ? 262 ALA B CB  1 
ATOM   727 N N   . PHE B 2 36 ? 14.751  -4.694  -3.397  1.00 8.32   ? 263 PHE B N   1 
ATOM   728 C CA  . PHE B 2 36 ? 15.206  -5.272  -4.625  1.00 9.29   ? 263 PHE B CA  1 
ATOM   729 C C   . PHE B 2 36 ? 15.652  -4.151  -5.555  1.00 8.98   ? 263 PHE B C   1 
ATOM   730 O O   . PHE B 2 36 ? 16.706  -4.277  -6.228  1.00 9.53   ? 263 PHE B O   1 
ATOM   731 C CB  . PHE B 2 36 ? 14.115  -6.157  -5.275  1.00 9.72   ? 263 PHE B CB  1 
ATOM   732 C CG  . PHE B 2 36 ? 14.587  -6.860  -6.508  1.00 10.68  ? 263 PHE B CG  1 
ATOM   733 C CD1 . PHE B 2 36 ? 15.434  -7.952  -6.408  1.00 12.62  ? 263 PHE B CD1 1 
ATOM   734 C CD2 . PHE B 2 36 ? 14.300  -6.351  -7.765  1.00 11.43  ? 263 PHE B CD2 1 
ATOM   735 C CE1 . PHE B 2 36 ? 15.924  -8.555  -7.545  1.00 14.13  ? 263 PHE B CE1 1 
ATOM   736 C CE2 . PHE B 2 36 ? 14.762  -6.993  -8.902  1.00 12.86  ? 263 PHE B CE2 1 
ATOM   737 C CZ  . PHE B 2 36 ? 15.586  -8.080  -8.790  1.00 13.02  ? 263 PHE B CZ  1 
ATOM   738 N N   . LEU B 2 37 ? 14.885  -3.071  -5.627  1.00 9.29   ? 264 LEU B N   1 
ATOM   739 C CA  . LEU B 2 37 ? 15.256  -1.915  -6.420  1.00 9.46   ? 264 LEU B CA  1 
ATOM   740 C C   . LEU B 2 37 ? 16.614  -1.378  -5.934  1.00 8.90   ? 264 LEU B C   1 
ATOM   741 O O   . LEU B 2 37 ? 17.488  -1.079  -6.735  1.00 9.07   ? 264 LEU B O   1 
ATOM   742 C CB  . LEU B 2 37 ? 14.184  -0.823  -6.325  1.00 9.69   ? 264 LEU B CB  1 
ATOM   743 C CG  . LEU B 2 37 ? 14.587  0.542   -6.876  1.00 10.47  ? 264 LEU B CG  1 
ATOM   744 C CD1 . LEU B 2 37 ? 14.806  0.476   -8.372  1.00 11.02  ? 264 LEU B CD1 1 
ATOM   745 C CD2 . LEU B 2 37 ? 13.548  1.607   -6.577  1.00 11.77  ? 264 LEU B CD2 1 
ATOM   746 N N   . HIS B 2 38 ? 16.793  -1.270  -4.629  1.00 8.58   ? 265 HIS B N   1 
ATOM   747 C CA  . HIS B 2 38 ? 18.012  -0.670  -4.066  1.00 9.10   ? 265 HIS B CA  1 
ATOM   748 C C   . HIS B 2 38 ? 19.197  -1.580  -4.424  1.00 10.23  ? 265 HIS B C   1 
ATOM   749 O O   . HIS B 2 38 ? 20.264  -1.137  -4.822  1.00 11.47  ? 265 HIS B O   1 
ATOM   750 C CB  . HIS B 2 38 ? 17.872  -0.472  -2.559  1.00 8.39   ? 265 HIS B CB  1 
ATOM   751 C CG  . HIS B 2 38 ? 17.031  0.685   -2.158  1.00 9.31   ? 265 HIS B CG  1 
ATOM   752 N ND1 . HIS B 2 38 ? 16.627  0.864   -0.841  1.00 9.46   ? 265 HIS B ND1 1 
ATOM   753 C CD2 . HIS B 2 38 ? 16.516  1.714   -2.839  1.00 9.91   ? 265 HIS B CD2 1 
ATOM   754 C CE1 . HIS B 2 38 ? 15.866  1.902   -0.753  1.00 9.13   ? 265 HIS B CE1 1 
ATOM   755 N NE2 . HIS B 2 38 ? 15.736  2.445   -1.946  1.00 9.83   ? 265 HIS B NE2 1 
ATOM   756 N N   . LYS B 2 39 ? 18.981  -2.868  -4.328  1.00 11.36  ? 266 LYS B N   1 
ATOM   757 C CA  . LYS B 2 39 ? 19.996  -3.838  -4.704  1.00 13.52  ? 266 LYS B CA  1 
ATOM   758 C C   . LYS B 2 39 ? 20.429  -3.623  -6.159  1.00 13.13  ? 266 LYS B C   1 
ATOM   759 O O   . LYS B 2 39 ? 21.635  -3.609  -6.486  1.00 11.14  ? 266 LYS B O   1 
ATOM   760 C CB  . LYS B 2 39 ? 19.480  -5.254  -4.467  1.00 15.63  ? 266 LYS B CB  1 
ATOM   761 C CG  . LYS B 2 39 ? 20.444  -6.340  -4.914  1.00 19.35  ? 266 LYS B CG  1 
ATOM   762 C CD  . LYS B 2 39 ? 19.967  -7.748  -4.623  1.00 22.40  ? 266 LYS B CD  1 
ATOM   763 C CE  . LYS B 2 39 ? 21.047  -8.772  -4.867  1.00 27.69  ? 266 LYS B CE  1 
ATOM   764 N NZ  . LYS B 2 39 ? 21.954  -8.838  -3.699  1.00 35.37  ? 266 LYS B NZ  1 
ATOM   765 N N   . GLN B 2 40 ? 19.462  -3.422  -7.061  1.00 12.18  ? 267 GLN B N   1 
ATOM   766 C CA  . GLN B 2 40 ? 19.802  -3.273  -8.467  1.00 12.84  ? 267 GLN B CA  1 
ATOM   767 C C   . GLN B 2 40 ? 20.450  -1.924  -8.737  1.00 11.38  ? 267 GLN B C   1 
ATOM   768 O O   . GLN B 2 40 ? 21.361  -1.816  -9.582  1.00 9.46   ? 267 GLN B O   1 
ATOM   769 C CB  . GLN B 2 40 ? 18.558  -3.468  -9.350  1.00 14.22  ? 267 GLN B CB  1 
ATOM   770 C CG  . GLN B 2 40 ? 17.824  -4.771  -9.096  1.00 16.34  ? 267 GLN B CG  1 
ATOM   771 C CD  . GLN B 2 40 ? 18.680  -5.977  -9.286  1.00 18.24  ? 267 GLN B CD  1 
ATOM   772 O OE1 . GLN B 2 40 ? 19.264  -6.158  -10.346 1.00 29.07  ? 267 GLN B OE1 1 
ATOM   773 N NE2 . GLN B 2 40 ? 18.809  -6.789  -8.253  1.00 25.12  ? 267 GLN B NE2 1 
ATOM   774 N N   . GLN B 2 41 ? 19.968  -0.873  -8.077  1.00 10.14  ? 268 GLN B N   1 
ATOM   775 C CA  . GLN B 2 41 ? 20.556  0.410   -8.219  1.00 10.51  ? 268 GLN B CA  1 
ATOM   776 C C   . GLN B 2 41 ? 22.029  0.350   -7.777  1.00 10.41  ? 268 GLN B C   1 
ATOM   777 O O   . GLN B 2 41 ? 22.914  0.957   -8.420  1.00 10.49  ? 268 GLN B O   1 
ATOM   778 C CB  . GLN B 2 41 ? 19.862  1.470   -7.362  1.00 11.13  ? 268 GLN B CB  1 
ATOM   779 C CG  . GLN B 2 41 ? 18.461  1.871   -7.819  1.00 12.27  ? 268 GLN B CG  1 
ATOM   780 C CD  . GLN B 2 41 ? 17.681  2.707   -6.815  1.00 13.57  ? 268 GLN B CD  1 
ATOM   781 O OE1 . GLN B 2 41 ? 17.751  2.488   -5.603  1.00 13.65  ? 268 GLN B OE1 1 
ATOM   782 N NE2 . GLN B 2 41 ? 16.860  3.624   -7.304  1.00 13.38  ? 268 GLN B NE2 1 
ATOM   783 N N   . MET B 2 42 ? 22.274  -0.261  -6.608  1.00 9.86   ? 269 MET B N   1 
ATOM   784 C CA  . MET B 2 42 ? 23.628  -0.328  -6.108  1.00 10.35  ? 269 MET B CA  1 
ATOM   785 C C   . MET B 2 42 ? 24.510  -1.214  -7.001  1.00 10.22  ? 269 MET B C   1 
ATOM   786 O O   . MET B 2 42 ? 25.704  -0.891  -7.229  1.00 12.33  ? 269 MET B O   1 
ATOM   787 C CB  . MET B 2 42 ? 23.632  -0.811  -4.655  1.00 11.21  ? 269 MET B CB  1 
ATOM   788 C CG  . MET B 2 42 ? 23.011  0.156   -3.695  1.00 11.74  ? 269 MET B CG  1 
ATOM   789 S SD  . MET B 2 42 ? 23.845  1.765   -3.708  1.00 13.63  ? 269 MET B SD  1 
ATOM   790 C CE  . MET B 2 42 ? 22.941  2.731   -2.517  1.00 13.87  ? 269 MET B CE  1 
ATOM   791 N N   . ALA B 2 43 ? 23.971  -2.296  -7.548  1.00 11.21  ? 270 ALA B N   1 
ATOM   792 C CA  . ALA B 2 43 ? 24.738  -3.178  -8.468  1.00 12.44  ? 270 ALA B CA  1 
ATOM   793 C C   . ALA B 2 43 ? 25.229  -2.379  -9.677  1.00 13.62  ? 270 ALA B C   1 
ATOM   794 O O   . ALA B 2 43 ? 26.377  -2.539  -10.134 1.00 14.10  ? 270 ALA B O   1 
ATOM   795 C CB  . ALA B 2 43 ? 23.903  -4.343  -8.906  1.00 13.13  ? 270 ALA B CB  1 
ATOM   796 N N   . LEU B 2 44 ? 24.345  -1.554  -10.228 1.00 11.55  ? 271 LEU B N   1 
ATOM   797 C CA  . LEU B 2 44 ? 24.702  -0.714  -11.339 1.00 13.53  ? 271 LEU B CA  1 
ATOM   798 C C   . LEU B 2 44 ? 25.803  0.268   -10.932 1.00 14.67  ? 271 LEU B C   1 
ATOM   799 O O   . LEU B 2 44 ? 26.776  0.475   -11.681 1.00 14.42  ? 271 LEU B O   1 
ATOM   800 C CB  . LEU B 2 44 ? 23.436  0.031   -11.774 1.00 16.65  ? 271 LEU B CB  1 
ATOM   801 C CG  . LEU B 2 44 ? 23.462  0.593   -13.180 1.00 19.27  ? 271 LEU B CG  1 
ATOM   802 C CD1 . LEU B 2 44 ? 23.601  -0.528  -14.202 1.00 19.81  ? 271 LEU B CD1 1 
ATOM   803 C CD2 . LEU B 2 44 ? 22.211  1.429   -13.460 1.00 18.28  ? 271 LEU B CD2 1 
ATOM   804 N N   . GLN B 2 45 ? 25.677  0.882   -9.752  1.00 14.29  ? 272 GLN B N   1 
ATOM   805 C CA  A GLN B 2 45 ? 26.664  1.829   -9.165  0.50 16.11  ? 272 GLN B CA  1 
ATOM   806 C CA  B GLN B 2 45 ? 26.695  1.829   -9.288  0.50 14.74  ? 272 GLN B CA  1 
ATOM   807 C C   . GLN B 2 45 ? 28.028  1.114   -9.045  1.00 16.81  ? 272 GLN B C   1 
ATOM   808 O O   . GLN B 2 45 ? 29.100  1.708   -9.308  1.00 17.57  ? 272 GLN B O   1 
ATOM   809 C CB  A GLN B 2 45 ? 26.143  2.390   -7.813  0.50 18.31  ? 272 GLN B CB  1 
ATOM   810 C CB  B GLN B 2 45 ? 26.256  2.576   -8.025  0.50 15.05  ? 272 GLN B CB  1 
ATOM   811 C CG  A GLN B 2 45 ? 25.780  3.890   -7.774  0.50 21.03  ? 272 GLN B CG  1 
ATOM   812 C CG  B GLN B 2 45 ? 27.295  3.562   -7.508  0.50 14.94  ? 272 GLN B CG  1 
ATOM   813 C CD  A GLN B 2 45 ? 24.358  4.338   -7.462  0.50 21.71  ? 272 GLN B CD  1 
ATOM   814 C CD  B GLN B 2 45 ? 26.743  4.445   -6.414  0.50 16.63  ? 272 GLN B CD  1 
ATOM   815 O OE1 A GLN B 2 45 ? 23.793  5.199   -8.151  0.50 24.54  ? 272 GLN B OE1 1 
ATOM   816 O OE1 B GLN B 2 45 ? 25.608  4.262   -5.975  0.50 15.42  ? 272 GLN B OE1 1 
ATOM   817 N NE2 A GLN B 2 45 ? 23.766  3.837   -6.386  0.50 23.42  ? 272 GLN B NE2 1 
ATOM   818 N NE2 B GLN B 2 45 ? 27.560  5.394   -5.939  0.50 17.71  ? 272 GLN B NE2 1 
ATOM   819 N N   . ASP B 2 46 ? 27.996  -0.143  -8.611  1.00 13.95  ? 273 ASP B N   1 
ATOM   820 C CA  . ASP B 2 46 ? 29.151  -0.848  -8.197  1.00 16.29  ? 273 ASP B CA  1 
ATOM   821 C C   . ASP B 2 46 ? 29.824  -1.595  -9.367  1.00 22.88  ? 273 ASP B C   1 
ATOM   822 O O   . ASP B 2 46 ? 30.912  -2.089  -9.151  1.00 19.28  ? 273 ASP B O   1 
ATOM   823 C CB  . ASP B 2 46 ? 28.816  -1.801  -7.054  1.00 13.61  ? 273 ASP B CB  1 
ATOM   824 C CG  . ASP B 2 46 ? 28.407  -1.091  -5.767  1.00 12.52  ? 273 ASP B CG  1 
ATOM   825 O OD1 . ASP B 2 46 ? 28.700  0.127   -5.650  1.00 10.83  ? 273 ASP B OD1 1 
ATOM   826 O OD2 . ASP B 2 46 ? 27.786  -1.750  -4.920  1.00 11.12  ? 273 ASP B OD2 1 
ATOM   827 N N   . LYS B 2 47 ? 29.166  -1.725  -10.536 1.00 26.77  ? 274 LYS B N   1 
ATOM   828 C CA  . LYS B 2 47 ? 29.643  -2.575  -11.674 1.00 39.96  ? 274 LYS B CA  1 
ATOM   829 C C   . LYS B 2 47 ? 28.705  -2.442  -12.876 1.00 36.46  ? 274 LYS B C   1 
ATOM   830 O O   . LYS B 2 47 ? 28.603  -1.356  -13.429 1.00 43.12  ? 274 LYS B O   1 
ATOM   831 C CB  . LYS B 2 47 ? 29.729  -4.060  -11.310 1.00 50.82  ? 274 LYS B CB  1 
ATOM   832 C CG  . LYS B 2 47 ? 30.777  -4.411  -10.258 1.00 64.90  ? 274 LYS B CG  1 
ATOM   833 C CD  . LYS B 2 47 ? 30.813  -5.848  -9.809  1.00 72.35  ? 274 LYS B CD  1 
ATOM   834 C CE  . LYS B 2 47 ? 31.739  -6.035  -8.623  1.00 76.97  ? 274 LYS B CE  1 
ATOM   835 N NZ  . LYS B 2 47 ? 31.647  -7.410  -8.079  1.00 83.07  ? 274 LYS B NZ  1 
HETATM 836 O O   . HOH C 3 .  ? -8.251  1.575   11.776  1.00 33.65  ? 301 HOH A O   1 
HETATM 837 O O   . HOH C 3 .  ? 11.449  2.555   -18.907 1.00 46.95  ? 302 HOH A O   1 
HETATM 838 O O   . HOH C 3 .  ? 5.113   7.202   -4.148  1.00 33.54  ? 303 HOH A O   1 
HETATM 839 O O   . HOH C 3 .  ? 11.635  -4.446  -14.226 1.00 31.14  ? 304 HOH A O   1 
HETATM 840 O O   . HOH C 3 .  ? -2.656  7.404   7.724   1.00 48.34  ? 305 HOH A O   1 
HETATM 841 O O   . HOH C 3 .  ? 14.125  -4.462  -20.339 1.00 29.34  ? 306 HOH A O   1 
HETATM 842 O O   . HOH C 3 .  ? -16.817 0.385   2.307   1.00 19.17  ? 307 HOH A O   1 
HETATM 843 O O   . HOH C 3 .  ? -19.269 4.913   24.965  1.00 37.84  ? 308 HOH A O   1 
HETATM 844 O O   . HOH C 3 .  ? -16.910 10.039  6.348   1.00 18.89  ? 309 HOH A O   1 
HETATM 845 O O   . HOH C 3 .  ? 4.154   6.705   -11.117 1.00 26.59  ? 310 HOH A O   1 
HETATM 846 O O   . HOH C 3 .  ? 24.661  2.875   -21.476 1.00 33.83  ? 311 HOH A O   1 
HETATM 847 O O   . HOH C 3 .  ? -4.686  9.899   -3.282  1.00 44.90  ? 312 HOH A O   1 
HETATM 848 O O   . HOH C 3 .  ? -18.851 3.166   20.223  1.00 56.40  ? 313 HOH A O   1 
HETATM 849 O O   . HOH C 3 .  ? -8.314  8.964   -2.383  1.00 18.08  ? 314 HOH A O   1 
HETATM 850 O O   . HOH C 3 .  ? 10.029  2.688   -16.330 1.00 13.87  ? 315 HOH A O   1 
HETATM 851 O O   . HOH C 3 .  ? 2.591   7.256   -1.865  1.00 33.16  ? 316 HOH A O   1 
HETATM 852 O O   . HOH C 3 .  ? 2.841   5.604   -15.541 1.00 39.80  ? 317 HOH A O   1 
HETATM 853 O O   . HOH C 3 .  ? -17.231 -1.009  16.879  1.00 31.15  ? 318 HOH A O   1 
HETATM 854 O O   . HOH C 3 .  ? -18.424 2.536   4.240   1.00 14.15  ? 319 HOH A O   1 
HETATM 855 O O   . HOH C 3 .  ? 16.852  3.545   -18.437 1.00 16.01  ? 320 HOH A O   1 
HETATM 856 O O   . HOH C 3 .  ? 8.494   3.042   0.746   1.00 36.78  ? 321 HOH A O   1 
HETATM 857 O O   . HOH C 3 .  ? -11.545 10.802  5.388   1.00 31.46  ? 322 HOH A O   1 
HETATM 858 O O   . HOH C 3 .  ? -10.178 9.557   7.235   1.00 27.07  ? 323 HOH A O   1 
HETATM 859 O O   . HOH C 3 .  ? -20.624 5.879   9.013   1.00 45.77  ? 324 HOH A O   1 
HETATM 860 O O   . HOH C 3 .  ? 15.068  3.366   -20.590 1.00 26.96  ? 325 HOH A O   1 
HETATM 861 O O   . HOH C 3 .  ? 9.417   -3.172  -12.927 1.00 10.89  ? 326 HOH A O   1 
HETATM 862 O O   . HOH C 3 .  ? -2.909  1.730   9.584   1.00 38.65  ? 327 HOH A O   1 
HETATM 863 O O   . HOH C 3 .  ? 0.473   4.320   3.106   1.00 20.30  ? 328 HOH A O   1 
HETATM 864 O O   . HOH C 3 .  ? 17.477  -1.773  -22.542 1.00 25.78  ? 329 HOH A O   1 
HETATM 865 O O   . HOH C 3 .  ? -17.103 10.125  9.067   1.00 14.97  ? 330 HOH A O   1 
HETATM 866 O O   . HOH C 3 .  ? 21.430  5.788   -18.048 1.00 33.93  ? 331 HOH A O   1 
HETATM 867 O O   . HOH C 3 .  ? 13.061  1.455   -20.891 1.00 43.32  ? 332 HOH A O   1 
HETATM 868 O O   . HOH C 3 .  ? 10.972  10.333  -16.241 1.00 46.42  ? 333 HOH A O   1 
HETATM 869 O O   . HOH C 3 .  ? 4.310   3.571   1.599   1.00 44.19  ? 334 HOH A O   1 
HETATM 870 O O   . HOH C 3 .  ? 2.565   6.808   -13.115 1.00 36.47  ? 335 HOH A O   1 
HETATM 871 O O   . HOH C 3 .  ? 2.814   6.485   -8.644  1.00 23.26  ? 336 HOH A O   1 
HETATM 872 O O   . HOH C 3 .  ? -2.699  7.501   9.686   1.00 77.22  ? 337 HOH A O   1 
HETATM 873 O O   . HOH C 3 .  ? 1.698   -8.247  -6.215  1.00 11.47  ? 338 HOH A O   1 
HETATM 874 O O   . HOH C 3 .  ? 11.921  4.770   -6.098  1.00 27.50  ? 339 HOH A O   1 
HETATM 875 O O   . HOH C 3 .  ? 19.214  1.769   -26.065 1.00 31.99  ? 340 HOH A O   1 
HETATM 876 O O   . HOH C 3 .  ? 2.509   5.246   1.889   1.00 43.92  ? 341 HOH A O   1 
HETATM 877 O O   . HOH C 3 .  ? -14.503 12.331  5.836   1.00 30.73  ? 342 HOH A O   1 
HETATM 878 O O   . HOH C 3 .  ? -30.044 5.538   16.941  1.00 70.97  ? 343 HOH A O   1 
HETATM 879 O O   . HOH C 3 .  ? -22.014 -1.483  17.459  1.00 53.33  ? 344 HOH A O   1 
HETATM 880 O O   . HOH C 3 .  ? -1.227  3.327   10.878  1.00 35.47  ? 345 HOH A O   1 
HETATM 881 O O   . HOH C 3 .  ? -0.338  2.862   -15.753 1.00 30.46  ? 346 HOH A O   1 
HETATM 882 O O   . HOH C 3 .  ? 28.036  -0.820  -23.027 1.00 43.19  ? 347 HOH A O   1 
HETATM 883 O O   . HOH C 3 .  ? -1.574  7.165   -14.779 1.00 43.12  ? 348 HOH A O   1 
HETATM 884 O O   . HOH C 3 .  ? -16.470 4.933   17.738  1.00 86.70  ? 349 HOH A O   1 
HETATM 885 O O   . HOH C 3 .  ? -17.004 12.676  9.408   1.00 43.35  ? 350 HOH A O   1 
HETATM 886 O O   . HOH C 3 .  ? 22.989  5.106   -22.548 1.00 12.85  ? 351 HOH A O   1 
HETATM 887 O O   . HOH C 3 .  ? 9.137   -3.259  -8.259  1.00 11.29  ? 352 HOH A O   1 
HETATM 888 O O   . HOH C 3 .  ? -2.732  2.035   13.212  1.00 35.45  ? 353 HOH A O   1 
HETATM 889 O O   . HOH C 3 .  ? 22.204  6.986   -20.516 1.00 17.56  ? 354 HOH A O   1 
HETATM 890 O O   . HOH C 3 .  ? 11.075  4.070   -2.695  1.00 27.48  ? 355 HOH A O   1 
HETATM 891 O O   . HOH C 3 .  ? 14.239  -2.059  -22.301 1.00 35.57  ? 356 HOH A O   1 
HETATM 892 O O   . HOH C 3 .  ? -15.834 7.436   18.119  1.00 35.01  ? 357 HOH A O   1 
HETATM 893 O O   . HOH C 3 .  ? 8.699   5.256   -16.317 1.00 35.58  ? 358 HOH A O   1 
HETATM 894 O O   . HOH C 3 .  ? 18.565  5.993   -18.400 1.00 21.39  ? 359 HOH A O   1 
HETATM 895 O O   . HOH C 3 .  ? 0.454   3.065   5.786   1.00 27.06  ? 360 HOH A O   1 
HETATM 896 O O   . HOH C 3 .  ? 5.877   8.054   2.298   1.00 67.77  ? 361 HOH A O   1 
HETATM 897 O O   . HOH C 3 .  ? -20.213 17.872  8.912   1.00 35.46  ? 362 HOH A O   1 
HETATM 898 O O   . HOH C 3 .  ? 22.469  1.627   -26.164 1.00 13.11  ? 363 HOH A O   1 
HETATM 899 O O   . HOH C 3 .  ? -29.359 1.249   18.959  1.00 58.79  ? 364 HOH A O   1 
HETATM 900 O O   . HOH C 3 .  ? 10.798  7.295   1.297   0.50 41.94  ? 365 HOH A O   1 
HETATM 901 O O   . HOH D 3 .  ? -4.844  -5.584  -1.875  0.50 8.78   ? 301 HOH B O   1 
HETATM 902 O O   . HOH D 3 .  ? -28.494 1.589   7.069   1.00 40.60  ? 302 HOH B O   1 
HETATM 903 O O   . HOH D 3 .  ? -10.544 -4.478  0.944   1.00 18.24  ? 303 HOH B O   1 
HETATM 904 O O   . HOH D 3 .  ? -10.107 -0.816  14.700  1.00 44.55  ? 304 HOH B O   1 
HETATM 905 O O   . HOH D 3 .  ? -2.875  -11.711 4.884   1.00 39.21  ? 305 HOH B O   1 
HETATM 906 O O   . HOH D 3 .  ? -7.341  -4.947  13.205  1.00 37.35  ? 306 HOH B O   1 
HETATM 907 O O   . HOH D 3 .  ? 29.678  5.413   -5.091  1.00 41.90  ? 307 HOH B O   1 
HETATM 908 O O   . HOH D 3 .  ? -9.824  -8.803  -0.648  1.00 57.49  ? 308 HOH B O   1 
HETATM 909 O O   . HOH D 3 .  ? -22.908 -4.395  15.344  1.00 37.78  ? 309 HOH B O   1 
HETATM 910 O O   . HOH D 3 .  ? -16.976 -8.903  13.289  1.00 22.41  ? 310 HOH B O   1 
HETATM 911 O O   . HOH D 3 .  ? 19.295  3.457   -3.831  1.00 19.86  ? 311 HOH B O   1 
HETATM 912 O O   . HOH D 3 .  ? 14.414  4.466   -2.903  1.00 30.55  ? 312 HOH B O   1 
HETATM 913 O O   . HOH D 3 .  ? 11.482  -4.044  -6.955  1.00 11.93  ? 313 HOH B O   1 
HETATM 914 O O   . HOH D 3 .  ? 6.891   -2.289  -6.914  1.00 12.46  ? 314 HOH B O   1 
HETATM 915 O O   . HOH D 3 .  ? 5.504   -10.378 -3.883  1.00 22.58  ? 315 HOH B O   1 
HETATM 916 O O   . HOH D 3 .  ? 18.732  -4.123  -0.963  1.00 16.68  ? 316 HOH B O   1 
HETATM 917 O O   . HOH D 3 .  ? -12.711 -4.443  12.606  1.00 19.13  ? 317 HOH B O   1 
HETATM 918 O O   . HOH D 3 .  ? 31.730  1.346   -9.464  1.00 44.40  ? 318 HOH B O   1 
HETATM 919 O O   . HOH D 3 .  ? 26.371  -3.963  -5.360  1.00 13.52  ? 319 HOH B O   1 
HETATM 920 O O   . HOH D 3 .  ? 30.724  1.857   -5.769  1.00 33.36  ? 320 HOH B O   1 
HETATM 921 O O   . HOH D 3 .  ? 22.504  7.534   -7.905  1.00 29.59  ? 321 HOH B O   1 
HETATM 922 O O   . HOH D 3 .  ? 27.676  -4.848  -9.679  1.00 26.55  ? 322 HOH B O   1 
HETATM 923 O O   . HOH D 3 .  ? 8.751   -6.700  3.451   1.00 10.54  ? 323 HOH B O   1 
HETATM 924 O O   . HOH D 3 .  ? -7.813  -8.795  3.649   1.00 34.90  ? 324 HOH B O   1 
HETATM 925 O O   . HOH D 3 .  ? 19.630  -9.334  -7.874  1.00 38.20  ? 325 HOH B O   1 
HETATM 926 O O   . HOH D 3 .  ? -2.367  -3.270  8.641   1.00 16.92  ? 326 HOH B O   1 
HETATM 927 O O   . HOH D 3 .  ? 23.648  -4.478  -4.873  1.00 13.21  ? 327 HOH B O   1 
HETATM 928 O O   . HOH D 3 .  ? 12.457  -2.156  2.242   1.00 14.42  ? 328 HOH B O   1 
HETATM 929 O O   . HOH D 3 .  ? -11.294 -6.656  -0.774  1.00 20.87  ? 329 HOH B O   1 
HETATM 930 O O   . HOH D 3 .  ? 27.496  5.874   -8.635  1.00 51.61  ? 330 HOH B O   1 
HETATM 931 O O   . HOH D 3 .  ? 31.337  -0.958  -12.020 1.00 40.32  ? 331 HOH B O   1 
HETATM 932 O O   . HOH D 3 .  ? 13.622  -8.106  -1.995  1.00 14.51  ? 332 HOH B O   1 
HETATM 933 O O   . HOH D 3 .  ? 3.076   -9.562  0.827   1.00 14.27  ? 333 HOH B O   1 
HETATM 934 O O   . HOH D 3 .  ? 6.587   -1.118  3.431   1.00 20.57  ? 334 HOH B O   1 
HETATM 935 O O   . HOH D 3 .  ? -19.252 -5.527  5.538   1.00 37.12  ? 335 HOH B O   1 
HETATM 936 O O   . HOH D 3 .  ? 16.938  -1.325  0.860   1.00 13.52  ? 336 HOH B O   1 
HETATM 937 O O   . HOH D 3 .  ? 3.729   -1.376  10.029  1.00 28.07  ? 337 HOH B O   1 
HETATM 938 O O   . HOH D 3 .  ? 22.195  3.313   -9.773  1.00 22.67  ? 338 HOH B O   1 
HETATM 939 O O   . HOH D 3 .  ? -1.857  -9.605  6.085   1.00 18.94  ? 339 HOH B O   1 
HETATM 940 O O   . HOH D 3 .  ? -27.959 -1.393  8.036   1.00 45.73  ? 340 HOH B O   1 
HETATM 941 O O   . HOH D 3 .  ? 8.581   -10.509 -3.569  1.00 23.28  ? 341 HOH B O   1 
HETATM 942 O O   . HOH D 3 .  ? -31.239 2.191   8.003   1.00 52.85  ? 342 HOH B O   1 
HETATM 943 O O   . HOH D 3 .  ? 5.151   -12.355 6.635   1.00 33.34  ? 343 HOH B O   1 
HETATM 944 O O   . HOH D 3 .  ? 21.571  -3.519  -11.877 1.00 16.96  ? 344 HOH B O   1 
HETATM 945 O O   . HOH D 3 .  ? 29.120  1.912   -12.492 1.00 36.93  ? 345 HOH B O   1 
HETATM 946 O O   . HOH D 3 .  ? -29.614 -0.907  15.097  1.00 47.56  ? 346 HOH B O   1 
HETATM 947 O O   . HOH D 3 .  ? 19.315  -4.708  -12.839 1.00 29.60  ? 347 HOH B O   1 
HETATM 948 O O   . HOH D 3 .  ? -7.403  -7.271  10.543  1.00 25.82  ? 348 HOH B O   1 
HETATM 949 O O   . HOH D 3 .  ? -6.501  -9.667  11.344  1.00 42.13  ? 349 HOH B O   1 
HETATM 950 O O   . HOH D 3 .  ? -2.726  -9.901  8.786   1.00 32.87  ? 350 HOH B O   1 
HETATM 951 O O   . HOH D 3 .  ? -4.632  -12.321 0.076   1.00 42.50  ? 351 HOH B O   1 
HETATM 952 O O   . HOH D 3 .  ? -31.681 -4.547  16.787  1.00 52.96  ? 352 HOH B O   1 
HETATM 953 O O   . HOH D 3 .  ? 24.653  5.979   -3.622  1.00 11.48  ? 353 HOH B O   1 
HETATM 954 O O   . HOH D 3 .  ? 14.643  5.409   -6.119  1.00 23.35  ? 354 HOH B O   1 
HETATM 955 O O   . HOH D 3 .  ? 8.235   -9.819  3.309   1.00 24.16  ? 355 HOH B O   1 
HETATM 956 O O   . HOH D 3 .  ? -31.019 0.879   13.732  1.00 47.46  ? 356 HOH B O   1 
HETATM 957 O O   . HOH D 3 .  ? -9.634  -5.036  12.694  1.00 31.22  ? 357 HOH B O   1 
HETATM 958 O O   . HOH D 3 .  ? 0.700   -10.297 5.862   1.00 9.79   ? 358 HOH B O   1 
HETATM 959 O O   . HOH D 3 .  ? -0.275  0.193   10.173  1.00 42.45  ? 359 HOH B O   1 
HETATM 960 O O   . HOH D 3 .  ? -21.146 -3.391  1.015   1.00 9.66   ? 360 HOH B O   1 
HETATM 961 O O   . HOH D 3 .  ? 21.974  -7.486  -8.384  1.00 44.78  ? 361 HOH B O   1 
HETATM 962 O O   . HOH D 3 .  ? -22.155 1.245   7.201   1.00 45.26  ? 362 HOH B O   1 
HETATM 963 O O   . HOH D 3 .  ? -7.717  -10.769 4.422   1.00 27.35  ? 363 HOH B O   1 
HETATM 964 O O   . HOH D 3 .  ? -16.450 -7.287  15.264  1.00 25.14  ? 364 HOH B O   1 
HETATM 965 O O   . HOH D 3 .  ? -8.960  -10.101 1.134   1.00 22.39  ? 365 HOH B O   1 
HETATM 966 O O   . HOH D 3 .  ? -22.946 -1.926  4.490   1.00 23.49  ? 366 HOH B O   1 
HETATM 967 O O   . HOH D 3 .  ? -24.622 -1.213  16.823  1.00 96.28  ? 367 HOH B O   1 
HETATM 968 O O   . HOH D 3 .  ? 23.833  -7.373  -6.096  1.00 30.83  ? 368 HOH B O   1 
HETATM 969 O O   . HOH D 3 .  ? 6.881   -3.639  5.696   1.00 41.52  ? 369 HOH B O   1 
HETATM 970 O O   . HOH D 3 .  ? 21.051  -2.398  -1.610  1.00 27.37  ? 370 HOH B O   1 
HETATM 971 O O   . HOH D 3 .  ? 30.770  -0.613  -2.956  1.00 43.15  ? 371 HOH B O   1 
HETATM 972 O O   . HOH D 3 .  ? 15.396  5.277   0.152   1.00 45.16  ? 372 HOH B O   1 
HETATM 973 O O   . HOH D 3 .  ? 19.411  3.109   -1.269  1.00 16.67  ? 373 HOH B O   1 
HETATM 974 O O   . HOH D 3 .  ? -28.066 -4.463  6.067   1.00 56.39  ? 374 HOH B O   1 
HETATM 975 O O   . HOH D 3 .  ? -4.515  -12.020 9.947   1.00 62.36  ? 375 HOH B O   1 
HETATM 976 O O   . HOH D 3 .  ? 16.444  -7.851  -2.749  1.00 13.68  ? 376 HOH B O   1 
HETATM 977 O O   . HOH D 3 .  ? -29.404 4.821   7.953   1.00 35.62  ? 377 HOH B O   1 
HETATM 978 O O   . HOH D 3 .  ? 14.776  1.515   2.325   1.00 17.93  ? 378 HOH B O   1 
HETATM 979 O O   . HOH D 3 .  ? 11.364  -6.115  3.662   1.00 14.98  ? 379 HOH B O   1 
HETATM 980 O O   . HOH D 3 .  ? 18.420  -7.110  -1.091  1.00 42.06  ? 380 HOH B O   1 
HETATM 981 O O   . HOH D 3 .  ? 23.858  -4.218  -12.969 1.00 29.52  ? 381 HOH B O   1 
HETATM 982 O O   . HOH D 3 .  ? 5.516   1.468   7.104   1.00 35.91  ? 382 HOH B O   1 
HETATM 983 O O   . HOH D 3 .  ? 13.276  -7.332  2.047   1.00 24.78  ? 383 HOH B O   1 
HETATM 984 O O   . HOH D 3 .  ? 12.322  -9.792  -3.570  1.00 29.73  ? 384 HOH B O   1 
HETATM 985 O O   . HOH D 3 .  ? 27.410  5.053   -11.089 1.00 47.73  ? 385 HOH B O   1 
HETATM 986 O O   . HOH D 3 .  ? 8.456   0.532   2.215   1.00 23.91  ? 386 HOH B O   1 
HETATM 987 O O   . HOH D 3 .  ? 20.847  -0.754  -0.593  1.00 16.26  ? 387 HOH B O   1 
HETATM 988 O O   . HOH D 3 .  ? 7.265   -11.053 5.641   1.00 28.31  ? 388 HOH B O   1 
HETATM 989 O O   . HOH D 3 .  ? 27.650  -5.544  -7.052  1.00 31.02  ? 389 HOH B O   1 
HETATM 990 O O   . HOH D 3 .  ? -21.470 -0.947  2.300   1.00 12.11  ? 390 HOH B O   1 
HETATM 991 O O   . HOH D 3 .  ? 25.857  9.525   -5.439  1.00 23.89  ? 391 HOH B O   1 
HETATM 992 O O   . HOH D 3 .  ? -19.969 0.102   4.808   1.00 27.09  ? 392 HOH B O   1 
HETATM 993 O O   . HOH D 3 .  ? 23.171  -3.446  -2.008  1.00 16.81  ? 393 HOH B O   1 
HETATM 994 O O   . HOH D 3 .  ? 11.490  4.016   0.018   1.00 36.56  ? 394 HOH B O   1 
HETATM 995 O O   . HOH D 3 .  ? 17.205  -10.291 -3.961  1.00 30.06  ? 395 HOH B O   1 
HETATM 996 O O   . HOH D 3 .  ? 14.220  7.318   -1.875  1.00 61.47  ? 396 HOH B O   1 
HETATM 997 O O   . HOH D 3 .  ? 4.755   1.385   3.677   1.00 30.69  ? 397 HOH B O   1 
HETATM 998 O O   . HOH D 3 .  ? 12.096  2.614   2.352   0.50 14.35  ? 398 HOH B O   1 
HETATM 999 O O   . HOH D 3 .  ? 15.850  -6.979  2.739   0.50 28.21  ? 399 HOH B O   1 
# 
